data_6ADC
#
_entry.id   6ADC
#
_cell.length_a   233.249
_cell.length_b   96.732
_cell.length_c   169.779
_cell.angle_alpha   90.00
_cell.angle_beta   131.45
_cell.angle_gamma   90.00
#
_symmetry.space_group_name_H-M   'C 1 2 1'
#
loop_
_entity.id
_entity.type
_entity.pdbx_description
1 polymer 'H(+)/Cl(-) exchange transporter ClcA'
2 polymer 'antibody Fab fragment, heavy chain'
3 polymer 'antibody Fab fragment, light chain'
4 non-polymer 'bromoacetic acid'
#
loop_
_entity_poly.entity_id
_entity_poly.type
_entity_poly.pdbx_seq_one_letter_code
_entity_poly.pdbx_strand_id
1 'polypeptide(L)'
;RRRQLIRQLLERDKTPLAILFMAAVVGTLVGLAAVAFDKGVAWLQNQRMGALVHTADNYPLLLTVAFLCSAVLAMFGYFL
VRKYAPEAGGSGIPEIEGALEDQRPVRWWRVLPVKFFGGLGTLGGGMVLGRAGPTVQIGGNIGRMVLDIFRLKGDEARHT
LLATGAAAGLAAAFNAPLAGILFIIEEMRPQFRYTLISIKAVFIGVIMSTIMYRIFNHEVALIDVGKLSDAPLNTLWLYL
ILGIIFGIFGPIFNKWVLGMQDLLHRVHGGNITKWVLMGGAIGGLCGLLGFVAPATSGGGFNLIPIATAGNFSMGMLVFI
FVARVITTLLCFSSGAPGGIFAPMLALGTVLGTAFGMVAVELFPQYHLEAGTFAIAGMGALLAASIRAPLTGIILVLEMT
DNYQLILPMIITGLGATLLAQFTGGKPLYSAILARTLAKQEA
;
A,B
2 'polypeptide(L)'
;EVRLLESGGGLVQPGGSLKLSCAASGFDYSRYWMSWVRQAPGKGLKWIGEINPVSSTINYTPSLKDKFIISRDNAKDTLY
LQISKVRSEDTALYYCARLYYGYGYWYFDVWGAGTTVTVSSAKTTPPSVYPLAPGSAAAAASMVTLGCLVKGYFPEPVTV
TWNSGSLAAGVHTFPAVLQAALYTLSSSVTVPSSSWPSETVTCNVAHPASSTKVDKKIVPRA
;
C,E
3 'polypeptide(L)'
;DIVLTQSPAIMSAAPGDKVTMTCSASSSVSYIHWYQQKSGTSPKRWIYDTSKLTSGVPVRFSGSGSGTSYSLTINTMEAE
DAATYYCQQWSSHPQTFGGGTKLEILRADAAPTVSIFPPSSEQLTSGGASVVCFLNNFYPKDINVKWKIDGSERQNGVLN
SWTDQDSKDSTYSMSSTLTLTKDEYERHNSYTCEATHKTSTSPIVKSFNRA
;
D,F
#
# COMPACT_ATOMS: atom_id res chain seq x y z
N ARG A 1 -47.91 1.09 -27.52
CA ARG A 1 -46.95 0.02 -27.78
C ARG A 1 -46.57 -0.74 -26.51
N ARG A 2 -47.41 -0.64 -25.47
CA ARG A 2 -47.15 -1.34 -24.23
C ARG A 2 -47.05 -2.84 -24.41
N ARG A 3 -47.76 -3.38 -25.39
CA ARG A 3 -47.79 -4.84 -25.50
C ARG A 3 -46.51 -5.36 -26.13
N GLN A 4 -45.96 -4.62 -27.10
CA GLN A 4 -44.66 -4.97 -27.69
C GLN A 4 -43.57 -5.02 -26.62
N LEU A 5 -43.61 -4.06 -25.68
CA LEU A 5 -42.58 -3.98 -24.65
C LEU A 5 -42.66 -5.15 -23.69
N ILE A 6 -43.87 -5.50 -23.24
CA ILE A 6 -44.01 -6.71 -22.42
C ILE A 6 -43.36 -7.88 -23.15
N ARG A 7 -43.55 -7.95 -24.47
CA ARG A 7 -42.96 -9.03 -25.25
C ARG A 7 -41.45 -8.91 -25.27
N GLN A 8 -40.94 -7.73 -25.62
CA GLN A 8 -39.51 -7.54 -25.77
C GLN A 8 -38.79 -7.65 -24.44
N LEU A 9 -39.33 -7.02 -23.39
CA LEU A 9 -38.71 -7.14 -22.07
C LEU A 9 -38.52 -8.61 -21.70
N LEU A 10 -39.50 -9.47 -21.97
CA LEU A 10 -39.40 -10.88 -21.57
C LEU A 10 -38.40 -11.69 -22.41
N GLU A 11 -37.89 -11.12 -23.49
CA GLU A 11 -37.00 -11.80 -24.42
C GLU A 11 -35.59 -11.22 -24.46
N ARG A 12 -35.17 -10.54 -23.40
CA ARG A 12 -33.98 -9.69 -23.44
C ARG A 12 -32.71 -10.49 -23.17
N ASP A 13 -31.62 -10.12 -23.87
CA ASP A 13 -30.32 -10.74 -23.67
C ASP A 13 -30.36 -12.26 -23.93
N LYS A 14 -30.75 -12.62 -25.14
CA LYS A 14 -30.71 -14.03 -25.53
C LYS A 14 -29.81 -14.13 -26.75
N THR A 15 -28.54 -13.79 -26.58
CA THR A 15 -27.64 -13.76 -27.71
C THR A 15 -27.47 -15.18 -28.24
N PRO A 16 -27.47 -15.36 -29.57
CA PRO A 16 -27.34 -16.71 -30.14
C PRO A 16 -26.02 -17.35 -29.71
N LEU A 17 -26.11 -18.60 -29.24
CA LEU A 17 -24.91 -19.33 -28.81
C LEU A 17 -23.81 -19.34 -29.86
N ALA A 18 -24.18 -19.17 -31.14
CA ALA A 18 -23.18 -19.12 -32.20
C ALA A 18 -22.40 -17.80 -32.18
N ILE A 19 -23.08 -16.68 -31.96
CA ILE A 19 -22.39 -15.40 -31.93
C ILE A 19 -21.46 -15.31 -30.73
N LEU A 20 -21.92 -15.78 -29.56
CA LEU A 20 -21.06 -15.87 -28.39
C LEU A 20 -19.77 -16.61 -28.70
N PHE A 21 -19.89 -17.85 -29.19
CA PHE A 21 -18.72 -18.66 -29.47
C PHE A 21 -17.79 -17.97 -30.46
N MET A 22 -18.34 -17.41 -31.53
CA MET A 22 -17.48 -16.78 -32.52
C MET A 22 -16.81 -15.53 -31.97
N ALA A 23 -17.47 -14.84 -31.03
CA ALA A 23 -16.82 -13.72 -30.36
C ALA A 23 -15.60 -14.17 -29.57
N ALA A 24 -15.73 -15.32 -28.88
CA ALA A 24 -14.59 -15.94 -28.21
C ALA A 24 -13.41 -16.12 -29.17
N VAL A 25 -13.67 -16.74 -30.34
CA VAL A 25 -12.53 -17.04 -31.22
C VAL A 25 -11.96 -15.74 -31.78
N VAL A 26 -12.82 -14.75 -32.07
CA VAL A 26 -12.32 -13.46 -32.51
C VAL A 26 -11.42 -12.88 -31.43
N GLY A 27 -11.89 -12.95 -30.19
CA GLY A 27 -11.09 -12.49 -29.07
C GLY A 27 -9.72 -13.12 -29.04
N THR A 28 -9.68 -14.45 -29.19
CA THR A 28 -8.41 -15.16 -29.10
C THR A 28 -7.47 -14.72 -30.21
N LEU A 29 -7.96 -14.67 -31.44
CA LEU A 29 -7.10 -14.29 -32.56
C LEU A 29 -6.61 -12.86 -32.40
N VAL A 30 -7.50 -11.96 -31.99
CA VAL A 30 -7.08 -10.56 -31.86
C VAL A 30 -6.02 -10.43 -30.77
N GLY A 31 -6.21 -11.13 -29.65
CA GLY A 31 -5.20 -11.17 -28.62
C GLY A 31 -3.88 -11.63 -29.18
N LEU A 32 -3.84 -12.85 -29.73
CA LEU A 32 -2.60 -13.36 -30.32
C LEU A 32 -2.00 -12.38 -31.32
N ALA A 33 -2.83 -11.84 -32.22
CA ALA A 33 -2.32 -10.86 -33.16
C ALA A 33 -1.67 -9.69 -32.45
N ALA A 34 -2.30 -9.19 -31.39
CA ALA A 34 -1.76 -8.08 -30.63
C ALA A 34 -0.38 -8.42 -30.08
N VAL A 35 -0.25 -9.55 -29.39
CA VAL A 35 1.05 -9.96 -28.87
C VAL A 35 2.08 -10.00 -29.98
N ALA A 36 1.74 -10.66 -31.09
CA ALA A 36 2.69 -10.79 -32.18
C ALA A 36 3.19 -9.43 -32.65
N PHE A 37 2.25 -8.54 -32.95
CA PHE A 37 2.57 -7.18 -33.36
C PHE A 37 3.42 -6.49 -32.32
N ASP A 38 3.06 -6.66 -31.05
CA ASP A 38 3.79 -6.07 -29.94
C ASP A 38 5.23 -6.57 -29.88
N LYS A 39 5.42 -7.90 -29.94
CA LYS A 39 6.76 -8.46 -29.87
C LYS A 39 7.61 -7.97 -31.03
N GLY A 40 6.99 -7.81 -32.20
CA GLY A 40 7.73 -7.37 -33.38
C GLY A 40 8.16 -5.91 -33.31
N VAL A 41 7.25 -5.02 -32.92
CA VAL A 41 7.60 -3.60 -32.84
C VAL A 41 8.82 -3.42 -31.96
N ALA A 42 8.87 -4.17 -30.85
CA ALA A 42 10.00 -4.08 -29.94
C ALA A 42 11.27 -4.62 -30.58
N TRP A 43 11.21 -5.83 -31.16
CA TRP A 43 12.39 -6.47 -31.71
C TRP A 43 13.10 -5.60 -32.75
N LEU A 44 12.33 -4.85 -33.55
CA LEU A 44 12.93 -3.90 -34.48
C LEU A 44 13.54 -2.72 -33.76
N GLN A 45 12.84 -2.15 -32.78
CA GLN A 45 13.42 -1.08 -31.99
C GLN A 45 14.72 -1.52 -31.33
N ASN A 46 14.81 -2.80 -30.98
CA ASN A 46 16.05 -3.36 -30.46
C ASN A 46 17.14 -3.41 -31.53
N GLN A 47 16.87 -4.09 -32.66
CA GLN A 47 17.85 -4.13 -33.75
C GLN A 47 18.40 -2.75 -34.03
N ARG A 48 17.51 -1.76 -34.11
CA ARG A 48 17.96 -0.40 -34.31
C ARG A 48 18.90 0.04 -33.17
N MET A 49 18.54 -0.27 -31.92
CA MET A 49 19.40 0.12 -30.81
C MET A 49 20.76 -0.57 -30.88
N GLY A 50 20.78 -1.87 -31.19
CA GLY A 50 22.04 -2.60 -31.28
C GLY A 50 22.91 -2.20 -32.45
N ALA A 51 22.30 -1.69 -33.52
CA ALA A 51 23.07 -1.15 -34.63
C ALA A 51 23.93 0.02 -34.16
N LEU A 52 23.34 0.95 -33.41
CA LEU A 52 24.09 2.10 -32.90
C LEU A 52 25.23 1.70 -31.95
N VAL A 53 25.32 0.43 -31.58
CA VAL A 53 26.41 -0.05 -30.73
C VAL A 53 27.59 -0.55 -31.57
N HIS A 54 27.32 -1.29 -32.66
CA HIS A 54 28.41 -1.76 -33.53
C HIS A 54 29.15 -0.63 -34.25
N THR A 55 28.72 0.64 -34.09
CA THR A 55 29.26 1.78 -34.83
C THR A 55 29.33 3.03 -33.94
N ALA A 56 29.55 2.85 -32.63
CA ALA A 56 29.36 3.88 -31.63
C ALA A 56 30.58 4.79 -31.48
N ASP A 57 31.61 4.63 -32.30
CA ASP A 57 32.79 5.48 -32.17
C ASP A 57 32.61 6.79 -32.91
N ASN A 58 31.98 6.76 -34.08
CA ASN A 58 32.01 7.83 -35.06
C ASN A 58 30.66 8.55 -35.06
N TYR A 59 30.59 9.69 -34.37
CA TYR A 59 29.30 10.33 -34.10
C TYR A 59 28.51 10.75 -35.35
N PRO A 60 29.11 11.19 -36.45
CA PRO A 60 28.31 11.44 -37.66
C PRO A 60 27.69 10.17 -38.23
N LEU A 61 28.51 9.13 -38.35
CA LEU A 61 28.01 7.80 -38.70
C LEU A 61 26.86 7.38 -37.81
N LEU A 62 26.97 7.70 -36.51
CA LEU A 62 25.88 7.48 -35.57
C LEU A 62 24.61 8.18 -36.04
N LEU A 63 24.65 9.52 -36.15
CA LEU A 63 23.47 10.28 -36.54
C LEU A 63 22.89 9.82 -37.87
N THR A 64 23.74 9.20 -38.70
CA THR A 64 23.34 8.73 -40.02
C THR A 64 22.66 7.37 -39.97
N VAL A 65 23.25 6.41 -39.29
CA VAL A 65 22.62 5.10 -39.22
C VAL A 65 21.34 5.17 -38.41
N ALA A 66 21.27 6.08 -37.43
CA ALA A 66 20.01 6.35 -36.76
C ALA A 66 18.95 6.77 -37.78
N PHE A 67 19.21 7.89 -38.48
CA PHE A 67 18.26 8.41 -39.45
C PHE A 67 17.85 7.35 -40.47
N LEU A 68 18.80 6.62 -41.02
CA LEU A 68 18.48 5.82 -42.19
C LEU A 68 17.68 4.58 -41.84
N CYS A 69 18.04 3.92 -40.73
CA CYS A 69 17.35 2.71 -40.31
C CYS A 69 15.85 2.95 -40.14
N SER A 70 15.50 4.12 -39.59
CA SER A 70 14.11 4.50 -39.39
C SER A 70 13.48 5.01 -40.67
N ALA A 71 14.29 5.67 -41.51
CA ALA A 71 13.85 6.12 -42.84
C ALA A 71 13.40 4.94 -43.69
N VAL A 72 14.20 3.87 -43.70
CA VAL A 72 13.92 2.66 -44.45
C VAL A 72 12.62 2.00 -43.98
N LEU A 73 12.48 1.79 -42.67
CA LEU A 73 11.28 1.17 -42.11
C LEU A 73 10.03 2.03 -42.34
N ALA A 74 10.17 3.35 -42.13
CA ALA A 74 9.08 4.29 -42.38
C ALA A 74 8.54 4.11 -43.80
N MET A 75 9.41 4.29 -44.80
CA MET A 75 9.05 4.12 -46.21
C MET A 75 8.34 2.80 -46.44
N PHE A 76 8.99 1.69 -46.08
CA PHE A 76 8.40 0.38 -46.29
C PHE A 76 6.94 0.34 -45.85
N GLY A 77 6.63 0.96 -44.72
CA GLY A 77 5.29 0.89 -44.17
C GLY A 77 4.31 1.84 -44.80
N TYR A 78 4.79 3.03 -45.19
CA TYR A 78 4.01 3.91 -46.06
C TYR A 78 3.69 3.21 -47.37
N PHE A 79 4.75 2.78 -48.07
CA PHE A 79 4.58 2.03 -49.30
C PHE A 79 3.56 0.91 -49.12
N LEU A 80 3.82 -0.04 -48.23
CA LEU A 80 2.86 -1.09 -47.88
C LEU A 80 1.41 -0.62 -47.78
N VAL A 81 1.18 0.64 -47.42
CA VAL A 81 -0.17 1.16 -47.25
C VAL A 81 -0.65 1.83 -48.52
N ARG A 82 0.18 2.67 -49.13
CA ARG A 82 -0.19 3.31 -50.39
C ARG A 82 -0.47 2.28 -51.47
N LYS A 83 0.33 1.20 -51.51
CA LYS A 83 0.23 0.23 -52.59
C LYS A 83 -0.99 -0.69 -52.41
N TYR A 84 -1.13 -1.34 -51.25
CA TYR A 84 -2.11 -2.42 -51.11
C TYR A 84 -3.33 -2.09 -50.26
N ALA A 85 -3.29 -1.05 -49.39
CA ALA A 85 -4.43 -0.75 -48.54
C ALA A 85 -4.33 0.68 -48.02
N PRO A 86 -4.87 1.65 -48.77
CA PRO A 86 -4.74 3.06 -48.34
C PRO A 86 -5.65 3.43 -47.18
N GLU A 87 -6.65 2.60 -46.89
CA GLU A 87 -7.52 2.84 -45.73
C GLU A 87 -6.92 2.25 -44.47
N ALA A 88 -5.83 1.48 -44.61
CA ALA A 88 -4.99 1.09 -43.49
C ALA A 88 -3.97 2.15 -43.13
N GLY A 89 -4.11 3.36 -43.65
CA GLY A 89 -3.24 4.43 -43.22
C GLY A 89 -3.79 5.12 -41.99
N GLY A 90 -2.93 5.93 -41.35
CA GLY A 90 -3.39 6.69 -40.22
C GLY A 90 -3.85 5.77 -39.13
N SER A 91 -4.95 6.13 -38.49
CA SER A 91 -5.40 5.49 -37.26
C SER A 91 -5.91 4.07 -37.46
N GLY A 92 -7.00 3.94 -38.21
CA GLY A 92 -7.77 2.74 -38.27
C GLY A 92 -9.07 2.78 -37.49
N ILE A 93 -9.17 3.65 -36.47
CA ILE A 93 -10.42 3.73 -35.71
C ILE A 93 -11.53 4.34 -36.54
N PRO A 94 -11.34 5.45 -37.28
CA PRO A 94 -12.43 5.96 -38.14
C PRO A 94 -12.90 4.96 -39.18
N GLU A 95 -11.97 4.20 -39.78
CA GLU A 95 -12.37 3.15 -40.70
C GLU A 95 -13.27 2.12 -40.02
N ILE A 96 -12.84 1.55 -38.90
CA ILE A 96 -13.69 0.54 -38.26
C ILE A 96 -14.97 1.19 -37.73
N GLU A 97 -14.87 2.46 -37.31
CA GLU A 97 -16.06 3.21 -36.93
C GLU A 97 -17.01 3.32 -38.12
N GLY A 98 -16.47 3.74 -39.27
CA GLY A 98 -17.25 3.81 -40.50
C GLY A 98 -17.88 2.47 -40.87
N ALA A 99 -17.12 1.37 -40.71
CA ALA A 99 -17.65 0.05 -41.01
C ALA A 99 -18.86 -0.31 -40.14
N LEU A 100 -18.87 0.12 -38.88
CA LEU A 100 -20.04 -0.15 -38.06
C LEU A 100 -21.27 0.61 -38.57
N GLU A 101 -21.05 1.75 -39.23
CA GLU A 101 -22.12 2.48 -39.91
C GLU A 101 -22.56 1.81 -41.22
N ASP A 102 -21.87 0.73 -41.62
CA ASP A 102 -22.06 0.14 -42.95
C ASP A 102 -21.81 1.20 -44.00
N GLN A 103 -20.66 1.82 -43.93
CA GLN A 103 -20.32 2.86 -44.90
C GLN A 103 -18.85 2.78 -45.31
N ARG A 104 -18.13 1.75 -44.89
CA ARG A 104 -16.74 1.57 -45.27
C ARG A 104 -16.44 0.08 -45.39
N PRO A 105 -15.51 -0.29 -46.26
CA PRO A 105 -15.26 -1.71 -46.50
C PRO A 105 -14.27 -2.27 -45.51
N VAL A 106 -14.53 -3.52 -45.12
CA VAL A 106 -13.62 -4.28 -44.28
C VAL A 106 -12.69 -5.14 -45.16
N ARG A 107 -11.78 -4.48 -45.88
CA ARG A 107 -10.90 -5.18 -46.82
C ARG A 107 -9.84 -5.96 -46.06
N TRP A 108 -10.30 -7.01 -45.39
CA TRP A 108 -9.46 -7.65 -44.39
C TRP A 108 -8.26 -8.35 -45.00
N TRP A 109 -8.44 -9.10 -46.09
CA TRP A 109 -7.29 -9.64 -46.82
C TRP A 109 -6.24 -8.57 -47.14
N ARG A 110 -6.61 -7.28 -47.15
CA ARG A 110 -5.65 -6.22 -47.48
C ARG A 110 -5.15 -5.45 -46.27
N VAL A 111 -5.97 -5.30 -45.23
CA VAL A 111 -5.56 -4.50 -44.08
C VAL A 111 -4.65 -5.31 -43.16
N LEU A 112 -5.00 -6.59 -42.90
CA LEU A 112 -4.26 -7.39 -41.95
C LEU A 112 -2.78 -7.43 -42.35
N PRO A 113 -2.40 -7.87 -43.55
CA PRO A 113 -0.97 -7.79 -43.90
C PRO A 113 -0.45 -6.36 -43.95
N VAL A 114 -1.23 -5.41 -44.47
CA VAL A 114 -0.69 -4.07 -44.62
C VAL A 114 -0.57 -3.35 -43.28
N LYS A 115 -1.61 -3.46 -42.44
CA LYS A 115 -1.60 -2.73 -41.17
C LYS A 115 -0.52 -3.27 -40.24
N PHE A 116 -0.53 -4.59 -40.03
CA PHE A 116 0.45 -5.27 -39.21
C PHE A 116 1.89 -4.94 -39.63
N PHE A 117 2.23 -5.27 -40.88
CA PHE A 117 3.60 -5.03 -41.34
C PHE A 117 3.89 -3.56 -41.60
N GLY A 118 2.87 -2.73 -41.78
CA GLY A 118 3.12 -1.33 -42.05
C GLY A 118 3.48 -0.60 -40.77
N GLY A 119 2.63 -0.81 -39.74
CA GLY A 119 2.89 -0.32 -38.39
C GLY A 119 4.29 -0.66 -37.92
N LEU A 120 4.60 -1.97 -37.81
CA LEU A 120 5.96 -2.47 -37.57
C LEU A 120 7.00 -1.61 -38.24
N GLY A 121 6.73 -1.18 -39.47
CA GLY A 121 7.64 -0.25 -40.12
C GLY A 121 7.71 1.06 -39.37
N THR A 122 6.55 1.69 -39.17
CA THR A 122 6.53 3.05 -38.64
C THR A 122 6.73 3.08 -37.13
N LEU A 123 6.10 2.14 -36.41
CA LEU A 123 6.27 2.05 -34.95
C LEU A 123 7.70 1.72 -34.59
N GLY A 124 8.23 0.62 -35.14
CA GLY A 124 9.56 0.13 -34.81
C GLY A 124 10.69 1.02 -35.30
N GLY A 125 10.39 2.00 -36.15
CA GLY A 125 11.36 3.02 -36.46
C GLY A 125 11.47 4.08 -35.39
N GLY A 126 10.59 4.03 -34.40
CA GLY A 126 10.57 5.06 -33.39
C GLY A 126 9.78 6.27 -33.80
N MET A 127 8.78 6.10 -34.67
CA MET A 127 7.92 7.23 -34.95
C MET A 127 7.00 7.45 -33.76
N VAL A 128 6.45 8.66 -33.69
CA VAL A 128 5.53 9.06 -32.62
C VAL A 128 4.11 8.57 -32.94
N LEU A 129 3.86 7.28 -32.72
CA LEU A 129 2.60 6.61 -33.05
C LEU A 129 2.31 5.49 -32.04
N GLY A 130 1.03 5.12 -31.93
CA GLY A 130 0.59 4.14 -30.96
C GLY A 130 0.36 2.72 -31.52
N ARG A 131 0.08 1.80 -30.59
CA ARG A 131 -0.42 0.47 -30.94
C ARG A 131 -1.92 0.43 -31.07
N ALA A 132 -2.62 1.11 -30.18
CA ALA A 132 -4.04 0.84 -29.98
C ALA A 132 -4.92 1.29 -31.13
N GLY A 133 -4.39 2.05 -32.08
CA GLY A 133 -5.12 2.32 -33.30
C GLY A 133 -5.07 1.11 -34.17
N PRO A 134 -3.86 0.82 -34.69
CA PRO A 134 -3.64 -0.39 -35.48
C PRO A 134 -4.29 -1.63 -34.88
N THR A 135 -3.98 -1.97 -33.63
CA THR A 135 -4.59 -3.17 -33.05
C THR A 135 -6.12 -3.09 -33.01
N VAL A 136 -6.72 -1.90 -33.13
CA VAL A 136 -8.17 -1.78 -33.08
C VAL A 136 -8.78 -2.09 -34.45
N GLN A 137 -8.07 -1.72 -35.53
CA GLN A 137 -8.42 -2.08 -36.90
C GLN A 137 -8.02 -3.51 -37.19
N ILE A 138 -6.77 -3.86 -36.90
CA ILE A 138 -6.31 -5.23 -37.05
C ILE A 138 -7.24 -6.20 -36.33
N GLY A 139 -7.79 -5.80 -35.19
CA GLY A 139 -8.75 -6.66 -34.51
C GLY A 139 -10.15 -6.55 -35.06
N GLY A 140 -10.52 -5.37 -35.59
CA GLY A 140 -11.78 -5.24 -36.29
C GLY A 140 -11.83 -6.15 -37.52
N ASN A 141 -10.76 -6.12 -38.33
CA ASN A 141 -10.74 -6.94 -39.54
C ASN A 141 -10.74 -8.43 -39.22
N ILE A 142 -9.95 -8.84 -38.23
CA ILE A 142 -9.99 -10.22 -37.75
C ILE A 142 -11.42 -10.60 -37.42
N GLY A 143 -12.18 -9.66 -36.85
CA GLY A 143 -13.56 -9.97 -36.52
C GLY A 143 -14.40 -10.18 -37.76
N ARG A 144 -14.09 -9.46 -38.85
CA ARG A 144 -14.76 -9.67 -40.12
C ARG A 144 -14.37 -11.02 -40.71
N MET A 145 -13.07 -11.27 -40.82
CA MET A 145 -12.54 -12.51 -41.37
C MET A 145 -13.27 -13.73 -40.82
N VAL A 146 -13.48 -13.81 -39.49
CA VAL A 146 -14.12 -15.01 -39.00
C VAL A 146 -15.61 -14.98 -39.26
N LEU A 147 -16.15 -13.81 -39.60
CA LEU A 147 -17.55 -13.75 -40.05
C LEU A 147 -17.67 -14.36 -41.43
N ASP A 148 -16.69 -14.08 -42.30
CA ASP A 148 -16.72 -14.60 -43.66
C ASP A 148 -16.33 -16.08 -43.66
N ILE A 149 -15.19 -16.40 -43.06
CA ILE A 149 -14.69 -17.77 -43.01
C ILE A 149 -15.77 -18.73 -42.52
N PHE A 150 -16.56 -18.33 -41.54
CA PHE A 150 -17.64 -19.20 -41.09
C PHE A 150 -18.97 -18.79 -41.69
N ARG A 151 -18.95 -17.80 -42.59
CA ARG A 151 -20.13 -17.24 -43.26
C ARG A 151 -21.31 -17.19 -42.31
N LEU A 152 -21.17 -16.38 -41.26
CA LEU A 152 -22.30 -16.06 -40.40
C LEU A 152 -23.06 -14.92 -41.04
N LYS A 153 -24.36 -15.13 -41.26
CA LYS A 153 -25.23 -14.09 -41.77
C LYS A 153 -26.12 -13.62 -40.64
N GLY A 154 -26.67 -12.42 -40.84
CA GLY A 154 -27.34 -11.72 -39.77
C GLY A 154 -26.74 -10.32 -39.69
N ASP A 155 -27.57 -9.35 -39.34
CA ASP A 155 -27.05 -8.03 -39.01
C ASP A 155 -26.30 -8.03 -37.68
N GLU A 156 -26.82 -8.76 -36.69
CA GLU A 156 -26.15 -8.84 -35.39
C GLU A 156 -24.70 -9.30 -35.60
N ALA A 157 -24.52 -10.46 -36.22
CA ALA A 157 -23.19 -11.03 -36.35
C ALA A 157 -22.18 -10.09 -36.99
N ARG A 158 -22.60 -9.22 -37.91
CA ARG A 158 -21.62 -8.38 -38.62
C ARG A 158 -21.17 -7.21 -37.76
N HIS A 159 -22.11 -6.57 -37.06
CA HIS A 159 -21.79 -5.45 -36.20
C HIS A 159 -21.09 -5.94 -34.94
N THR A 160 -21.61 -7.04 -34.35
CA THR A 160 -21.02 -7.66 -33.17
C THR A 160 -19.57 -8.07 -33.40
N LEU A 161 -19.32 -9.02 -34.32
CA LEU A 161 -17.95 -9.52 -34.48
C LEU A 161 -17.01 -8.41 -34.97
N LEU A 162 -17.52 -7.41 -35.68
CA LEU A 162 -16.70 -6.24 -35.94
C LEU A 162 -16.45 -5.44 -34.68
N ALA A 163 -17.47 -5.31 -33.83
CA ALA A 163 -17.33 -4.58 -32.58
C ALA A 163 -16.41 -5.33 -31.62
N THR A 164 -16.66 -6.63 -31.38
CA THR A 164 -15.81 -7.32 -30.41
C THR A 164 -14.41 -7.50 -30.98
N GLY A 165 -14.28 -7.56 -32.29
CA GLY A 165 -12.94 -7.54 -32.86
C GLY A 165 -12.18 -6.30 -32.46
N ALA A 166 -12.82 -5.14 -32.61
CA ALA A 166 -12.19 -3.87 -32.28
C ALA A 166 -12.01 -3.69 -30.79
N ALA A 167 -12.97 -4.17 -30.00
CA ALA A 167 -12.88 -4.09 -28.55
C ALA A 167 -11.67 -4.89 -28.04
N ALA A 168 -11.64 -6.19 -28.31
CA ALA A 168 -10.49 -7.03 -27.98
C ALA A 168 -9.17 -6.41 -28.46
N GLY A 169 -9.21 -5.62 -29.52
CA GLY A 169 -7.98 -5.08 -30.06
C GLY A 169 -7.44 -3.91 -29.27
N LEU A 170 -8.32 -3.20 -28.55
CA LEU A 170 -7.86 -2.11 -27.69
C LEU A 170 -7.48 -2.65 -26.32
N ALA A 171 -8.37 -3.45 -25.73
CA ALA A 171 -8.03 -4.21 -24.53
C ALA A 171 -6.62 -4.79 -24.60
N ALA A 172 -6.30 -5.52 -25.66
CA ALA A 172 -4.96 -6.11 -25.74
C ALA A 172 -3.88 -5.06 -25.93
N ALA A 173 -4.19 -3.90 -26.50
CA ALA A 173 -3.16 -2.90 -26.74
C ALA A 173 -2.71 -2.20 -25.46
N PHE A 174 -3.55 -2.14 -24.44
CA PHE A 174 -3.24 -1.45 -23.19
C PHE A 174 -3.35 -2.35 -21.96
N ASN A 175 -3.69 -3.63 -22.15
CA ASN A 175 -3.98 -4.58 -21.08
C ASN A 175 -5.09 -4.02 -20.20
N ALA A 176 -6.19 -3.73 -20.85
CA ALA A 176 -7.18 -2.81 -20.32
C ALA A 176 -8.59 -3.32 -20.65
N PRO A 177 -8.99 -4.48 -20.11
CA PRO A 177 -10.30 -5.06 -20.50
C PRO A 177 -11.48 -4.11 -20.39
N LEU A 178 -11.74 -3.57 -19.20
CA LEU A 178 -12.86 -2.66 -19.04
C LEU A 178 -12.76 -1.47 -20.00
N ALA A 179 -11.56 -1.02 -20.32
CA ALA A 179 -11.49 0.16 -21.16
C ALA A 179 -11.76 -0.16 -22.62
N GLY A 180 -11.55 -1.42 -23.03
CA GLY A 180 -11.82 -1.78 -24.40
C GLY A 180 -13.30 -1.88 -24.67
N ILE A 181 -14.05 -2.48 -23.72
CA ILE A 181 -15.51 -2.51 -23.82
C ILE A 181 -16.06 -1.12 -23.92
N LEU A 182 -15.71 -0.27 -22.96
CA LEU A 182 -16.29 1.05 -22.88
C LEU A 182 -16.06 1.85 -24.16
N PHE A 183 -14.93 1.64 -24.83
CA PHE A 183 -14.66 2.35 -26.07
C PHE A 183 -15.72 2.08 -27.10
N ILE A 184 -16.12 0.81 -27.24
CA ILE A 184 -17.18 0.43 -28.15
C ILE A 184 -18.52 1.04 -27.71
N ILE A 185 -18.83 0.94 -26.41
CA ILE A 185 -20.12 1.41 -25.90
C ILE A 185 -20.23 2.94 -25.96
N GLU A 186 -19.11 3.65 -25.87
CA GLU A 186 -19.14 5.11 -25.78
C GLU A 186 -18.83 5.77 -27.11
N GLU A 187 -17.87 5.27 -27.85
CA GLU A 187 -17.35 6.02 -28.98
C GLU A 187 -17.54 5.34 -30.31
N MET A 188 -17.28 4.03 -30.41
CA MET A 188 -17.24 3.41 -31.72
C MET A 188 -18.61 3.01 -32.24
N ARG A 189 -19.54 2.64 -31.35
CA ARG A 189 -20.86 2.23 -31.80
C ARG A 189 -21.47 3.34 -32.66
N PRO A 190 -22.36 3.02 -33.60
CA PRO A 190 -23.02 4.06 -34.40
C PRO A 190 -23.75 5.04 -33.49
N GLN A 191 -23.58 6.32 -33.78
CA GLN A 191 -23.91 7.25 -32.70
C GLN A 191 -25.31 7.84 -32.79
N PHE A 192 -26.08 7.59 -33.85
CA PHE A 192 -27.30 8.35 -34.07
C PHE A 192 -28.54 7.48 -34.31
N ARG A 193 -28.41 6.16 -34.37
CA ARG A 193 -29.56 5.28 -34.39
C ARG A 193 -29.24 4.06 -33.56
N TYR A 194 -30.25 3.23 -33.33
CA TYR A 194 -30.03 1.96 -32.66
C TYR A 194 -29.15 1.06 -33.51
N THR A 195 -28.40 0.16 -32.86
CA THR A 195 -27.71 -0.94 -33.53
C THR A 195 -27.67 -2.17 -32.63
N LEU A 196 -27.43 -3.31 -33.26
CA LEU A 196 -27.72 -4.61 -32.70
C LEU A 196 -26.47 -5.33 -32.25
N ILE A 197 -25.50 -4.57 -31.71
CA ILE A 197 -24.27 -5.16 -31.20
C ILE A 197 -24.56 -5.86 -29.89
N SER A 198 -24.13 -7.11 -29.78
CA SER A 198 -24.36 -7.83 -28.54
C SER A 198 -23.23 -7.48 -27.58
N ILE A 199 -23.60 -6.96 -26.41
CA ILE A 199 -22.62 -6.59 -25.41
C ILE A 199 -22.07 -7.82 -24.70
N LYS A 200 -22.89 -8.83 -24.40
CA LYS A 200 -22.33 -10.01 -23.75
C LYS A 200 -21.24 -10.63 -24.63
N ALA A 201 -21.47 -10.62 -25.95
CA ALA A 201 -20.46 -11.12 -26.88
C ALA A 201 -19.16 -10.34 -26.76
N VAL A 202 -19.24 -9.01 -26.93
CA VAL A 202 -18.09 -8.12 -26.79
C VAL A 202 -17.33 -8.42 -25.50
N PHE A 203 -18.05 -8.85 -24.46
CA PHE A 203 -17.43 -9.13 -23.19
C PHE A 203 -16.58 -10.37 -23.33
N ILE A 204 -17.12 -11.41 -23.98
CA ILE A 204 -16.38 -12.66 -24.15
C ILE A 204 -15.09 -12.42 -24.95
N GLY A 205 -15.17 -11.62 -26.02
CA GLY A 205 -14.00 -11.43 -26.87
C GLY A 205 -12.87 -10.71 -26.15
N VAL A 206 -13.21 -9.72 -25.33
CA VAL A 206 -12.19 -8.99 -24.58
C VAL A 206 -11.55 -9.89 -23.53
N ILE A 207 -12.33 -10.74 -22.86
CA ILE A 207 -11.75 -11.66 -21.89
C ILE A 207 -10.68 -12.52 -22.56
N MET A 208 -11.03 -13.12 -23.71
CA MET A 208 -10.11 -14.02 -24.39
C MET A 208 -8.88 -13.27 -24.89
N SER A 209 -9.11 -12.07 -25.43
CA SER A 209 -8.02 -11.23 -25.91
C SER A 209 -7.06 -10.89 -24.78
N THR A 210 -7.61 -10.37 -23.66
CA THR A 210 -6.78 -10.00 -22.52
C THR A 210 -6.01 -11.21 -22.01
N ILE A 211 -6.64 -12.37 -21.99
CA ILE A 211 -5.96 -13.54 -21.45
C ILE A 211 -4.81 -13.96 -22.35
N MET A 212 -4.94 -13.80 -23.67
CA MET A 212 -3.78 -14.01 -24.54
C MET A 212 -2.66 -13.06 -24.20
N TYR A 213 -3.00 -11.79 -23.97
CA TYR A 213 -1.96 -10.83 -23.63
C TYR A 213 -1.25 -11.22 -22.34
N ARG A 214 -2.00 -11.68 -21.34
CA ARG A 214 -1.36 -12.04 -20.07
C ARG A 214 -0.50 -13.29 -20.18
N ILE A 215 -0.71 -14.12 -21.21
CA ILE A 215 0.09 -15.33 -21.37
C ILE A 215 1.44 -15.01 -22.00
N PHE A 216 1.60 -13.84 -22.63
CA PHE A 216 2.86 -13.48 -23.28
C PHE A 216 3.48 -12.20 -22.73
N ASN A 217 3.02 -11.73 -21.56
CA ASN A 217 3.49 -10.44 -21.06
C ASN A 217 3.54 -10.32 -19.55
N HIS A 218 3.24 -11.36 -18.77
CA HIS A 218 3.06 -11.23 -17.32
C HIS A 218 4.34 -10.78 -16.60
N GLU A 219 4.16 -10.37 -15.35
CA GLU A 219 5.17 -9.88 -14.41
C GLU A 219 5.62 -8.43 -14.69
N VAL A 220 5.23 -7.83 -15.82
CA VAL A 220 5.68 -6.48 -16.20
C VAL A 220 4.47 -5.65 -16.64
N ALA A 221 4.33 -4.43 -16.09
CA ALA A 221 3.22 -3.53 -16.38
C ALA A 221 3.62 -2.41 -17.32
N LEU A 222 2.63 -1.87 -18.03
CA LEU A 222 2.92 -0.84 -19.03
C LEU A 222 3.31 0.46 -18.38
N ILE A 223 2.61 0.87 -17.34
CA ILE A 223 2.95 2.10 -16.64
C ILE A 223 2.92 1.86 -15.15
N ASP A 224 4.07 1.63 -14.51
CA ASP A 224 4.04 1.55 -13.05
C ASP A 224 4.32 2.94 -12.51
N VAL A 225 3.50 3.37 -11.56
CA VAL A 225 3.48 4.76 -11.17
C VAL A 225 3.34 4.91 -9.67
N GLY A 226 3.31 3.79 -8.93
CA GLY A 226 3.17 3.79 -7.50
C GLY A 226 1.77 4.15 -7.04
N LYS A 227 1.60 4.21 -5.73
CA LYS A 227 0.40 4.77 -5.13
C LYS A 227 0.68 6.24 -4.79
N LEU A 228 -0.09 7.13 -5.36
CA LEU A 228 0.13 8.54 -5.09
C LEU A 228 -0.77 8.95 -3.92
N SER A 229 -0.71 10.24 -3.55
CA SER A 229 -1.44 10.76 -2.39
C SER A 229 -2.93 10.81 -2.68
N ASP A 230 -3.74 11.18 -1.69
CA ASP A 230 -5.15 11.43 -1.95
C ASP A 230 -5.39 12.85 -2.44
N ALA A 231 -6.67 13.18 -2.62
CA ALA A 231 -7.11 14.48 -3.09
C ALA A 231 -8.11 15.00 -2.06
N PRO A 232 -7.94 16.22 -1.57
CA PRO A 232 -8.91 16.74 -0.60
C PRO A 232 -10.01 17.53 -1.29
N LEU A 233 -11.23 17.39 -0.78
CA LEU A 233 -12.38 18.03 -1.41
C LEU A 233 -12.10 19.49 -1.76
N ASN A 234 -11.37 20.21 -0.90
CA ASN A 234 -11.02 21.60 -1.22
C ASN A 234 -9.95 21.73 -2.30
N THR A 235 -9.47 20.61 -2.85
CA THR A 235 -8.50 20.58 -3.92
C THR A 235 -9.17 20.38 -5.28
N LEU A 236 -10.39 19.82 -5.27
CA LEU A 236 -11.07 19.43 -6.49
C LEU A 236 -11.09 20.58 -7.50
N TRP A 237 -11.42 21.78 -7.04
CA TRP A 237 -11.54 22.90 -7.98
C TRP A 237 -10.29 23.08 -8.85
N LEU A 238 -9.11 22.67 -8.34
CA LEU A 238 -7.89 22.80 -9.15
C LEU A 238 -7.96 21.95 -10.42
N TYR A 239 -8.73 20.84 -10.37
CA TYR A 239 -8.81 19.90 -11.48
C TYR A 239 -9.82 20.35 -12.54
N LEU A 240 -10.98 20.85 -12.11
CA LEU A 240 -11.91 21.52 -13.02
C LEU A 240 -11.20 22.62 -13.79
N ILE A 241 -10.23 23.29 -13.18
CA ILE A 241 -9.48 24.30 -13.92
C ILE A 241 -8.60 23.64 -14.95
N LEU A 242 -7.84 22.63 -14.52
CA LEU A 242 -6.99 21.87 -15.44
C LEU A 242 -7.82 21.35 -16.61
N GLY A 243 -9.03 20.85 -16.31
CA GLY A 243 -9.92 20.42 -17.37
C GLY A 243 -10.20 21.52 -18.38
N ILE A 244 -10.60 22.69 -17.88
CA ILE A 244 -10.91 23.81 -18.74
C ILE A 244 -9.70 24.24 -19.58
N ILE A 245 -8.49 23.88 -19.17
CA ILE A 245 -7.35 24.15 -20.07
C ILE A 245 -7.31 23.09 -21.17
N PHE A 246 -7.74 21.86 -20.87
CA PHE A 246 -7.71 20.81 -21.87
C PHE A 246 -8.85 21.00 -22.87
N GLY A 247 -10.04 21.34 -22.36
CA GLY A 247 -11.16 21.69 -23.20
C GLY A 247 -10.87 22.79 -24.22
N ILE A 248 -10.04 23.76 -23.86
CA ILE A 248 -9.75 24.73 -24.92
C ILE A 248 -8.70 24.15 -25.86
N PHE A 249 -7.66 23.48 -25.34
CA PHE A 249 -6.51 23.07 -26.14
C PHE A 249 -6.81 21.90 -27.06
N GLY A 250 -7.74 21.02 -26.67
CA GLY A 250 -8.14 19.88 -27.46
C GLY A 250 -8.59 20.21 -28.88
N PRO A 251 -9.52 21.16 -29.04
CA PRO A 251 -9.94 21.55 -30.39
C PRO A 251 -8.85 22.27 -31.19
N ILE A 252 -8.00 23.05 -30.54
CA ILE A 252 -6.86 23.66 -31.22
C ILE A 252 -6.00 22.56 -31.83
N PHE A 253 -5.83 21.47 -31.09
CA PHE A 253 -5.00 20.37 -31.53
C PHE A 253 -5.69 19.60 -32.67
N ASN A 254 -7.02 19.48 -32.61
CA ASN A 254 -7.78 18.84 -33.68
C ASN A 254 -7.65 19.61 -34.99
N LYS A 255 -7.90 20.93 -34.96
CA LYS A 255 -7.56 21.78 -36.09
C LYS A 255 -6.18 21.45 -36.63
N TRP A 256 -5.18 21.54 -35.76
CA TRP A 256 -3.81 21.25 -36.17
C TRP A 256 -3.70 19.91 -36.86
N VAL A 257 -4.33 18.86 -36.33
CA VAL A 257 -4.06 17.57 -36.95
C VAL A 257 -4.73 17.53 -38.31
N LEU A 258 -5.89 18.19 -38.45
CA LEU A 258 -6.54 18.26 -39.76
C LEU A 258 -5.73 19.10 -40.73
N GLY A 259 -5.54 20.38 -40.43
CA GLY A 259 -4.77 21.24 -41.31
C GLY A 259 -3.41 20.67 -41.68
N MET A 260 -2.76 19.99 -40.73
CA MET A 260 -1.46 19.43 -41.01
C MET A 260 -1.59 18.18 -41.90
N GLN A 261 -2.77 17.54 -41.91
CA GLN A 261 -3.06 16.56 -42.96
C GLN A 261 -3.16 17.24 -44.30
N ASP A 262 -3.82 18.42 -44.33
CA ASP A 262 -4.01 19.19 -45.55
C ASP A 262 -2.69 19.77 -46.04
N LEU A 263 -1.89 20.31 -45.12
CA LEU A 263 -0.60 20.87 -45.48
C LEU A 263 0.35 19.81 -46.04
N LEU A 264 0.31 18.60 -45.49
CA LEU A 264 1.26 17.57 -45.88
C LEU A 264 0.84 16.83 -47.14
N HIS A 265 -0.39 17.06 -47.60
CA HIS A 265 -0.85 16.52 -48.89
C HIS A 265 -0.27 17.33 -50.04
N ARG A 266 -0.22 18.66 -49.87
CA ARG A 266 0.39 19.58 -50.81
C ARG A 266 1.88 19.31 -51.07
N VAL A 267 2.48 18.37 -50.35
CA VAL A 267 3.91 18.16 -50.49
C VAL A 267 4.18 17.02 -51.47
N HIS A 268 3.27 16.04 -51.53
CA HIS A 268 3.39 14.88 -52.39
C HIS A 268 2.21 14.66 -53.34
N GLY A 269 1.09 15.37 -53.16
CA GLY A 269 -0.02 15.40 -54.11
C GLY A 269 -0.90 14.16 -54.15
N GLY A 270 -0.32 13.00 -53.87
CA GLY A 270 -1.01 11.73 -53.95
C GLY A 270 0.01 10.75 -54.45
N ASN A 271 1.17 11.31 -54.81
CA ASN A 271 2.23 10.62 -55.54
C ASN A 271 2.92 9.61 -54.63
N ILE A 272 2.60 8.33 -54.83
CA ILE A 272 3.09 7.24 -53.99
C ILE A 272 4.58 7.36 -53.68
N THR A 273 5.36 8.00 -54.57
CA THR A 273 6.81 8.05 -54.37
C THR A 273 7.27 9.27 -53.56
N LYS A 274 6.74 10.47 -53.87
CA LYS A 274 6.98 11.63 -53.00
C LYS A 274 6.45 11.37 -51.60
N TRP A 275 5.34 10.63 -51.51
CA TRP A 275 4.80 10.21 -50.23
C TRP A 275 5.79 9.31 -49.50
N VAL A 276 6.16 8.18 -50.12
CA VAL A 276 7.03 7.21 -49.46
C VAL A 276 8.40 7.82 -49.17
N LEU A 277 8.86 8.74 -50.01
CA LEU A 277 10.08 9.47 -49.70
C LEU A 277 9.86 10.47 -48.58
N MET A 278 8.63 10.98 -48.44
CA MET A 278 8.35 11.94 -47.38
C MET A 278 8.28 11.27 -46.01
N GLY A 279 7.65 10.10 -45.94
CA GLY A 279 7.64 9.35 -44.70
C GLY A 279 9.01 8.87 -44.29
N GLY A 280 9.81 8.41 -45.26
CA GLY A 280 11.19 8.05 -44.97
C GLY A 280 11.94 9.17 -44.29
N ALA A 281 11.71 10.42 -44.72
CA ALA A 281 12.40 11.54 -44.09
C ALA A 281 11.82 11.85 -42.72
N ILE A 282 10.49 11.77 -42.58
CA ILE A 282 9.87 11.95 -41.26
C ILE A 282 10.34 10.87 -40.30
N GLY A 283 10.16 9.60 -40.69
CA GLY A 283 10.66 8.49 -39.90
C GLY A 283 12.11 8.63 -39.49
N GLY A 284 12.99 8.93 -40.46
CA GLY A 284 14.39 9.14 -40.13
C GLY A 284 14.58 10.24 -39.10
N LEU A 285 13.81 11.32 -39.22
CA LEU A 285 13.85 12.36 -38.21
C LEU A 285 13.57 11.78 -36.83
N CYS A 286 12.51 10.98 -36.72
CA CYS A 286 12.26 10.27 -35.46
C CYS A 286 13.47 9.46 -35.06
N GLY A 287 13.93 8.54 -35.93
CA GLY A 287 15.06 7.69 -35.59
C GLY A 287 16.31 8.46 -35.19
N LEU A 288 16.47 9.66 -35.74
CA LEU A 288 17.55 10.51 -35.29
C LEU A 288 17.25 11.13 -33.92
N LEU A 289 16.15 11.89 -33.83
CA LEU A 289 15.67 12.40 -32.54
C LEU A 289 15.58 11.31 -31.49
N GLY A 290 15.17 10.11 -31.89
CA GLY A 290 15.20 8.97 -30.98
C GLY A 290 16.55 8.76 -30.34
N PHE A 291 17.64 9.10 -31.04
CA PHE A 291 18.98 9.03 -30.43
C PHE A 291 19.38 10.30 -29.72
N VAL A 292 19.31 11.45 -30.38
CA VAL A 292 19.78 12.68 -29.75
C VAL A 292 18.78 13.27 -28.77
N ALA A 293 17.53 12.79 -28.75
CA ALA A 293 16.56 13.49 -27.89
C ALA A 293 15.32 12.67 -27.59
N PRO A 294 15.42 11.51 -26.92
CA PRO A 294 14.37 10.48 -27.07
C PRO A 294 12.97 10.89 -26.57
N ALA A 295 12.87 11.76 -25.57
CA ALA A 295 11.56 12.29 -25.16
C ALA A 295 10.82 12.96 -26.31
N THR A 296 11.54 13.52 -27.28
CA THR A 296 10.93 14.18 -28.42
C THR A 296 10.41 13.19 -29.45
N SER A 297 10.80 11.93 -29.35
CA SER A 297 10.53 10.90 -30.33
C SER A 297 9.76 9.77 -29.66
N GLY A 298 9.40 8.76 -30.44
CA GLY A 298 8.84 7.54 -29.88
C GLY A 298 7.40 7.68 -29.39
N GLY A 299 6.88 6.54 -28.90
CA GLY A 299 5.48 6.42 -28.56
C GLY A 299 5.08 7.16 -27.30
N GLY A 300 6.06 7.46 -26.43
CA GLY A 300 5.87 8.35 -25.30
C GLY A 300 5.68 7.66 -23.96
N PHE A 301 5.14 6.44 -23.93
CA PHE A 301 4.86 5.77 -22.66
C PHE A 301 6.04 5.84 -21.70
N ASN A 302 7.26 5.66 -22.23
CA ASN A 302 8.45 5.59 -21.39
C ASN A 302 8.56 6.79 -20.44
N LEU A 303 8.18 7.97 -20.90
CA LEU A 303 8.34 9.14 -20.09
C LEU A 303 7.11 9.47 -19.23
N ILE A 304 5.99 8.73 -19.35
CA ILE A 304 4.86 8.96 -18.45
C ILE A 304 5.22 8.69 -16.99
N PRO A 305 5.81 7.54 -16.62
CA PRO A 305 6.27 7.38 -15.22
C PRO A 305 7.17 8.48 -14.70
N ILE A 306 8.02 9.06 -15.55
CA ILE A 306 8.99 10.05 -15.13
C ILE A 306 8.34 11.41 -14.89
N ALA A 307 7.48 11.86 -15.81
CA ALA A 307 6.75 13.11 -15.58
C ALA A 307 5.84 12.99 -14.36
N THR A 308 5.18 11.85 -14.18
CA THR A 308 4.28 11.68 -13.04
C THR A 308 5.04 11.82 -11.74
N ALA A 309 6.23 11.22 -11.68
CA ALA A 309 7.06 11.38 -10.51
C ALA A 309 7.61 12.80 -10.37
N GLY A 310 7.29 13.73 -11.27
CA GLY A 310 7.80 15.08 -11.10
C GLY A 310 9.31 15.17 -11.17
N ASN A 311 9.94 14.29 -11.96
CA ASN A 311 11.37 14.21 -12.14
C ASN A 311 11.87 15.03 -13.33
N PHE A 312 10.99 15.79 -14.00
CA PHE A 312 11.42 16.68 -15.07
C PHE A 312 11.43 18.10 -14.55
N SER A 313 12.45 18.87 -14.89
CA SER A 313 12.37 20.29 -14.64
C SER A 313 11.18 20.87 -15.41
N MET A 314 10.57 21.91 -14.86
CA MET A 314 9.59 22.68 -15.64
C MET A 314 10.13 22.99 -17.01
N GLY A 315 11.42 23.32 -17.09
CA GLY A 315 12.01 23.66 -18.39
C GLY A 315 11.99 22.50 -19.36
N MET A 316 12.30 21.29 -18.88
CA MET A 316 12.31 20.10 -19.73
C MET A 316 10.89 19.70 -20.10
N LEU A 317 9.92 19.90 -19.20
CA LEU A 317 8.54 19.55 -19.53
C LEU A 317 8.02 20.40 -20.67
N VAL A 318 8.26 21.71 -20.62
CA VAL A 318 7.73 22.61 -21.63
C VAL A 318 8.34 22.29 -22.99
N PHE A 319 9.64 22.01 -23.00
CA PHE A 319 10.29 21.52 -24.20
C PHE A 319 9.52 20.32 -24.75
N ILE A 320 9.51 19.24 -23.98
CA ILE A 320 8.90 17.98 -24.39
C ILE A 320 7.49 18.21 -24.93
N PHE A 321 6.69 19.04 -24.28
CA PHE A 321 5.31 19.19 -24.73
C PHE A 321 5.26 19.81 -26.11
N VAL A 322 6.02 20.87 -26.33
CA VAL A 322 6.04 21.48 -27.65
C VAL A 322 6.63 20.51 -28.66
N ALA A 323 7.86 20.07 -28.41
CA ALA A 323 8.52 19.10 -29.28
C ALA A 323 7.60 17.93 -29.67
N ARG A 324 6.96 17.30 -28.68
CA ARG A 324 6.10 16.17 -29.00
C ARG A 324 4.79 16.61 -29.63
N VAL A 325 4.33 17.83 -29.39
CA VAL A 325 3.20 18.29 -30.18
C VAL A 325 3.61 18.36 -31.64
N ILE A 326 4.86 18.75 -31.90
CA ILE A 326 5.39 18.81 -33.26
C ILE A 326 5.58 17.41 -33.84
N THR A 327 6.34 16.55 -33.16
CA THR A 327 6.60 15.24 -33.74
C THR A 327 5.35 14.39 -33.77
N THR A 328 4.39 14.68 -32.89
CA THR A 328 3.13 13.93 -32.92
C THR A 328 2.37 14.20 -34.21
N LEU A 329 2.14 15.49 -34.51
CA LEU A 329 1.45 15.84 -35.75
C LEU A 329 2.22 15.33 -36.97
N LEU A 330 3.53 15.65 -37.04
CA LEU A 330 4.36 15.22 -38.17
C LEU A 330 4.21 13.74 -38.51
N CYS A 331 4.03 12.89 -37.49
CA CYS A 331 4.03 11.45 -37.70
C CYS A 331 2.63 10.92 -37.99
N PHE A 332 1.61 11.43 -37.28
CA PHE A 332 0.24 10.94 -37.46
C PHE A 332 -0.46 11.64 -38.61
N SER A 333 -0.26 12.96 -38.76
CA SER A 333 -0.93 13.69 -39.82
C SER A 333 -0.41 13.32 -41.21
N SER A 334 0.85 12.88 -41.28
CA SER A 334 1.47 12.50 -42.55
C SER A 334 0.79 11.31 -43.20
N GLY A 335 0.07 10.47 -42.45
CA GLY A 335 -0.70 9.41 -43.03
C GLY A 335 -0.16 8.03 -42.80
N ALA A 336 1.05 7.89 -42.25
CA ALA A 336 1.63 6.60 -41.86
C ALA A 336 0.62 5.71 -41.12
N PRO A 337 0.88 4.41 -41.00
CA PRO A 337 -0.02 3.55 -40.21
C PRO A 337 0.41 3.51 -38.75
N GLY A 338 -0.54 3.79 -37.86
CA GLY A 338 -0.23 4.02 -36.46
C GLY A 338 -1.12 5.13 -35.95
N GLY A 339 -1.17 5.35 -34.63
CA GLY A 339 -2.17 6.29 -34.16
C GLY A 339 -1.75 7.35 -33.14
N ILE A 340 -2.73 8.05 -32.59
CA ILE A 340 -2.51 9.27 -31.81
C ILE A 340 -3.04 9.16 -30.36
N PHE A 341 -3.87 8.18 -30.05
CA PHE A 341 -4.40 7.93 -28.70
C PHE A 341 -3.27 7.83 -27.65
N ALA A 342 -2.40 6.81 -27.78
CA ALA A 342 -1.36 6.61 -26.78
C ALA A 342 -0.35 7.75 -26.70
N PRO A 343 0.00 8.46 -27.77
CA PRO A 343 0.84 9.66 -27.58
C PRO A 343 0.09 10.85 -27.02
N MET A 344 -1.26 10.82 -27.04
CA MET A 344 -2.10 11.80 -26.34
C MET A 344 -2.19 11.52 -24.85
N LEU A 345 -1.98 10.27 -24.43
CA LEU A 345 -1.69 9.98 -23.03
C LEU A 345 -0.40 10.67 -22.58
N ALA A 346 0.66 10.55 -23.37
CA ALA A 346 1.91 11.21 -23.03
C ALA A 346 1.74 12.73 -22.97
N LEU A 347 1.09 13.32 -23.97
CA LEU A 347 1.02 14.78 -24.00
C LEU A 347 0.23 15.30 -22.81
N GLY A 348 -0.74 14.52 -22.35
CA GLY A 348 -1.53 14.95 -21.22
C GLY A 348 -0.82 14.73 -19.90
N THR A 349 -0.13 13.61 -19.74
CA THR A 349 0.71 13.44 -18.56
C THR A 349 1.65 14.62 -18.46
N VAL A 350 2.37 14.91 -19.54
CA VAL A 350 3.34 16.00 -19.52
C VAL A 350 2.65 17.32 -19.22
N LEU A 351 1.46 17.52 -19.74
CA LEU A 351 0.77 18.78 -19.50
C LEU A 351 0.30 18.89 -18.04
N GLY A 352 -0.29 17.82 -17.50
CA GLY A 352 -0.80 17.88 -16.14
C GLY A 352 0.31 17.97 -15.11
N THR A 353 1.40 17.22 -15.32
CA THR A 353 2.61 17.45 -14.54
C THR A 353 2.95 18.94 -14.47
N ALA A 354 3.08 19.62 -15.61
CA ALA A 354 3.53 21.01 -15.57
C ALA A 354 2.55 21.92 -14.80
N PHE A 355 1.26 21.64 -14.91
CA PHE A 355 0.27 22.31 -14.07
C PHE A 355 0.45 21.93 -12.60
N GLY A 356 0.67 20.65 -12.34
CA GLY A 356 0.93 20.23 -10.97
C GLY A 356 2.08 21.00 -10.34
N MET A 357 3.13 21.24 -11.12
CA MET A 357 4.25 21.99 -10.55
C MET A 357 3.85 23.42 -10.22
N VAL A 358 3.14 24.08 -11.14
CA VAL A 358 2.61 25.39 -10.81
C VAL A 358 1.72 25.30 -9.59
N ALA A 359 0.77 24.38 -9.61
CA ALA A 359 -0.22 24.30 -8.54
C ALA A 359 0.39 23.93 -7.20
N VAL A 360 1.56 23.26 -7.17
CA VAL A 360 2.20 22.97 -5.88
C VAL A 360 2.78 24.23 -5.30
N GLU A 361 3.61 24.92 -6.10
CA GLU A 361 4.26 26.14 -5.65
C GLU A 361 3.23 27.17 -5.19
N LEU A 362 2.10 27.27 -5.87
CA LEU A 362 1.15 28.32 -5.51
C LEU A 362 0.31 27.99 -4.28
N PHE A 363 0.30 26.75 -3.80
CA PHE A 363 -0.60 26.38 -2.70
C PHE A 363 0.04 25.37 -1.76
N PRO A 364 0.95 25.83 -0.91
CA PRO A 364 1.56 24.93 0.07
C PRO A 364 0.58 24.44 1.10
N GLN A 365 -0.49 25.19 1.39
CA GLN A 365 -1.49 24.76 2.36
C GLN A 365 -2.27 23.55 1.90
N TYR A 366 -2.24 23.26 0.59
CA TYR A 366 -2.92 22.12 -0.02
C TYR A 366 -2.05 20.86 -0.01
N HIS A 367 -0.74 20.99 0.16
CA HIS A 367 0.14 19.82 0.28
C HIS A 367 0.11 18.95 -0.96
N LEU A 368 0.10 19.59 -2.12
CA LEU A 368 -0.08 18.90 -3.39
C LEU A 368 1.17 18.12 -3.80
N GLU A 369 0.93 16.97 -4.41
CA GLU A 369 1.93 16.18 -5.12
C GLU A 369 1.66 16.41 -6.58
N ALA A 370 2.56 17.13 -7.27
CA ALA A 370 2.29 17.44 -8.68
C ALA A 370 1.96 16.19 -9.49
N GLY A 371 2.19 14.99 -8.94
CA GLY A 371 1.91 13.76 -9.65
C GLY A 371 0.44 13.47 -9.83
N THR A 372 -0.41 13.92 -8.89
CA THR A 372 -1.84 13.73 -9.10
C THR A 372 -2.33 14.50 -10.29
N PHE A 373 -1.74 15.64 -10.61
CA PHE A 373 -2.23 16.38 -11.76
C PHE A 373 -1.78 15.78 -13.08
N ALA A 374 -0.63 15.10 -13.08
CA ALA A 374 -0.25 14.27 -14.21
C ALA A 374 -1.27 13.16 -14.47
N ILE A 375 -1.71 12.47 -13.40
CA ILE A 375 -2.69 11.41 -13.57
C ILE A 375 -4.04 11.98 -14.00
N ALA A 376 -4.37 13.19 -13.53
CA ALA A 376 -5.63 13.80 -13.94
C ALA A 376 -5.59 14.31 -15.37
N GLY A 377 -4.38 14.53 -15.90
CA GLY A 377 -4.27 15.07 -17.23
C GLY A 377 -3.93 14.01 -18.25
N MET A 378 -3.67 12.77 -17.81
CA MET A 378 -3.29 11.72 -18.75
C MET A 378 -4.44 11.37 -19.69
N GLY A 379 -5.65 11.17 -19.15
CA GLY A 379 -6.78 10.91 -20.03
C GLY A 379 -7.45 12.16 -20.54
N ALA A 380 -6.77 13.30 -20.44
CA ALA A 380 -7.49 14.54 -20.68
C ALA A 380 -7.59 14.89 -22.16
N LEU A 381 -6.46 14.83 -22.88
CA LEU A 381 -6.53 15.08 -24.31
C LEU A 381 -7.52 14.11 -24.96
N LEU A 382 -7.57 12.86 -24.49
CA LEU A 382 -8.58 11.91 -24.99
C LEU A 382 -9.98 12.43 -24.76
N ALA A 383 -10.19 13.21 -23.71
CA ALA A 383 -11.51 13.80 -23.46
C ALA A 383 -11.76 15.04 -24.30
N ALA A 384 -10.70 15.71 -24.75
CA ALA A 384 -10.87 16.99 -25.42
C ALA A 384 -10.67 16.88 -26.94
N SER A 385 -9.73 16.06 -27.38
CA SER A 385 -9.55 15.89 -28.81
C SER A 385 -10.51 14.84 -29.36
N ILE A 386 -10.68 13.71 -28.68
CA ILE A 386 -11.53 12.67 -29.23
C ILE A 386 -12.78 12.42 -28.42
N ARG A 387 -13.01 13.19 -27.37
CA ARG A 387 -14.34 13.29 -26.75
C ARG A 387 -14.94 11.94 -26.34
N ALA A 388 -14.10 11.09 -25.75
CA ALA A 388 -14.54 9.84 -25.15
C ALA A 388 -14.11 9.84 -23.69
N PRO A 389 -14.57 10.82 -22.90
CA PRO A 389 -14.06 10.93 -21.52
C PRO A 389 -14.24 9.65 -20.71
N LEU A 390 -15.35 8.94 -20.85
CA LEU A 390 -15.53 7.74 -20.04
C LEU A 390 -14.51 6.66 -20.37
N THR A 391 -13.97 6.61 -21.59
CA THR A 391 -13.00 5.56 -21.92
C THR A 391 -11.64 5.89 -21.33
N GLY A 392 -11.16 7.11 -21.56
CA GLY A 392 -9.89 7.53 -21.01
C GLY A 392 -9.82 7.44 -19.49
N ILE A 393 -10.86 7.91 -18.81
CA ILE A 393 -10.90 7.82 -17.35
C ILE A 393 -10.68 6.38 -16.90
N ILE A 394 -11.38 5.43 -17.52
CA ILE A 394 -11.28 4.02 -17.14
C ILE A 394 -10.06 3.40 -17.75
N LEU A 395 -9.63 3.90 -18.89
CA LEU A 395 -8.34 3.50 -19.41
C LEU A 395 -7.23 3.85 -18.40
N VAL A 396 -7.18 5.14 -17.99
CA VAL A 396 -6.17 5.60 -17.02
C VAL A 396 -6.31 4.85 -15.70
N LEU A 397 -7.50 4.86 -15.12
CA LEU A 397 -7.79 3.99 -13.99
C LEU A 397 -7.14 2.61 -14.11
N GLU A 398 -7.35 1.91 -15.21
CA GLU A 398 -6.79 0.56 -15.34
C GLU A 398 -5.27 0.54 -15.47
N MET A 399 -4.67 1.57 -16.07
CA MET A 399 -3.23 1.55 -16.29
C MET A 399 -2.43 2.06 -15.10
N THR A 400 -3.06 2.79 -14.18
CA THR A 400 -2.35 3.42 -13.08
C THR A 400 -2.92 3.09 -11.71
N ASP A 401 -4.04 2.39 -11.63
CA ASP A 401 -4.57 1.81 -10.38
C ASP A 401 -4.49 2.79 -9.20
N ASN A 402 -4.82 4.05 -9.43
CA ASN A 402 -4.86 5.04 -8.34
C ASN A 402 -6.29 5.50 -8.11
N TYR A 403 -7.16 4.56 -7.73
CA TYR A 403 -8.59 4.86 -7.73
C TYR A 403 -8.95 5.99 -6.77
N GLN A 404 -8.12 6.28 -5.78
CA GLN A 404 -8.40 7.45 -4.95
C GLN A 404 -8.52 8.74 -5.76
N LEU A 405 -8.01 8.78 -7.00
CA LEU A 405 -8.03 10.01 -7.79
C LEU A 405 -9.25 10.12 -8.71
N ILE A 406 -10.31 9.35 -8.41
CA ILE A 406 -11.39 9.17 -9.38
C ILE A 406 -12.15 10.48 -9.59
N LEU A 407 -12.41 11.20 -8.50
CA LEU A 407 -13.10 12.49 -8.61
C LEU A 407 -12.29 13.55 -9.35
N PRO A 408 -11.00 13.73 -9.06
CA PRO A 408 -10.22 14.66 -9.92
C PRO A 408 -10.13 14.19 -11.36
N MET A 409 -10.08 12.88 -11.58
CA MET A 409 -10.00 12.35 -12.94
C MET A 409 -11.30 12.59 -13.70
N ILE A 410 -12.43 12.29 -13.06
CA ILE A 410 -13.73 12.62 -13.62
C ILE A 410 -13.84 14.12 -13.86
N ILE A 411 -13.46 14.93 -12.87
CA ILE A 411 -13.67 16.37 -12.93
C ILE A 411 -12.79 17.03 -14.01
N THR A 412 -11.58 16.55 -14.19
CA THR A 412 -10.81 17.05 -15.32
C THR A 412 -11.41 16.58 -16.66
N GLY A 413 -12.05 15.41 -16.67
CA GLY A 413 -12.57 14.88 -17.93
C GLY A 413 -13.78 15.63 -18.42
N LEU A 414 -14.73 15.89 -17.53
CA LEU A 414 -15.85 16.78 -17.85
C LEU A 414 -15.34 18.13 -18.26
N GLY A 415 -14.35 18.65 -17.53
CA GLY A 415 -13.76 19.90 -17.91
C GLY A 415 -13.25 19.85 -19.33
N ALA A 416 -12.52 18.79 -19.67
CA ALA A 416 -11.99 18.71 -21.02
C ALA A 416 -13.12 18.66 -22.05
N THR A 417 -14.15 17.84 -21.79
CA THR A 417 -15.13 17.60 -22.83
C THR A 417 -16.20 18.68 -22.86
N LEU A 418 -16.45 19.35 -21.73
CA LEU A 418 -17.38 20.47 -21.70
C LEU A 418 -16.79 21.68 -22.41
N LEU A 419 -15.55 22.00 -22.13
CA LEU A 419 -14.92 23.12 -22.83
C LEU A 419 -14.53 22.76 -24.27
N ALA A 420 -14.21 21.49 -24.57
CA ALA A 420 -14.01 21.12 -25.97
C ALA A 420 -15.28 21.33 -26.78
N GLN A 421 -16.43 20.93 -26.23
CA GLN A 421 -17.71 21.23 -26.85
C GLN A 421 -17.92 22.74 -26.96
N PHE A 422 -17.84 23.44 -25.82
CA PHE A 422 -18.26 24.84 -25.77
C PHE A 422 -17.40 25.78 -26.60
N THR A 423 -16.22 25.36 -27.07
CA THR A 423 -15.43 26.22 -27.93
C THR A 423 -15.43 25.71 -29.37
N GLY A 424 -16.42 24.89 -29.73
CA GLY A 424 -16.67 24.53 -31.10
C GLY A 424 -15.77 23.45 -31.65
N GLY A 425 -15.75 22.31 -31.00
CA GLY A 425 -14.82 21.28 -31.41
C GLY A 425 -15.58 20.02 -31.67
N LYS A 426 -15.01 19.15 -32.50
CA LYS A 426 -15.66 17.93 -32.91
C LYS A 426 -14.87 16.71 -32.47
N PRO A 427 -15.55 15.64 -32.02
CA PRO A 427 -14.88 14.33 -31.89
C PRO A 427 -13.88 14.01 -33.00
N LEU A 428 -12.58 13.88 -32.69
CA LEU A 428 -11.56 13.80 -33.74
C LEU A 428 -11.73 12.58 -34.65
N TYR A 429 -12.24 11.46 -34.14
CA TYR A 429 -12.45 10.33 -35.06
C TYR A 429 -13.58 10.65 -36.02
N SER A 430 -14.71 11.14 -35.48
CA SER A 430 -15.89 11.45 -36.28
C SER A 430 -15.62 12.55 -37.31
N ALA A 431 -14.78 13.53 -36.99
CA ALA A 431 -14.44 14.52 -37.98
C ALA A 431 -13.43 14.00 -39.01
N ILE A 432 -12.82 12.82 -38.78
CA ILE A 432 -11.99 12.19 -39.82
C ILE A 432 -12.84 11.30 -40.73
N LEU A 433 -13.71 10.47 -40.16
CA LEU A 433 -14.65 9.68 -40.97
C LEU A 433 -15.41 10.56 -41.95
N ALA A 434 -15.90 11.71 -41.48
CA ALA A 434 -16.75 12.57 -42.29
C ALA A 434 -15.96 13.24 -43.41
N ARG A 435 -14.75 13.73 -43.12
CA ARG A 435 -13.96 14.34 -44.20
C ARG A 435 -13.51 13.29 -45.20
N THR A 436 -13.52 12.02 -44.79
CA THR A 436 -13.19 10.91 -45.69
C THR A 436 -14.42 10.49 -46.50
N LEU A 437 -15.59 10.41 -45.85
CA LEU A 437 -16.82 10.17 -46.58
C LEU A 437 -17.16 11.33 -47.51
N ALA A 438 -16.72 12.54 -47.18
CA ALA A 438 -16.98 13.68 -48.06
C ALA A 438 -16.10 13.65 -49.29
N LYS A 439 -14.91 13.04 -49.20
CA LYS A 439 -14.09 12.82 -50.39
C LYS A 439 -14.60 11.61 -51.16
N GLN A 440 -15.21 10.66 -50.46
CA GLN A 440 -15.82 9.50 -51.10
C GLN A 440 -17.18 9.89 -51.67
N GLU A 441 -17.22 11.03 -52.35
CA GLU A 441 -18.42 11.51 -53.01
C GLU A 441 -18.00 12.57 -54.02
N ALA A 442 -17.19 13.54 -53.57
CA ALA A 442 -16.60 14.53 -54.48
C ALA A 442 -15.65 13.85 -55.47
N ARG B 1 -28.26 7.82 -46.98
CA ARG B 1 -27.80 7.99 -45.59
C ARG B 1 -26.56 8.87 -45.52
N ARG B 2 -25.53 8.53 -46.30
CA ARG B 2 -24.21 9.15 -46.22
C ARG B 2 -24.22 10.68 -46.12
N ARG B 3 -25.12 11.34 -46.85
CA ARG B 3 -25.25 12.79 -46.69
C ARG B 3 -25.65 13.16 -45.27
N GLN B 4 -26.65 12.44 -44.74
CA GLN B 4 -27.09 12.66 -43.37
C GLN B 4 -26.01 12.26 -42.37
N LEU B 5 -25.36 11.12 -42.60
CA LEU B 5 -24.27 10.70 -41.72
C LEU B 5 -23.20 11.78 -41.61
N ILE B 6 -22.66 12.24 -42.74
CA ILE B 6 -21.63 13.30 -42.70
C ILE B 6 -22.18 14.56 -42.03
N ARG B 7 -23.47 14.85 -42.26
CA ARG B 7 -24.12 15.93 -41.52
C ARG B 7 -24.11 15.64 -40.03
N GLN B 8 -24.53 14.42 -39.64
CA GLN B 8 -24.66 14.04 -38.23
C GLN B 8 -23.30 14.00 -37.50
N LEU B 9 -22.26 13.45 -38.14
CA LEU B 9 -20.95 13.36 -37.49
C LEU B 9 -20.43 14.73 -37.13
N LEU B 10 -20.57 15.70 -38.03
CA LEU B 10 -20.01 17.01 -37.74
C LEU B 10 -20.78 17.76 -36.64
N GLU B 11 -21.90 17.19 -36.18
CA GLU B 11 -22.81 17.77 -35.20
C GLU B 11 -22.98 16.91 -33.95
N ARG B 12 -22.02 16.03 -33.68
CA ARG B 12 -22.12 15.12 -32.54
C ARG B 12 -21.66 15.82 -31.26
N ASP B 13 -22.15 15.33 -30.13
CA ASP B 13 -21.80 15.78 -28.78
C ASP B 13 -21.94 17.30 -28.63
N LYS B 14 -23.22 17.75 -28.71
CA LYS B 14 -23.59 19.14 -28.50
C LYS B 14 -24.84 19.17 -27.63
N THR B 15 -24.69 18.78 -26.37
CA THR B 15 -25.83 18.76 -25.45
C THR B 15 -26.24 20.21 -25.14
N PRO B 16 -27.54 20.50 -25.11
CA PRO B 16 -27.98 21.87 -24.79
C PRO B 16 -27.49 22.29 -23.42
N LEU B 17 -26.86 23.47 -23.34
CA LEU B 17 -26.41 23.99 -22.05
C LEU B 17 -27.55 24.06 -21.05
N ALA B 18 -28.77 24.27 -21.53
CA ALA B 18 -29.93 24.20 -20.65
C ALA B 18 -29.98 22.86 -19.91
N ILE B 19 -29.79 21.76 -20.64
CA ILE B 19 -29.88 20.43 -20.03
C ILE B 19 -28.68 20.19 -19.12
N LEU B 20 -27.49 20.59 -19.56
CA LEU B 20 -26.26 20.35 -18.81
C LEU B 20 -26.30 21.08 -17.47
N PHE B 21 -26.60 22.38 -17.51
CA PHE B 21 -26.75 23.15 -16.28
C PHE B 21 -27.80 22.52 -15.37
N MET B 22 -28.90 22.04 -15.94
CA MET B 22 -29.93 21.45 -15.10
C MET B 22 -29.53 20.09 -14.56
N ALA B 23 -28.54 19.44 -15.18
CA ALA B 23 -28.06 18.17 -14.65
C ALA B 23 -27.23 18.41 -13.39
N ALA B 24 -26.43 19.48 -13.43
CA ALA B 24 -25.68 19.95 -12.25
C ALA B 24 -26.59 20.10 -11.04
N VAL B 25 -27.78 20.66 -11.22
CA VAL B 25 -28.61 20.85 -10.04
C VAL B 25 -29.32 19.55 -9.67
N VAL B 26 -29.57 18.67 -10.65
CA VAL B 26 -30.36 17.46 -10.39
C VAL B 26 -29.62 16.54 -9.43
N GLY B 27 -28.33 16.31 -9.69
CA GLY B 27 -27.54 15.40 -8.86
C GLY B 27 -27.13 16.03 -7.54
N THR B 28 -26.86 17.34 -7.54
CA THR B 28 -26.68 18.04 -6.29
C THR B 28 -27.79 17.72 -5.32
N LEU B 29 -29.04 17.84 -5.79
CA LEU B 29 -30.16 17.54 -4.91
C LEU B 29 -30.26 16.06 -4.60
N VAL B 30 -29.85 15.20 -5.54
CA VAL B 30 -29.97 13.77 -5.29
C VAL B 30 -28.92 13.32 -4.28
N GLY B 31 -27.69 13.83 -4.40
CA GLY B 31 -26.70 13.66 -3.36
C GLY B 31 -27.21 14.04 -1.98
N LEU B 32 -27.52 15.34 -1.78
CA LEU B 32 -28.10 15.81 -0.53
C LEU B 32 -29.24 14.91 -0.06
N ALA B 33 -30.13 14.56 -0.98
CA ALA B 33 -31.24 13.68 -0.64
C ALA B 33 -30.73 12.34 -0.15
N ALA B 34 -29.82 11.73 -0.91
CA ALA B 34 -29.26 10.45 -0.53
C ALA B 34 -28.46 10.59 0.75
N VAL B 35 -27.80 11.74 0.93
CA VAL B 35 -27.10 11.94 2.19
C VAL B 35 -28.12 12.11 3.32
N ALA B 36 -29.12 12.99 3.13
CA ALA B 36 -30.19 13.15 4.11
C ALA B 36 -30.88 11.82 4.42
N PHE B 37 -31.32 11.11 3.37
CA PHE B 37 -31.87 9.77 3.56
C PHE B 37 -30.95 8.91 4.42
N ASP B 38 -29.67 8.90 4.04
CA ASP B 38 -28.65 8.04 4.64
C ASP B 38 -28.44 8.37 6.12
N LYS B 39 -28.27 9.67 6.43
CA LYS B 39 -28.18 10.13 7.81
C LYS B 39 -29.39 9.69 8.62
N GLY B 40 -30.59 9.85 8.03
CA GLY B 40 -31.79 9.43 8.72
C GLY B 40 -31.77 7.96 9.09
N VAL B 41 -31.55 7.07 8.11
CA VAL B 41 -31.69 5.64 8.37
C VAL B 41 -30.77 5.22 9.50
N ALA B 42 -29.58 5.82 9.53
CA ALA B 42 -28.64 5.55 10.61
C ALA B 42 -29.17 6.05 11.94
N TRP B 43 -29.64 7.30 11.99
CA TRP B 43 -30.15 7.87 13.23
C TRP B 43 -31.17 6.95 13.90
N LEU B 44 -31.99 6.27 13.10
CA LEU B 44 -33.05 5.44 13.67
C LEU B 44 -32.52 4.12 14.21
N GLN B 45 -31.41 3.61 13.67
CA GLN B 45 -30.84 2.39 14.23
C GLN B 45 -30.07 2.65 15.51
N ASN B 46 -29.62 3.88 15.73
CA ASN B 46 -29.09 4.26 17.04
C ASN B 46 -30.19 4.19 18.10
N GLN B 47 -31.38 4.69 17.78
CA GLN B 47 -32.46 4.77 18.76
C GLN B 47 -32.95 3.39 19.15
N ARG B 48 -32.85 2.43 18.23
CA ARG B 48 -33.24 1.05 18.53
C ARG B 48 -32.17 0.35 19.36
N MET B 49 -30.90 0.74 19.17
CA MET B 49 -29.82 0.28 20.04
C MET B 49 -29.93 0.87 21.43
N GLY B 50 -30.08 2.19 21.52
CA GLY B 50 -30.28 2.85 22.80
C GLY B 50 -31.54 2.42 23.52
N ALA B 51 -32.52 1.88 22.79
CA ALA B 51 -33.71 1.32 23.41
C ALA B 51 -33.44 -0.05 24.02
N LEU B 52 -32.60 -0.87 23.38
CA LEU B 52 -32.23 -2.14 23.97
C LEU B 52 -31.36 -1.99 25.20
N VAL B 53 -30.86 -0.77 25.48
CA VAL B 53 -30.05 -0.54 26.67
C VAL B 53 -30.94 -0.28 27.89
N HIS B 54 -31.92 0.63 27.74
CA HIS B 54 -32.85 0.97 28.82
C HIS B 54 -33.68 -0.20 29.31
N THR B 55 -33.85 -1.25 28.50
CA THR B 55 -34.60 -2.45 28.88
C THR B 55 -33.80 -3.72 28.58
N ALA B 56 -32.51 -3.69 28.94
CA ALA B 56 -31.56 -4.75 28.61
C ALA B 56 -31.59 -5.93 29.58
N ASP B 57 -32.39 -5.85 30.64
CA ASP B 57 -32.38 -6.87 31.70
C ASP B 57 -33.37 -7.97 31.42
N ASN B 58 -34.62 -7.60 31.14
CA ASN B 58 -35.70 -8.54 30.88
C ASN B 58 -35.56 -9.02 29.44
N TYR B 59 -34.76 -10.07 29.26
CA TYR B 59 -34.48 -10.62 27.93
C TYR B 59 -35.74 -10.91 27.11
N PRO B 60 -36.87 -11.34 27.70
CA PRO B 60 -38.12 -11.35 26.91
C PRO B 60 -38.64 -9.97 26.56
N LEU B 61 -38.57 -9.00 27.49
CA LEU B 61 -38.93 -7.61 27.19
C LEU B 61 -37.98 -7.01 26.16
N LEU B 62 -36.72 -7.44 26.18
CA LEU B 62 -35.73 -7.02 25.19
C LEU B 62 -36.17 -7.44 23.78
N LEU B 63 -36.33 -8.76 23.56
CA LEU B 63 -36.75 -9.26 22.26
C LEU B 63 -38.02 -8.60 21.76
N THR B 64 -38.82 -8.04 22.67
CA THR B 64 -40.10 -7.45 22.30
C THR B 64 -39.96 -6.00 21.91
N VAL B 65 -39.19 -5.22 22.67
CA VAL B 65 -38.96 -3.83 22.25
C VAL B 65 -38.32 -3.81 20.87
N ALA B 66 -37.46 -4.80 20.56
CA ALA B 66 -36.91 -4.92 19.22
C ALA B 66 -38.01 -5.19 18.20
N PHE B 67 -38.83 -6.22 18.44
CA PHE B 67 -39.90 -6.58 17.50
C PHE B 67 -40.85 -5.41 17.29
N LEU B 68 -41.24 -4.74 18.36
CA LEU B 68 -42.29 -3.74 18.26
C LEU B 68 -41.76 -2.46 17.61
N CYS B 69 -40.55 -2.02 18.01
CA CYS B 69 -39.93 -0.89 17.33
C CYS B 69 -39.81 -1.16 15.83
N SER B 70 -39.55 -2.40 15.46
CA SER B 70 -39.34 -2.75 14.07
C SER B 70 -40.64 -3.09 13.34
N ALA B 71 -41.61 -3.66 14.05
CA ALA B 71 -42.96 -3.80 13.50
C ALA B 71 -43.56 -2.44 13.21
N VAL B 72 -43.41 -1.51 14.16
CA VAL B 72 -43.99 -0.17 14.07
C VAL B 72 -43.41 0.59 12.88
N LEU B 73 -42.09 0.69 12.85
CA LEU B 73 -41.44 1.36 11.73
C LEU B 73 -41.75 0.67 10.42
N ALA B 74 -41.68 -0.67 10.39
CA ALA B 74 -42.15 -1.41 9.23
C ALA B 74 -43.54 -0.94 8.81
N MET B 75 -44.52 -1.09 9.70
CA MET B 75 -45.87 -0.66 9.36
C MET B 75 -45.91 0.80 8.89
N PHE B 76 -45.14 1.67 9.55
CA PHE B 76 -45.14 3.07 9.14
C PHE B 76 -44.76 3.24 7.67
N GLY B 77 -43.92 2.36 7.14
CA GLY B 77 -43.50 2.48 5.76
C GLY B 77 -44.41 1.73 4.79
N TYR B 78 -44.83 0.53 5.17
CA TYR B 78 -45.83 -0.18 4.35
C TYR B 78 -47.03 0.71 4.09
N PHE B 79 -47.55 1.34 5.15
CA PHE B 79 -48.69 2.25 5.00
C PHE B 79 -48.36 3.41 4.06
N LEU B 80 -47.29 4.16 4.38
CA LEU B 80 -46.90 5.35 3.61
C LEU B 80 -46.90 5.11 2.11
N VAL B 81 -46.80 3.84 1.71
CA VAL B 81 -46.74 3.41 0.32
C VAL B 81 -48.14 3.12 -0.21
N ARG B 82 -48.84 2.21 0.48
CA ARG B 82 -50.15 1.77 0.00
C ARG B 82 -51.15 2.92 -0.05
N LYS B 83 -51.01 3.92 0.82
CA LYS B 83 -51.95 5.03 0.80
C LYS B 83 -51.59 6.04 -0.28
N TYR B 84 -50.35 6.57 -0.25
CA TYR B 84 -50.01 7.76 -1.03
C TYR B 84 -49.14 7.53 -2.25
N ALA B 85 -48.47 6.39 -2.36
CA ALA B 85 -47.64 6.13 -3.53
C ALA B 85 -47.48 4.63 -3.71
N PRO B 86 -48.31 4.02 -4.59
CA PRO B 86 -48.25 2.56 -4.75
C PRO B 86 -47.06 2.10 -5.59
N GLU B 87 -46.55 2.96 -6.48
CA GLU B 87 -45.44 2.61 -7.35
C GLU B 87 -44.09 2.91 -6.71
N ALA B 88 -44.09 3.30 -5.43
CA ALA B 88 -42.91 3.41 -4.59
C ALA B 88 -42.71 2.17 -3.69
N GLY B 89 -43.23 1.01 -4.11
CA GLY B 89 -42.99 -0.23 -3.42
C GLY B 89 -41.88 -1.02 -4.11
N GLY B 90 -41.21 -1.87 -3.32
CA GLY B 90 -40.05 -2.55 -3.87
C GLY B 90 -38.94 -1.59 -4.25
N SER B 91 -38.23 -1.94 -5.33
CA SER B 91 -37.04 -1.24 -5.78
C SER B 91 -37.31 0.19 -6.25
N GLY B 92 -37.96 0.34 -7.40
CA GLY B 92 -38.12 1.61 -8.09
C GLY B 92 -37.28 1.72 -9.34
N ILE B 93 -36.30 0.83 -9.46
CA ILE B 93 -35.59 0.68 -10.72
C ILE B 93 -36.56 0.26 -11.82
N PRO B 94 -37.39 -0.81 -11.64
CA PRO B 94 -38.34 -1.16 -12.71
C PRO B 94 -39.20 0.02 -13.07
N GLU B 95 -39.54 0.83 -12.06
CA GLU B 95 -40.36 2.01 -12.29
C GLU B 95 -39.62 3.06 -13.10
N ILE B 96 -38.42 3.46 -12.67
CA ILE B 96 -37.65 4.38 -13.51
C ILE B 96 -37.33 3.74 -14.86
N GLU B 97 -37.22 2.42 -14.90
CA GLU B 97 -36.97 1.76 -16.17
C GLU B 97 -38.16 1.92 -17.11
N GLY B 98 -39.36 1.56 -16.62
CA GLY B 98 -40.60 1.95 -17.26
C GLY B 98 -40.55 3.41 -17.67
N ALA B 99 -40.54 4.32 -16.68
CA ALA B 99 -40.68 5.75 -16.96
C ALA B 99 -39.72 6.26 -18.02
N LEU B 100 -38.56 5.62 -18.18
CA LEU B 100 -37.67 5.99 -19.28
C LEU B 100 -38.16 5.48 -20.63
N GLU B 101 -39.03 4.45 -20.64
CA GLU B 101 -39.74 4.04 -21.85
C GLU B 101 -40.91 4.95 -22.22
N ASP B 102 -41.22 5.95 -21.38
CA ASP B 102 -42.46 6.72 -21.49
C ASP B 102 -43.68 5.82 -21.24
N GLN B 103 -43.52 4.80 -20.41
CA GLN B 103 -44.55 3.82 -20.11
C GLN B 103 -45.08 3.90 -18.69
N ARG B 104 -44.52 4.76 -17.86
CA ARG B 104 -44.85 4.81 -16.46
C ARG B 104 -44.78 6.25 -15.99
N PRO B 105 -45.46 6.57 -14.91
CA PRO B 105 -45.46 7.95 -14.45
C PRO B 105 -44.43 8.18 -13.37
N VAL B 106 -43.85 9.37 -13.43
CA VAL B 106 -42.95 9.85 -12.39
C VAL B 106 -43.73 10.76 -11.43
N ARG B 107 -44.45 10.17 -10.49
CA ARG B 107 -45.28 10.97 -9.59
C ARG B 107 -44.46 11.51 -8.41
N TRP B 108 -43.66 12.53 -8.70
CA TRP B 108 -42.63 12.93 -7.74
C TRP B 108 -43.20 13.64 -6.53
N TRP B 109 -44.30 14.39 -6.68
CA TRP B 109 -44.93 15.01 -5.53
C TRP B 109 -45.37 13.99 -4.50
N ARG B 110 -45.68 12.76 -4.93
CA ARG B 110 -46.04 11.69 -4.02
C ARG B 110 -44.85 10.82 -3.63
N VAL B 111 -44.04 10.44 -4.62
CA VAL B 111 -43.04 9.39 -4.42
C VAL B 111 -41.86 9.90 -3.58
N LEU B 112 -41.42 11.16 -3.85
CA LEU B 112 -40.33 11.73 -3.07
C LEU B 112 -40.64 11.59 -1.58
N PRO B 113 -41.69 12.24 -1.04
CA PRO B 113 -41.94 12.06 0.40
C PRO B 113 -42.24 10.63 0.83
N VAL B 114 -42.94 9.85 0.00
CA VAL B 114 -43.31 8.49 0.41
C VAL B 114 -42.07 7.61 0.50
N LYS B 115 -41.23 7.65 -0.54
CA LYS B 115 -40.04 6.78 -0.59
C LYS B 115 -38.99 7.24 0.42
N PHE B 116 -38.88 8.55 0.62
CA PHE B 116 -37.93 9.05 1.60
C PHE B 116 -38.31 8.50 2.98
N PHE B 117 -39.42 8.99 3.54
CA PHE B 117 -39.77 8.68 4.93
C PHE B 117 -40.20 7.23 5.07
N GLY B 118 -40.94 6.71 4.09
CA GLY B 118 -41.32 5.31 4.14
C GLY B 118 -40.11 4.39 4.09
N GLY B 119 -39.09 4.81 3.35
CA GLY B 119 -37.82 4.09 3.36
C GLY B 119 -37.06 4.22 4.68
N LEU B 120 -36.96 5.45 5.22
CA LEU B 120 -36.39 5.65 6.55
C LEU B 120 -37.01 4.72 7.59
N GLY B 121 -38.29 4.35 7.37
CA GLY B 121 -38.99 3.45 8.26
C GLY B 121 -38.66 1.99 8.07
N THR B 122 -38.75 1.48 6.84
CA THR B 122 -38.45 0.07 6.61
C THR B 122 -36.99 -0.25 6.87
N LEU B 123 -36.08 0.49 6.21
CA LEU B 123 -34.64 0.33 6.40
C LEU B 123 -34.24 0.54 7.85
N GLY B 124 -34.55 1.71 8.41
CA GLY B 124 -34.17 2.06 9.78
C GLY B 124 -34.70 1.10 10.83
N GLY B 125 -35.74 0.33 10.50
CA GLY B 125 -36.23 -0.71 11.38
C GLY B 125 -35.36 -1.92 11.42
N GLY B 126 -34.56 -2.12 10.37
CA GLY B 126 -33.52 -3.12 10.39
C GLY B 126 -33.86 -4.26 9.46
N MET B 127 -34.64 -3.98 8.43
CA MET B 127 -35.04 -5.03 7.50
C MET B 127 -33.92 -5.31 6.50
N VAL B 128 -33.99 -6.49 5.89
CA VAL B 128 -33.05 -6.97 4.88
C VAL B 128 -33.37 -6.30 3.55
N LEU B 129 -33.03 -5.02 3.42
CA LEU B 129 -33.28 -4.20 2.24
C LEU B 129 -32.17 -3.15 2.14
N GLY B 130 -31.97 -2.59 0.94
CA GLY B 130 -30.92 -1.62 0.73
C GLY B 130 -31.41 -0.22 0.41
N ARG B 131 -30.45 0.71 0.32
CA ARG B 131 -30.66 2.12 0.03
C ARG B 131 -30.70 2.46 -1.46
N ALA B 132 -30.32 1.54 -2.35
CA ALA B 132 -29.89 1.92 -3.69
C ALA B 132 -31.04 2.12 -4.69
N GLY B 133 -32.01 1.22 -4.73
CA GLY B 133 -33.19 1.43 -5.52
C GLY B 133 -34.03 2.57 -4.98
N PRO B 134 -34.27 2.59 -3.64
CA PRO B 134 -34.74 3.83 -3.00
C PRO B 134 -34.08 5.09 -3.52
N THR B 135 -32.75 5.19 -3.45
CA THR B 135 -32.09 6.40 -3.92
C THR B 135 -32.09 6.52 -5.45
N VAL B 136 -32.15 5.40 -6.18
CA VAL B 136 -32.28 5.51 -7.63
C VAL B 136 -33.62 6.13 -7.99
N GLN B 137 -34.70 5.61 -7.39
CA GLN B 137 -36.02 6.17 -7.64
C GLN B 137 -36.11 7.58 -7.08
N ILE B 138 -35.82 7.75 -5.78
CA ILE B 138 -35.81 9.09 -5.20
C ILE B 138 -35.05 10.04 -6.11
N GLY B 139 -33.91 9.58 -6.63
CA GLY B 139 -33.14 10.40 -7.54
C GLY B 139 -33.82 10.56 -8.89
N GLY B 140 -34.44 9.49 -9.40
CA GLY B 140 -35.20 9.62 -10.63
C GLY B 140 -36.30 10.65 -10.52
N ASN B 141 -37.12 10.52 -9.47
CA ASN B 141 -38.21 11.45 -9.23
C ASN B 141 -37.70 12.88 -9.13
N ILE B 142 -36.67 13.08 -8.30
CA ILE B 142 -36.04 14.39 -8.12
C ILE B 142 -35.61 14.99 -9.45
N GLY B 143 -35.33 14.14 -10.45
CA GLY B 143 -34.95 14.64 -11.75
C GLY B 143 -36.14 15.04 -12.62
N ARG B 144 -37.31 14.46 -12.35
CA ARG B 144 -38.53 14.93 -12.98
C ARG B 144 -38.97 16.24 -12.38
N MET B 145 -38.94 16.33 -11.04
CA MET B 145 -39.28 17.55 -10.33
C MET B 145 -38.64 18.79 -10.96
N VAL B 146 -37.33 18.76 -11.25
CA VAL B 146 -36.71 20.02 -11.67
C VAL B 146 -37.01 20.34 -13.12
N LEU B 147 -37.37 19.31 -13.93
CA LEU B 147 -37.72 19.53 -15.34
C LEU B 147 -39.05 20.24 -15.47
N ASP B 148 -39.99 19.89 -14.58
CA ASP B 148 -41.27 20.55 -14.49
C ASP B 148 -41.11 22.00 -14.04
N ILE B 149 -40.33 22.21 -12.98
CA ILE B 149 -40.26 23.52 -12.34
C ILE B 149 -39.67 24.56 -13.28
N PHE B 150 -38.77 24.18 -14.16
CA PHE B 150 -38.22 25.14 -15.12
C PHE B 150 -38.82 25.02 -16.51
N ARG B 151 -39.81 24.14 -16.70
CA ARG B 151 -40.55 24.02 -17.95
C ARG B 151 -39.63 23.86 -19.15
N LEU B 152 -38.67 22.94 -19.04
CA LEU B 152 -37.88 22.58 -20.20
C LEU B 152 -38.67 21.60 -21.05
N LYS B 153 -38.61 21.80 -22.36
CA LYS B 153 -39.37 20.97 -23.26
C LYS B 153 -38.44 20.04 -24.03
N GLY B 154 -39.04 19.14 -24.77
CA GLY B 154 -38.28 18.16 -25.50
C GLY B 154 -38.41 16.80 -24.83
N ASP B 155 -38.28 15.75 -25.64
CA ASP B 155 -38.16 14.40 -25.11
C ASP B 155 -36.79 14.17 -24.48
N GLU B 156 -35.76 14.84 -25.00
CA GLU B 156 -34.41 14.74 -24.46
C GLU B 156 -34.37 15.14 -22.99
N ALA B 157 -34.83 16.36 -22.70
CA ALA B 157 -34.78 16.86 -21.33
C ALA B 157 -35.49 15.91 -20.35
N ARG B 158 -36.68 15.41 -20.69
CA ARG B 158 -37.35 14.47 -19.79
C ARG B 158 -36.60 13.16 -19.67
N HIS B 159 -35.96 12.71 -20.73
CA HIS B 159 -35.23 11.44 -20.65
C HIS B 159 -33.86 11.63 -20.02
N THR B 160 -33.12 12.66 -20.41
CA THR B 160 -31.82 12.94 -19.80
C THR B 160 -31.97 13.18 -18.30
N LEU B 161 -32.74 14.21 -17.91
CA LEU B 161 -32.86 14.54 -16.48
C LEU B 161 -33.41 13.38 -15.68
N LEU B 162 -34.31 12.57 -16.24
CA LEU B 162 -34.74 11.41 -15.47
C LEU B 162 -33.59 10.45 -15.26
N ALA B 163 -32.71 10.37 -16.26
CA ALA B 163 -31.63 9.40 -16.29
C ALA B 163 -30.48 9.84 -15.40
N THR B 164 -30.10 11.12 -15.47
CA THR B 164 -29.00 11.57 -14.62
C THR B 164 -29.42 11.50 -13.16
N GLY B 165 -30.68 11.80 -12.88
CA GLY B 165 -31.15 11.68 -11.51
C GLY B 165 -31.06 10.26 -10.97
N ALA B 166 -31.33 9.27 -11.80
CA ALA B 166 -31.28 7.90 -11.27
C ALA B 166 -29.84 7.38 -11.18
N ALA B 167 -28.97 7.86 -12.08
CA ALA B 167 -27.55 7.55 -12.00
C ALA B 167 -26.91 8.20 -10.78
N ALA B 168 -26.99 9.53 -10.67
CA ALA B 168 -26.50 10.23 -9.48
C ALA B 168 -27.12 9.69 -8.19
N GLY B 169 -28.24 8.98 -8.30
CA GLY B 169 -28.85 8.36 -7.14
C GLY B 169 -28.16 7.08 -6.74
N LEU B 170 -27.75 6.27 -7.73
CA LEU B 170 -26.94 5.08 -7.46
C LEU B 170 -25.52 5.45 -6.99
N ALA B 171 -24.93 6.50 -7.60
CA ALA B 171 -23.68 7.03 -7.10
C ALA B 171 -23.72 7.22 -5.59
N ALA B 172 -24.48 8.22 -5.14
CA ALA B 172 -24.49 8.58 -3.73
C ALA B 172 -24.79 7.41 -2.82
N ALA B 173 -25.38 6.34 -3.32
CA ALA B 173 -25.71 5.24 -2.43
C ALA B 173 -24.54 4.29 -2.18
N PHE B 174 -23.58 4.25 -3.10
CA PHE B 174 -22.41 3.39 -2.95
C PHE B 174 -21.11 4.16 -3.03
N ASN B 175 -21.16 5.48 -3.16
CA ASN B 175 -19.99 6.31 -3.40
C ASN B 175 -19.23 5.79 -4.62
N ALA B 176 -19.97 5.63 -5.71
CA ALA B 176 -19.52 4.89 -6.88
C ALA B 176 -19.87 5.66 -8.14
N PRO B 177 -19.16 6.76 -8.42
CA PRO B 177 -19.45 7.51 -9.66
C PRO B 177 -19.46 6.67 -10.95
N LEU B 178 -18.45 5.83 -11.21
CA LEU B 178 -18.45 5.03 -12.44
C LEU B 178 -19.63 4.07 -12.46
N ALA B 179 -19.94 3.42 -11.35
CA ALA B 179 -21.06 2.48 -11.34
C ALA B 179 -22.40 3.20 -11.59
N GLY B 180 -22.50 4.45 -11.17
CA GLY B 180 -23.61 5.30 -11.52
C GLY B 180 -23.81 5.43 -13.01
N ILE B 181 -22.87 6.08 -13.71
CA ILE B 181 -22.97 6.22 -15.17
C ILE B 181 -23.17 4.86 -15.86
N LEU B 182 -22.40 3.84 -15.46
CA LEU B 182 -22.50 2.59 -16.22
C LEU B 182 -23.81 1.87 -15.98
N PHE B 183 -24.57 2.21 -14.92
CA PHE B 183 -25.86 1.54 -14.75
C PHE B 183 -26.87 2.07 -15.74
N ILE B 184 -26.85 3.37 -15.99
CA ILE B 184 -27.76 3.95 -16.98
C ILE B 184 -27.42 3.47 -18.38
N ILE B 185 -26.12 3.34 -18.68
CA ILE B 185 -25.72 2.95 -20.02
C ILE B 185 -26.02 1.47 -20.30
N GLU B 186 -25.96 0.62 -19.28
CA GLU B 186 -26.06 -0.83 -19.44
C GLU B 186 -27.41 -1.41 -19.07
N GLU B 187 -28.16 -0.79 -18.17
CA GLU B 187 -29.32 -1.53 -17.69
C GLU B 187 -30.62 -0.75 -17.70
N MET B 188 -30.55 0.56 -17.46
CA MET B 188 -31.80 1.26 -17.27
C MET B 188 -32.28 1.95 -18.53
N ARG B 189 -31.39 2.23 -19.47
CA ARG B 189 -31.78 2.92 -20.69
C ARG B 189 -32.77 2.05 -21.47
N PRO B 190 -33.71 2.70 -22.26
CA PRO B 190 -34.52 1.93 -23.23
C PRO B 190 -33.68 0.92 -23.98
N GLN B 191 -34.03 -0.34 -23.80
CA GLN B 191 -33.12 -1.39 -24.19
C GLN B 191 -33.25 -1.79 -25.66
N PHE B 192 -34.32 -1.36 -26.34
CA PHE B 192 -34.61 -1.90 -27.65
C PHE B 192 -34.77 -0.83 -28.72
N ARG B 193 -34.67 0.45 -28.38
CA ARG B 193 -34.64 1.47 -29.42
C ARG B 193 -33.70 2.58 -28.99
N TYR B 194 -33.31 3.41 -29.95
CA TYR B 194 -32.50 4.60 -29.69
C TYR B 194 -33.16 5.49 -28.65
N THR B 195 -32.38 6.44 -28.12
CA THR B 195 -32.86 7.41 -27.13
C THR B 195 -31.95 8.64 -27.13
N LEU B 196 -32.50 9.74 -26.63
CA LEU B 196 -31.74 10.98 -26.62
C LEU B 196 -31.19 11.30 -25.24
N ILE B 197 -30.82 10.28 -24.47
CA ILE B 197 -30.12 10.52 -23.22
C ILE B 197 -28.73 11.07 -23.50
N SER B 198 -28.32 12.07 -22.72
CA SER B 198 -27.03 12.73 -22.92
C SER B 198 -26.03 12.19 -21.91
N ILE B 199 -24.94 11.60 -22.42
CA ILE B 199 -23.97 10.99 -21.53
C ILE B 199 -23.25 12.05 -20.72
N LYS B 200 -22.87 13.14 -21.38
CA LYS B 200 -22.28 14.25 -20.65
C LYS B 200 -23.19 14.74 -19.55
N ALA B 201 -24.48 14.88 -19.85
CA ALA B 201 -25.38 15.34 -18.82
C ALA B 201 -25.61 14.30 -17.73
N VAL B 202 -25.46 13.01 -18.01
CA VAL B 202 -25.50 12.05 -16.91
C VAL B 202 -24.23 12.15 -16.09
N PHE B 203 -23.12 12.50 -16.75
CA PHE B 203 -21.82 12.58 -16.11
C PHE B 203 -21.82 13.69 -15.06
N ILE B 204 -21.96 14.96 -15.52
CA ILE B 204 -22.10 16.17 -14.69
C ILE B 204 -22.96 15.94 -13.44
N GLY B 205 -24.03 15.17 -13.57
CA GLY B 205 -24.88 14.93 -12.42
C GLY B 205 -24.33 13.87 -11.49
N VAL B 206 -23.63 12.87 -12.05
CA VAL B 206 -23.08 11.85 -11.17
C VAL B 206 -21.93 12.45 -10.38
N ILE B 207 -21.23 13.43 -10.94
CA ILE B 207 -20.21 14.15 -10.20
C ILE B 207 -20.84 14.83 -9.00
N MET B 208 -21.79 15.75 -9.26
CA MET B 208 -22.36 16.59 -8.21
C MET B 208 -22.99 15.76 -7.10
N SER B 209 -23.61 14.64 -7.44
CA SER B 209 -24.13 13.81 -6.36
C SER B 209 -23.01 13.15 -5.56
N THR B 210 -21.86 12.88 -6.20
CA THR B 210 -20.79 12.19 -5.48
C THR B 210 -20.01 13.16 -4.59
N ILE B 211 -19.71 14.35 -5.12
CA ILE B 211 -19.21 15.44 -4.27
C ILE B 211 -20.06 15.56 -3.02
N MET B 212 -21.37 15.79 -3.19
CA MET B 212 -22.27 15.93 -2.05
C MET B 212 -22.13 14.77 -1.08
N TYR B 213 -22.05 13.54 -1.56
CA TYR B 213 -21.79 12.44 -0.62
C TYR B 213 -20.46 12.63 0.09
N ARG B 214 -19.42 13.06 -0.64
CA ARG B 214 -18.10 13.18 -0.03
C ARG B 214 -18.01 14.36 0.93
N ILE B 215 -18.88 15.36 0.80
CA ILE B 215 -18.79 16.46 1.75
C ILE B 215 -19.36 16.07 3.09
N PHE B 216 -20.24 15.08 3.14
CA PHE B 216 -20.95 14.71 4.35
C PHE B 216 -20.58 13.32 4.86
N ASN B 217 -19.45 12.76 4.40
CA ASN B 217 -19.09 11.38 4.75
C ASN B 217 -17.63 10.95 4.64
N HIS B 218 -16.77 11.79 4.06
CA HIS B 218 -15.47 11.33 3.57
C HIS B 218 -14.62 10.68 4.68
N GLU B 219 -13.55 10.01 4.24
CA GLU B 219 -12.50 9.35 5.02
C GLU B 219 -12.92 7.98 5.59
N VAL B 220 -14.17 7.53 5.41
CA VAL B 220 -14.58 6.19 5.80
C VAL B 220 -15.30 5.53 4.63
N ALA B 221 -14.90 4.30 4.29
CA ALA B 221 -15.46 3.56 3.15
C ALA B 221 -16.51 2.55 3.63
N LEU B 222 -17.48 2.27 2.75
CA LEU B 222 -18.58 1.37 3.08
C LEU B 222 -18.10 -0.05 3.29
N ILE B 223 -17.23 -0.51 2.40
CA ILE B 223 -16.54 -1.77 2.54
C ILE B 223 -15.06 -1.46 2.49
N ASP B 224 -14.33 -1.84 3.54
CA ASP B 224 -12.87 -1.85 3.50
C ASP B 224 -12.37 -3.27 3.73
N VAL B 225 -11.66 -3.79 2.73
CA VAL B 225 -11.34 -5.20 2.65
C VAL B 225 -9.86 -5.45 2.49
N GLY B 226 -9.04 -4.39 2.47
CA GLY B 226 -7.60 -4.56 2.35
C GLY B 226 -7.14 -4.85 0.94
N LYS B 227 -5.83 -4.99 0.76
CA LYS B 227 -5.29 -5.41 -0.52
C LYS B 227 -5.11 -6.92 -0.44
N LEU B 228 -5.73 -7.65 -1.37
CA LEU B 228 -5.70 -9.11 -1.34
C LEU B 228 -4.68 -9.63 -2.35
N SER B 229 -4.51 -10.94 -2.41
CA SER B 229 -3.52 -11.48 -3.33
C SER B 229 -3.96 -11.34 -4.79
N ASP B 230 -2.97 -11.34 -5.67
CA ASP B 230 -3.23 -11.46 -7.08
C ASP B 230 -3.74 -12.86 -7.31
N ALA B 231 -4.13 -13.13 -8.57
CA ALA B 231 -4.56 -14.46 -9.00
C ALA B 231 -3.69 -14.95 -10.16
N PRO B 232 -2.86 -15.96 -9.92
CA PRO B 232 -2.19 -16.68 -11.02
C PRO B 232 -3.12 -17.09 -12.15
N LEU B 233 -2.60 -17.05 -13.39
CA LEU B 233 -3.42 -17.41 -14.55
C LEU B 233 -3.88 -18.86 -14.49
N ASN B 234 -3.10 -19.72 -13.85
CA ASN B 234 -3.49 -21.14 -13.73
C ASN B 234 -4.61 -21.37 -12.71
N THR B 235 -5.09 -20.28 -12.11
CA THR B 235 -6.19 -20.22 -11.16
C THR B 235 -7.48 -19.69 -11.77
N LEU B 236 -7.40 -19.05 -12.96
CA LEU B 236 -8.55 -18.35 -13.54
C LEU B 236 -9.74 -19.28 -13.71
N TRP B 237 -9.51 -20.52 -14.16
CA TRP B 237 -10.62 -21.45 -14.41
C TRP B 237 -11.48 -21.66 -13.18
N LEU B 238 -10.90 -21.54 -11.98
CA LEU B 238 -11.70 -21.65 -10.77
C LEU B 238 -12.77 -20.56 -10.72
N TYR B 239 -12.48 -19.38 -11.25
CA TYR B 239 -13.47 -18.31 -11.25
C TYR B 239 -14.53 -18.53 -12.32
N LEU B 240 -14.20 -19.27 -13.37
CA LEU B 240 -15.21 -19.60 -14.37
C LEU B 240 -16.21 -20.60 -13.81
N ILE B 241 -15.74 -21.54 -12.98
CA ILE B 241 -16.65 -22.49 -12.35
C ILE B 241 -17.51 -21.80 -11.30
N LEU B 242 -16.94 -20.80 -10.61
CA LEU B 242 -17.73 -20.02 -9.65
C LEU B 242 -18.80 -19.19 -10.35
N GLY B 243 -18.48 -18.63 -11.52
CA GLY B 243 -19.51 -17.94 -12.31
C GLY B 243 -20.64 -18.86 -12.77
N ILE B 244 -20.30 -20.11 -13.13
CA ILE B 244 -21.29 -21.08 -13.56
C ILE B 244 -22.27 -21.40 -12.43
N ILE B 245 -21.77 -21.45 -11.19
CA ILE B 245 -22.66 -21.70 -10.05
C ILE B 245 -23.62 -20.54 -9.83
N PHE B 246 -23.10 -19.30 -9.81
CA PHE B 246 -23.97 -18.13 -9.77
C PHE B 246 -24.91 -18.11 -10.97
N GLY B 247 -24.43 -18.51 -12.15
CA GLY B 247 -25.26 -18.49 -13.34
C GLY B 247 -26.47 -19.41 -13.27
N ILE B 248 -26.36 -20.55 -12.58
CA ILE B 248 -27.51 -21.47 -12.54
C ILE B 248 -28.39 -21.19 -11.31
N PHE B 249 -27.80 -20.73 -10.20
CA PHE B 249 -28.57 -20.29 -9.06
C PHE B 249 -29.21 -18.92 -9.28
N GLY B 250 -28.68 -18.11 -10.19
CA GLY B 250 -29.22 -16.81 -10.47
C GLY B 250 -30.71 -16.81 -10.77
N PRO B 251 -31.14 -17.51 -11.83
CA PRO B 251 -32.57 -17.49 -12.19
C PRO B 251 -33.47 -18.12 -11.13
N ILE B 252 -32.96 -19.10 -10.39
CA ILE B 252 -33.71 -19.72 -9.32
C ILE B 252 -34.05 -18.70 -8.25
N PHE B 253 -33.10 -17.84 -7.90
CA PHE B 253 -33.38 -16.74 -6.98
C PHE B 253 -34.36 -15.77 -7.61
N ASN B 254 -34.29 -15.59 -8.93
CA ASN B 254 -35.26 -14.73 -9.63
C ASN B 254 -36.66 -15.31 -9.63
N LYS B 255 -36.79 -16.63 -9.84
CA LYS B 255 -38.11 -17.23 -9.76
C LYS B 255 -38.67 -17.07 -8.36
N TRP B 256 -37.81 -17.15 -7.35
CA TRP B 256 -38.27 -17.05 -5.96
C TRP B 256 -38.68 -15.62 -5.61
N VAL B 257 -37.98 -14.61 -6.12
CA VAL B 257 -38.38 -13.24 -5.78
C VAL B 257 -39.75 -12.93 -6.38
N LEU B 258 -39.96 -13.33 -7.64
CA LEU B 258 -41.27 -13.16 -8.25
C LEU B 258 -42.31 -14.06 -7.58
N GLY B 259 -41.98 -15.34 -7.39
CA GLY B 259 -42.92 -16.27 -6.78
C GLY B 259 -43.38 -15.90 -5.38
N MET B 260 -42.51 -15.31 -4.58
CA MET B 260 -42.93 -14.93 -3.25
C MET B 260 -43.67 -13.58 -3.23
N GLN B 261 -43.51 -12.74 -4.26
CA GLN B 261 -44.38 -11.57 -4.37
C GLN B 261 -45.83 -12.01 -4.54
N ASP B 262 -46.03 -13.12 -5.26
CA ASP B 262 -47.35 -13.71 -5.41
C ASP B 262 -47.84 -14.30 -4.09
N LEU B 263 -46.97 -15.05 -3.39
CA LEU B 263 -47.38 -15.71 -2.15
C LEU B 263 -47.69 -14.71 -1.04
N LEU B 264 -46.99 -13.58 -0.99
CA LEU B 264 -47.28 -12.61 0.05
C LEU B 264 -48.50 -11.77 -0.29
N HIS B 265 -48.89 -11.75 -1.58
CA HIS B 265 -50.12 -11.11 -2.04
C HIS B 265 -51.36 -11.93 -1.70
N ARG B 266 -51.29 -13.27 -1.84
CA ARG B 266 -52.38 -14.12 -1.37
C ARG B 266 -52.71 -13.87 0.10
N VAL B 267 -51.69 -13.67 0.92
CA VAL B 267 -51.91 -13.46 2.35
C VAL B 267 -52.81 -12.25 2.60
N HIS B 268 -52.57 -11.14 1.92
CA HIS B 268 -53.37 -9.96 2.19
C HIS B 268 -54.31 -9.55 1.05
N GLY B 269 -54.38 -10.32 -0.03
CA GLY B 269 -55.36 -10.06 -1.08
C GLY B 269 -55.19 -8.78 -1.87
N GLY B 270 -54.73 -7.72 -1.21
CA GLY B 270 -54.48 -6.44 -1.85
C GLY B 270 -54.89 -5.35 -0.90
N ASN B 271 -55.33 -5.79 0.27
CA ASN B 271 -56.00 -4.90 1.21
C ASN B 271 -54.97 -4.14 2.06
N ILE B 272 -55.00 -2.81 1.95
CA ILE B 272 -54.09 -1.89 2.61
C ILE B 272 -54.02 -2.14 4.12
N THR B 273 -54.99 -2.84 4.69
CA THR B 273 -54.91 -3.11 6.13
C THR B 273 -54.22 -4.45 6.41
N LYS B 274 -54.63 -5.51 5.72
CA LYS B 274 -53.97 -6.79 5.89
C LYS B 274 -52.50 -6.71 5.52
N TRP B 275 -52.19 -6.00 4.42
CA TRP B 275 -50.82 -5.85 3.93
C TRP B 275 -49.91 -5.32 5.04
N VAL B 276 -50.27 -4.17 5.60
CA VAL B 276 -49.39 -3.45 6.52
C VAL B 276 -49.08 -4.29 7.75
N LEU B 277 -50.07 -5.00 8.28
CA LEU B 277 -49.84 -5.85 9.45
C LEU B 277 -48.82 -6.95 9.13
N MET B 278 -48.90 -7.50 7.93
CA MET B 278 -47.89 -8.47 7.51
C MET B 278 -46.50 -7.84 7.61
N GLY B 279 -46.35 -6.60 7.12
CA GLY B 279 -45.06 -5.95 7.10
C GLY B 279 -44.51 -5.62 8.47
N GLY B 280 -45.38 -5.46 9.45
CA GLY B 280 -44.94 -5.33 10.83
C GLY B 280 -44.49 -6.65 11.43
N ALA B 281 -45.01 -7.76 10.90
CA ALA B 281 -44.53 -9.06 11.37
C ALA B 281 -43.18 -9.39 10.76
N ILE B 282 -43.05 -9.18 9.44
CA ILE B 282 -41.75 -9.32 8.78
C ILE B 282 -40.78 -8.28 9.32
N GLY B 283 -41.21 -7.01 9.30
CA GLY B 283 -40.41 -5.96 9.92
C GLY B 283 -40.06 -6.25 11.37
N GLY B 284 -41.01 -6.79 12.13
CA GLY B 284 -40.71 -7.11 13.51
C GLY B 284 -39.85 -8.35 13.63
N LEU B 285 -40.02 -9.31 12.72
CA LEU B 285 -39.17 -10.50 12.73
C LEU B 285 -37.72 -10.13 12.52
N CYS B 286 -37.45 -9.21 11.59
CA CYS B 286 -36.07 -8.82 11.30
C CYS B 286 -35.46 -8.07 12.46
N GLY B 287 -36.17 -7.07 12.99
CA GLY B 287 -35.67 -6.32 14.13
C GLY B 287 -35.46 -7.16 15.37
N LEU B 288 -36.09 -8.34 15.40
CA LEU B 288 -35.83 -9.38 16.39
C LEU B 288 -34.63 -10.23 15.99
N LEU B 289 -34.56 -10.69 14.73
CA LEU B 289 -33.35 -11.30 14.20
C LEU B 289 -32.15 -10.37 14.34
N GLY B 290 -32.36 -9.05 14.24
CA GLY B 290 -31.27 -8.10 14.39
C GLY B 290 -30.53 -8.22 15.71
N PHE B 291 -31.21 -8.75 16.74
CA PHE B 291 -30.58 -8.93 18.04
C PHE B 291 -30.14 -10.36 18.31
N VAL B 292 -30.89 -11.37 17.85
CA VAL B 292 -30.54 -12.75 18.17
C VAL B 292 -29.59 -13.39 17.16
N ALA B 293 -29.17 -12.65 16.12
CA ALA B 293 -28.29 -13.14 15.06
C ALA B 293 -28.07 -12.06 14.00
N PRO B 294 -27.33 -10.99 14.31
CA PRO B 294 -27.27 -9.85 13.38
C PRO B 294 -26.90 -10.20 11.93
N ALA B 295 -26.26 -11.35 11.71
CA ALA B 295 -25.87 -11.73 10.36
C ALA B 295 -27.05 -12.13 9.48
N THR B 296 -28.15 -12.58 10.07
CA THR B 296 -29.34 -13.02 9.35
C THR B 296 -30.28 -11.88 8.96
N SER B 297 -29.94 -10.65 9.35
CA SER B 297 -30.83 -9.53 9.21
C SER B 297 -30.00 -8.32 8.78
N GLY B 298 -30.70 -7.23 8.45
CA GLY B 298 -30.06 -5.96 8.22
C GLY B 298 -29.52 -5.82 6.81
N GLY B 299 -29.03 -4.59 6.52
CA GLY B 299 -28.47 -4.30 5.20
C GLY B 299 -27.45 -5.32 4.75
N GLY B 300 -26.65 -5.82 5.69
CA GLY B 300 -25.72 -6.91 5.42
C GLY B 300 -24.31 -6.48 5.09
N PHE B 301 -24.07 -5.18 4.97
CA PHE B 301 -22.72 -4.72 4.64
C PHE B 301 -21.74 -4.95 5.77
N ASN B 302 -22.20 -5.01 7.02
CA ASN B 302 -21.28 -5.26 8.12
C ASN B 302 -20.57 -6.60 7.95
N LEU B 303 -21.25 -7.59 7.37
CA LEU B 303 -20.66 -8.91 7.27
C LEU B 303 -19.86 -9.11 5.99
N ILE B 304 -19.73 -8.11 5.13
CA ILE B 304 -18.93 -8.34 3.94
C ILE B 304 -17.44 -8.29 4.27
N PRO B 305 -16.87 -7.22 4.88
CA PRO B 305 -15.47 -7.31 5.36
C PRO B 305 -15.16 -8.57 6.17
N ILE B 306 -16.00 -8.87 7.16
CA ILE B 306 -15.83 -10.06 7.98
C ILE B 306 -15.76 -11.32 7.12
N ALA B 307 -16.58 -11.41 6.08
CA ALA B 307 -16.70 -12.66 5.34
C ALA B 307 -15.55 -12.86 4.37
N THR B 308 -15.07 -11.76 3.75
CA THR B 308 -13.90 -11.80 2.87
C THR B 308 -12.64 -12.22 3.62
N ALA B 309 -12.42 -11.67 4.82
CA ALA B 309 -11.26 -12.00 5.64
C ALA B 309 -11.31 -13.44 6.12
N GLY B 310 -12.21 -14.24 5.53
CA GLY B 310 -12.38 -15.66 5.79
C GLY B 310 -12.52 -16.01 7.26
N ASN B 311 -13.07 -15.06 8.02
CA ASN B 311 -13.33 -15.16 9.45
C ASN B 311 -14.54 -16.04 9.81
N PHE B 312 -15.28 -16.55 8.82
CA PHE B 312 -16.43 -17.40 9.11
C PHE B 312 -16.02 -18.85 8.86
N SER B 313 -16.65 -19.76 9.60
CA SER B 313 -16.54 -21.18 9.31
C SER B 313 -17.48 -21.56 8.17
N MET B 314 -17.19 -22.71 7.55
CA MET B 314 -18.03 -23.19 6.45
C MET B 314 -19.46 -23.37 6.92
N GLY B 315 -19.65 -23.79 8.17
CA GLY B 315 -21.01 -23.98 8.69
C GLY B 315 -21.79 -22.69 8.82
N MET B 316 -21.17 -21.67 9.46
CA MET B 316 -21.85 -20.38 9.67
C MET B 316 -22.15 -19.71 8.33
N LEU B 317 -21.27 -19.86 7.35
CA LEU B 317 -21.49 -19.29 6.02
C LEU B 317 -22.71 -19.92 5.36
N VAL B 318 -22.76 -21.25 5.39
CA VAL B 318 -23.92 -21.97 4.86
C VAL B 318 -25.18 -21.49 5.54
N PHE B 319 -25.12 -21.31 6.86
CA PHE B 319 -26.22 -20.76 7.62
C PHE B 319 -26.61 -19.38 7.11
N ILE B 320 -25.68 -18.43 7.20
CA ILE B 320 -25.97 -17.06 6.80
C ILE B 320 -26.52 -17.01 5.38
N PHE B 321 -26.06 -17.91 4.52
CA PHE B 321 -26.51 -17.87 3.13
C PHE B 321 -27.97 -18.32 3.00
N VAL B 322 -28.33 -19.44 3.62
CA VAL B 322 -29.73 -19.88 3.58
C VAL B 322 -30.62 -18.88 4.31
N ALA B 323 -30.21 -18.50 5.54
CA ALA B 323 -30.97 -17.56 6.37
C ALA B 323 -31.20 -16.25 5.63
N ARG B 324 -30.16 -15.74 4.97
CA ARG B 324 -30.31 -14.48 4.27
C ARG B 324 -30.95 -14.63 2.89
N VAL B 325 -30.92 -15.82 2.27
CA VAL B 325 -31.78 -16.02 1.11
C VAL B 325 -33.24 -15.90 1.53
N ILE B 326 -33.56 -16.41 2.72
CA ILE B 326 -34.89 -16.28 3.28
C ILE B 326 -35.16 -14.81 3.61
N THR B 327 -34.47 -14.24 4.59
CA THR B 327 -34.91 -12.93 5.07
C THR B 327 -34.78 -11.85 4.00
N THR B 328 -34.01 -12.08 2.93
CA THR B 328 -33.99 -11.12 1.82
C THR B 328 -35.28 -11.18 1.01
N LEU B 329 -35.73 -12.38 0.66
CA LEU B 329 -36.99 -12.52 -0.06
C LEU B 329 -38.18 -12.08 0.78
N LEU B 330 -38.18 -12.41 2.09
CA LEU B 330 -39.31 -12.05 2.94
C LEU B 330 -39.50 -10.55 2.97
N CYS B 331 -38.43 -9.79 2.81
CA CYS B 331 -38.55 -8.34 2.84
C CYS B 331 -38.81 -7.73 1.46
N PHE B 332 -38.12 -8.18 0.42
CA PHE B 332 -38.32 -7.55 -0.88
C PHE B 332 -39.62 -8.00 -1.52
N SER B 333 -39.91 -9.29 -1.47
CA SER B 333 -41.13 -9.81 -2.06
C SER B 333 -42.38 -9.46 -1.25
N SER B 334 -42.22 -8.96 -0.01
CA SER B 334 -43.39 -8.48 0.74
C SER B 334 -43.87 -7.12 0.23
N GLY B 335 -43.04 -6.40 -0.52
CA GLY B 335 -43.45 -5.15 -1.10
C GLY B 335 -42.98 -3.93 -0.33
N ALA B 336 -42.43 -4.11 0.87
CA ALA B 336 -41.79 -3.03 1.62
C ALA B 336 -40.85 -2.24 0.70
N PRO B 337 -40.84 -0.91 0.78
CA PRO B 337 -40.00 -0.11 -0.12
C PRO B 337 -38.51 -0.23 0.24
N GLY B 338 -37.69 -0.53 -0.76
CA GLY B 338 -36.29 -0.76 -0.49
C GLY B 338 -35.80 -1.81 -1.42
N GLY B 339 -34.48 -2.03 -1.54
CA GLY B 339 -33.94 -2.79 -2.64
C GLY B 339 -33.33 -4.15 -2.29
N ILE B 340 -33.01 -4.88 -3.35
CA ILE B 340 -32.46 -6.23 -3.22
C ILE B 340 -31.02 -6.31 -3.76
N PHE B 341 -30.52 -5.25 -4.38
CA PHE B 341 -29.19 -5.16 -4.98
C PHE B 341 -28.07 -5.23 -3.95
N ALA B 342 -28.15 -4.43 -2.88
CA ALA B 342 -27.16 -4.56 -1.82
C ALA B 342 -27.26 -5.92 -1.12
N PRO B 343 -28.42 -6.39 -0.68
CA PRO B 343 -28.46 -7.71 -0.01
C PRO B 343 -28.05 -8.85 -0.92
N MET B 344 -28.04 -8.62 -2.24
CA MET B 344 -27.41 -9.54 -3.16
C MET B 344 -25.89 -9.40 -3.12
N LEU B 345 -25.36 -8.18 -2.94
CA LEU B 345 -23.92 -8.02 -2.74
C LEU B 345 -23.47 -8.86 -1.57
N ALA B 346 -24.23 -8.84 -0.48
CA ALA B 346 -23.85 -9.67 0.65
C ALA B 346 -24.15 -11.14 0.39
N LEU B 347 -25.08 -11.46 -0.51
CA LEU B 347 -25.26 -12.87 -0.84
C LEU B 347 -24.06 -13.39 -1.61
N GLY B 348 -23.64 -12.63 -2.63
CA GLY B 348 -22.51 -13.07 -3.45
C GLY B 348 -21.22 -13.16 -2.66
N THR B 349 -20.96 -12.15 -1.82
CA THR B 349 -19.83 -12.20 -0.88
C THR B 349 -19.83 -13.51 -0.09
N VAL B 350 -20.98 -13.90 0.46
CA VAL B 350 -20.97 -15.08 1.31
C VAL B 350 -20.88 -16.34 0.46
N LEU B 351 -21.59 -16.38 -0.67
CA LEU B 351 -21.44 -17.53 -1.55
C LEU B 351 -20.00 -17.68 -2.03
N GLY B 352 -19.35 -16.57 -2.40
CA GLY B 352 -17.98 -16.66 -2.91
C GLY B 352 -16.99 -17.22 -1.90
N THR B 353 -16.95 -16.63 -0.69
CA THR B 353 -16.05 -17.08 0.37
C THR B 353 -16.14 -18.57 0.62
N ALA B 354 -17.35 -19.12 0.68
CA ALA B 354 -17.49 -20.56 0.84
C ALA B 354 -16.74 -21.31 -0.27
N PHE B 355 -17.13 -21.06 -1.53
CA PHE B 355 -16.42 -21.59 -2.69
C PHE B 355 -14.92 -21.44 -2.54
N GLY B 356 -14.49 -20.29 -1.98
CA GLY B 356 -13.07 -20.02 -1.83
C GLY B 356 -12.42 -20.91 -0.77
N MET B 357 -13.04 -21.01 0.40
CA MET B 357 -12.62 -22.01 1.39
C MET B 357 -12.60 -23.42 0.83
N VAL B 358 -13.36 -23.69 -0.23
CA VAL B 358 -13.36 -25.05 -0.77
C VAL B 358 -12.18 -25.26 -1.68
N ALA B 359 -11.80 -24.21 -2.44
CA ALA B 359 -10.61 -24.27 -3.28
C ALA B 359 -9.33 -24.29 -2.46
N VAL B 360 -9.28 -23.53 -1.35
CA VAL B 360 -8.13 -23.57 -0.45
C VAL B 360 -7.75 -25.00 -0.09
N GLU B 361 -8.74 -25.83 0.26
CA GLU B 361 -8.44 -27.20 0.67
C GLU B 361 -8.19 -28.15 -0.49
N LEU B 362 -8.81 -27.91 -1.66
CA LEU B 362 -8.58 -28.80 -2.80
C LEU B 362 -7.26 -28.52 -3.51
N PHE B 363 -6.80 -27.27 -3.56
CA PHE B 363 -5.63 -26.88 -4.34
C PHE B 363 -4.71 -26.10 -3.42
N PRO B 364 -3.89 -26.81 -2.62
CA PRO B 364 -2.81 -26.12 -1.91
C PRO B 364 -1.75 -25.54 -2.85
N GLN B 365 -1.56 -26.17 -4.03
CA GLN B 365 -0.57 -25.70 -4.98
C GLN B 365 -0.92 -24.35 -5.59
N TYR B 366 -2.18 -23.93 -5.51
CA TYR B 366 -2.56 -22.61 -6.00
C TYR B 366 -2.33 -21.49 -4.97
N HIS B 367 -2.10 -21.85 -3.69
CA HIS B 367 -1.79 -20.86 -2.66
C HIS B 367 -2.86 -19.77 -2.60
N LEU B 368 -4.13 -20.20 -2.51
CA LEU B 368 -5.28 -19.33 -2.69
C LEU B 368 -5.63 -18.56 -1.43
N GLU B 369 -6.27 -17.42 -1.61
CA GLU B 369 -6.88 -16.68 -0.52
C GLU B 369 -8.38 -16.77 -0.77
N ALA B 370 -9.15 -17.18 0.25
CA ALA B 370 -10.59 -17.33 0.04
C ALA B 370 -11.22 -16.00 -0.35
N GLY B 371 -10.79 -14.93 0.32
CA GLY B 371 -11.22 -13.59 -0.04
C GLY B 371 -11.27 -13.25 -1.51
N THR B 372 -10.26 -13.67 -2.29
CA THR B 372 -10.32 -13.34 -3.72
C THR B 372 -11.60 -13.88 -4.33
N PHE B 373 -12.06 -15.03 -3.87
CA PHE B 373 -13.30 -15.56 -4.42
C PHE B 373 -14.53 -14.83 -3.88
N ALA B 374 -14.46 -14.30 -2.65
CA ALA B 374 -15.51 -13.42 -2.17
C ALA B 374 -15.66 -12.19 -3.07
N ILE B 375 -14.56 -11.65 -3.59
CA ILE B 375 -14.67 -10.45 -4.41
C ILE B 375 -15.18 -10.82 -5.80
N ALA B 376 -14.81 -11.97 -6.32
CA ALA B 376 -15.27 -12.30 -7.66
C ALA B 376 -16.77 -12.54 -7.66
N GLY B 377 -17.29 -12.99 -6.52
CA GLY B 377 -18.69 -13.34 -6.38
C GLY B 377 -19.55 -12.26 -5.77
N MET B 378 -18.94 -11.23 -5.19
CA MET B 378 -19.70 -10.11 -4.66
C MET B 378 -20.61 -9.50 -5.71
N GLY B 379 -20.15 -9.41 -6.96
CA GLY B 379 -21.01 -8.85 -8.00
C GLY B 379 -21.62 -9.88 -8.95
N ALA B 380 -21.69 -11.13 -8.50
CA ALA B 380 -22.05 -12.24 -9.36
C ALA B 380 -23.54 -12.53 -9.32
N LEU B 381 -24.17 -12.46 -8.14
CA LEU B 381 -25.64 -12.47 -8.10
C LEU B 381 -26.21 -11.31 -8.90
N LEU B 382 -25.64 -10.11 -8.76
CA LEU B 382 -25.94 -9.01 -9.68
C LEU B 382 -25.77 -9.41 -11.15
N ALA B 383 -24.80 -10.27 -11.44
CA ALA B 383 -24.56 -10.60 -12.83
C ALA B 383 -25.58 -11.62 -13.33
N ALA B 384 -25.93 -12.60 -12.51
CA ALA B 384 -26.80 -13.67 -12.97
C ALA B 384 -28.28 -13.33 -12.78
N SER B 385 -28.64 -12.57 -11.73
CA SER B 385 -30.05 -12.22 -11.52
C SER B 385 -30.44 -10.97 -12.31
N ILE B 386 -29.86 -9.80 -11.99
CA ILE B 386 -30.42 -8.63 -12.65
C ILE B 386 -29.72 -8.38 -13.99
N ARG B 387 -28.61 -9.08 -14.26
CA ARG B 387 -28.04 -9.18 -15.60
C ARG B 387 -27.50 -7.85 -16.08
N ALA B 388 -26.80 -7.14 -15.20
CA ALA B 388 -26.05 -5.95 -15.56
C ALA B 388 -24.65 -6.23 -15.04
N PRO B 389 -23.88 -7.10 -15.73
CA PRO B 389 -22.63 -7.59 -15.14
C PRO B 389 -21.54 -6.53 -15.21
N LEU B 390 -21.54 -5.74 -16.28
CA LEU B 390 -20.54 -4.68 -16.40
C LEU B 390 -20.65 -3.69 -15.24
N THR B 391 -21.89 -3.39 -14.80
CA THR B 391 -22.11 -2.47 -13.68
C THR B 391 -21.67 -3.09 -12.35
N GLY B 392 -22.00 -4.36 -12.13
CA GLY B 392 -21.56 -5.00 -10.91
C GLY B 392 -20.04 -5.07 -10.82
N ILE B 393 -19.41 -5.46 -11.92
CA ILE B 393 -17.96 -5.52 -11.95
C ILE B 393 -17.36 -4.17 -11.58
N ILE B 394 -17.84 -3.10 -12.21
CA ILE B 394 -17.29 -1.77 -11.92
C ILE B 394 -17.68 -1.28 -10.53
N LEU B 395 -18.86 -1.67 -10.02
CA LEU B 395 -19.28 -1.24 -8.69
C LEU B 395 -18.43 -1.87 -7.59
N VAL B 396 -18.25 -3.20 -7.64
CA VAL B 396 -17.43 -3.89 -6.65
C VAL B 396 -15.98 -3.44 -6.74
N LEU B 397 -15.45 -3.31 -7.96
CA LEU B 397 -14.14 -2.69 -8.13
C LEU B 397 -14.09 -1.34 -7.44
N GLU B 398 -15.01 -0.44 -7.78
CA GLU B 398 -14.96 0.87 -7.15
C GLU B 398 -15.07 0.78 -5.63
N MET B 399 -15.63 -0.31 -5.11
CA MET B 399 -15.89 -0.44 -3.68
C MET B 399 -14.88 -1.30 -2.95
N THR B 400 -14.17 -2.20 -3.61
CA THR B 400 -13.14 -2.97 -2.93
C THR B 400 -11.71 -2.71 -3.38
N ASP B 401 -11.50 -1.94 -4.44
CA ASP B 401 -10.19 -1.48 -4.89
C ASP B 401 -9.16 -2.62 -4.98
N ASN B 402 -9.57 -3.72 -5.60
CA ASN B 402 -8.66 -4.81 -5.91
C ASN B 402 -8.55 -5.03 -7.42
N TYR B 403 -8.09 -3.97 -8.11
CA TYR B 403 -8.05 -4.04 -9.57
C TYR B 403 -7.19 -5.19 -10.07
N GLN B 404 -6.33 -5.75 -9.21
CA GLN B 404 -5.61 -6.98 -9.56
C GLN B 404 -6.57 -8.11 -9.86
N LEU B 405 -7.74 -8.11 -9.23
CA LEU B 405 -8.72 -9.17 -9.42
C LEU B 405 -9.64 -8.92 -10.62
N ILE B 406 -9.33 -7.94 -11.47
CA ILE B 406 -10.24 -7.53 -12.54
C ILE B 406 -10.52 -8.70 -13.46
N LEU B 407 -9.50 -9.48 -13.81
CA LEU B 407 -9.71 -10.62 -14.69
C LEU B 407 -10.60 -11.68 -14.05
N PRO B 408 -10.29 -12.21 -12.86
CA PRO B 408 -11.21 -13.19 -12.27
C PRO B 408 -12.63 -12.65 -12.09
N MET B 409 -12.77 -11.32 -11.92
CA MET B 409 -14.08 -10.72 -11.66
C MET B 409 -14.93 -10.67 -12.93
N ILE B 410 -14.34 -10.22 -14.03
CA ILE B 410 -14.99 -10.29 -15.34
C ILE B 410 -15.33 -11.73 -15.68
N ILE B 411 -14.57 -12.69 -15.17
CA ILE B 411 -14.81 -14.06 -15.59
C ILE B 411 -15.91 -14.69 -14.77
N THR B 412 -16.04 -14.38 -13.47
CA THR B 412 -17.20 -14.87 -12.74
C THR B 412 -18.49 -14.26 -13.32
N GLY B 413 -18.47 -12.94 -13.55
CA GLY B 413 -19.58 -12.26 -14.20
C GLY B 413 -20.08 -12.93 -15.46
N LEU B 414 -19.20 -13.13 -16.44
CA LEU B 414 -19.64 -13.68 -17.71
C LEU B 414 -20.16 -15.10 -17.52
N GLY B 415 -19.42 -15.90 -16.78
CA GLY B 415 -19.93 -17.22 -16.45
C GLY B 415 -21.29 -17.11 -15.80
N ALA B 416 -21.47 -16.11 -14.96
CA ALA B 416 -22.74 -15.94 -14.26
C ALA B 416 -23.83 -15.47 -15.20
N THR B 417 -23.54 -14.48 -16.03
CA THR B 417 -24.55 -14.00 -16.96
C THR B 417 -24.74 -14.96 -18.12
N LEU B 418 -23.72 -15.75 -18.48
CA LEU B 418 -23.92 -16.70 -19.57
C LEU B 418 -24.82 -17.84 -19.16
N LEU B 419 -24.62 -18.39 -17.97
CA LEU B 419 -25.35 -19.59 -17.62
C LEU B 419 -26.77 -19.28 -17.14
N ALA B 420 -27.02 -18.07 -16.60
CA ALA B 420 -28.40 -17.63 -16.39
C ALA B 420 -29.16 -17.59 -17.71
N GLN B 421 -28.58 -16.94 -18.73
CA GLN B 421 -29.16 -16.97 -20.08
C GLN B 421 -29.49 -18.40 -20.48
N PHE B 422 -28.48 -19.26 -20.51
CA PHE B 422 -28.68 -20.60 -21.04
C PHE B 422 -29.53 -21.47 -20.13
N THR B 423 -29.81 -21.05 -18.90
CA THR B 423 -30.75 -21.81 -18.10
C THR B 423 -32.11 -21.13 -17.96
N GLY B 424 -32.39 -20.12 -18.79
CA GLY B 424 -33.72 -19.52 -18.83
C GLY B 424 -34.12 -18.67 -17.63
N GLY B 425 -33.33 -17.63 -17.34
CA GLY B 425 -33.68 -16.64 -16.35
C GLY B 425 -33.75 -15.28 -17.04
N LYS B 426 -34.31 -14.32 -16.31
CA LYS B 426 -34.58 -13.06 -16.97
C LYS B 426 -34.01 -11.88 -16.22
N PRO B 427 -33.63 -10.79 -16.94
CA PRO B 427 -33.33 -9.52 -16.27
C PRO B 427 -34.43 -9.11 -15.28
N LEU B 428 -34.17 -9.32 -13.98
CA LEU B 428 -35.20 -9.11 -12.96
C LEU B 428 -35.89 -7.75 -13.11
N TYR B 429 -35.10 -6.68 -13.18
CA TYR B 429 -35.70 -5.36 -13.29
C TYR B 429 -36.54 -5.20 -14.54
N SER B 430 -36.25 -5.99 -15.57
CA SER B 430 -37.18 -6.02 -16.68
C SER B 430 -38.33 -6.98 -16.43
N ALA B 431 -38.12 -8.00 -15.59
CA ALA B 431 -39.18 -8.98 -15.27
C ALA B 431 -40.09 -8.55 -14.15
N ILE B 432 -39.68 -7.56 -13.36
CA ILE B 432 -40.64 -6.85 -12.53
C ILE B 432 -41.38 -5.82 -13.37
N LEU B 433 -40.66 -5.08 -14.22
CA LEU B 433 -41.32 -4.09 -15.07
C LEU B 433 -42.32 -4.73 -16.00
N ALA B 434 -42.00 -5.93 -16.51
CA ALA B 434 -42.88 -6.58 -17.46
C ALA B 434 -44.19 -7.01 -16.81
N ARG B 435 -44.11 -7.57 -15.60
CA ARG B 435 -45.31 -7.94 -14.86
C ARG B 435 -46.09 -6.71 -14.38
N THR B 436 -45.42 -5.58 -14.20
CA THR B 436 -46.16 -4.37 -13.87
C THR B 436 -46.90 -3.84 -15.10
N LEU B 437 -46.24 -3.73 -16.25
CA LEU B 437 -46.97 -3.30 -17.44
C LEU B 437 -48.04 -4.28 -17.91
N ALA B 438 -48.01 -5.55 -17.45
CA ALA B 438 -49.01 -6.54 -17.84
C ALA B 438 -50.24 -6.57 -16.94
N LYS B 439 -50.22 -5.81 -15.84
CA LYS B 439 -51.43 -5.52 -15.08
C LYS B 439 -52.02 -4.16 -15.42
N GLN B 440 -51.38 -3.40 -16.32
CA GLN B 440 -51.93 -2.14 -16.79
C GLN B 440 -52.67 -2.26 -18.12
N GLU B 441 -52.59 -3.41 -18.80
CA GLU B 441 -53.51 -3.73 -19.88
C GLU B 441 -54.21 -5.06 -19.61
N ALA B 442 -54.88 -5.17 -18.46
CA ALA B 442 -55.72 -6.33 -18.14
C ALA B 442 -56.77 -5.96 -17.12
N GLU C 1 -2.25 0.11 18.78
CA GLU C 1 -2.32 1.53 19.13
C GLU C 1 -1.34 2.40 18.35
N VAL C 2 -1.74 3.64 18.05
CA VAL C 2 -0.89 4.60 17.35
C VAL C 2 -0.06 5.37 18.37
N ARG C 3 1.27 5.23 18.30
CA ARG C 3 2.16 5.83 19.30
C ARG C 3 3.25 6.66 18.62
N LEU C 4 3.40 7.91 19.06
CA LEU C 4 4.48 8.81 18.66
C LEU C 4 5.38 9.06 19.86
N LEU C 5 6.64 8.59 19.79
CA LEU C 5 7.54 8.65 20.94
C LEU C 5 8.81 9.42 20.53
N GLU C 6 8.85 10.72 20.83
CA GLU C 6 10.03 11.50 20.58
C GLU C 6 11.01 11.36 21.74
N SER C 7 12.29 11.31 21.40
CA SER C 7 13.39 11.19 22.35
C SER C 7 14.53 12.09 21.89
N GLY C 8 15.57 12.16 22.71
CA GLY C 8 16.77 12.86 22.34
C GLY C 8 16.92 14.24 22.92
N GLY C 9 15.92 14.78 23.61
CA GLY C 9 16.09 16.07 24.24
C GLY C 9 17.02 16.03 25.45
N GLY C 10 17.35 17.21 25.96
CA GLY C 10 18.05 17.27 27.22
C GLY C 10 18.77 18.59 27.42
N LEU C 11 19.94 18.51 28.05
CA LEU C 11 20.77 19.67 28.31
C LEU C 11 21.80 19.82 27.20
N VAL C 12 21.89 21.00 26.61
CA VAL C 12 22.90 21.26 25.60
C VAL C 12 23.45 22.66 25.81
N GLN C 13 24.74 22.84 25.46
CA GLN C 13 25.46 24.07 25.76
C GLN C 13 25.23 25.08 24.65
N PRO C 14 25.11 26.36 24.99
CA PRO C 14 24.83 27.39 23.98
C PRO C 14 25.76 27.31 22.77
N GLY C 15 25.18 27.33 21.57
CA GLY C 15 25.92 27.21 20.34
C GLY C 15 26.16 25.80 19.84
N GLY C 16 25.70 24.77 20.55
CA GLY C 16 25.89 23.39 20.12
C GLY C 16 24.80 22.95 19.16
N SER C 17 24.72 21.64 18.96
CA SER C 17 23.65 21.07 18.16
C SER C 17 23.16 19.76 18.76
N LEU C 18 21.90 19.42 18.45
CA LEU C 18 21.32 18.15 18.86
C LEU C 18 20.44 17.60 17.74
N LYS C 19 20.19 16.29 17.80
CA LYS C 19 19.35 15.59 16.79
C LYS C 19 18.23 14.81 17.51
N LEU C 20 17.02 15.37 17.49
CA LEU C 20 15.84 14.76 18.13
C LEU C 20 15.25 13.66 17.25
N SER C 21 14.64 12.66 17.88
CA SER C 21 14.16 11.50 17.15
C SER C 21 12.76 11.08 17.61
N CYS C 22 11.84 11.02 16.66
CA CYS C 22 10.45 10.61 16.88
C CYS C 22 10.25 9.25 16.24
N ALA C 23 9.87 8.24 17.03
CA ALA C 23 9.68 6.90 16.50
C ALA C 23 8.18 6.62 16.41
N ALA C 24 7.72 6.23 15.21
CA ALA C 24 6.33 5.93 14.94
C ALA C 24 6.06 4.44 15.11
N SER C 25 4.93 4.12 15.72
CA SER C 25 4.45 2.77 15.81
C SER C 25 2.93 2.79 15.80
N GLY C 26 2.35 1.79 15.16
CA GLY C 26 0.91 1.61 15.13
C GLY C 26 0.21 2.15 13.91
N PHE C 27 0.94 2.47 12.85
CA PHE C 27 0.32 2.97 11.62
C PHE C 27 1.36 2.93 10.52
N ASP C 28 0.89 2.97 9.27
CA ASP C 28 1.83 3.07 8.16
C ASP C 28 2.45 4.46 8.21
N TYR C 29 3.72 4.53 8.60
CA TYR C 29 4.34 5.82 8.83
C TYR C 29 4.69 6.49 7.50
N SER C 30 4.98 5.69 6.47
CA SER C 30 4.85 6.16 5.11
C SER C 30 3.41 6.63 4.86
N ARG C 31 3.19 7.30 3.73
CA ARG C 31 1.86 7.85 3.38
C ARG C 31 1.37 8.96 4.29
N TYR C 32 1.95 9.15 5.47
CA TYR C 32 1.64 10.30 6.32
C TYR C 32 2.71 11.37 6.19
N TRP C 33 2.28 12.63 6.19
CA TRP C 33 3.21 13.73 6.47
C TRP C 33 3.53 13.79 7.97
N MET C 34 4.78 14.16 8.28
CA MET C 34 5.20 14.37 9.65
C MET C 34 5.62 15.81 9.85
N SER C 35 5.54 16.27 11.12
CA SER C 35 5.81 17.66 11.46
C SER C 35 6.33 17.81 12.88
N TRP C 36 6.93 18.97 13.14
CA TRP C 36 7.48 19.28 14.45
C TRP C 36 6.86 20.57 14.95
N VAL C 37 6.40 20.54 16.18
CA VAL C 37 5.91 21.71 16.88
C VAL C 37 6.58 21.77 18.24
N ARG C 38 6.98 22.98 18.67
CA ARG C 38 7.66 23.17 19.96
C ARG C 38 6.96 24.21 20.80
N GLN C 39 7.13 24.06 22.11
CA GLN C 39 6.43 24.86 23.11
C GLN C 39 7.47 25.38 24.10
N ALA C 40 7.82 26.65 23.97
CA ALA C 40 8.73 27.28 24.91
C ALA C 40 8.05 27.40 26.28
N PRO C 41 8.81 27.28 27.38
CA PRO C 41 8.19 27.20 28.72
C PRO C 41 7.19 28.32 28.98
N GLY C 42 5.99 27.92 29.42
CA GLY C 42 4.81 28.76 29.51
C GLY C 42 4.64 29.72 28.34
N LYS C 43 4.55 29.19 27.12
CA LYS C 43 4.43 30.05 25.94
C LYS C 43 3.47 29.37 24.96
N GLY C 44 3.31 29.98 23.76
CA GLY C 44 2.41 29.44 22.77
C GLY C 44 2.91 28.13 22.15
N LEU C 45 2.03 27.49 21.37
CA LEU C 45 2.48 26.46 20.45
C LEU C 45 3.06 27.13 19.20
N LYS C 46 4.10 26.51 18.62
CA LYS C 46 4.77 27.04 17.42
C LYS C 46 5.26 25.94 16.49
N TRP C 47 5.01 26.15 15.19
CA TRP C 47 5.32 25.17 14.17
C TRP C 47 6.78 25.32 13.74
N ILE C 48 7.49 24.20 13.65
CA ILE C 48 8.86 24.18 13.14
C ILE C 48 8.90 23.83 11.65
N GLY C 49 8.21 22.77 11.25
CA GLY C 49 8.29 22.35 9.86
C GLY C 49 7.63 21.01 9.60
N GLU C 50 7.56 20.66 8.33
CA GLU C 50 6.92 19.42 7.90
C GLU C 50 7.76 18.76 6.82
N ILE C 51 7.64 17.44 6.74
CA ILE C 51 8.26 16.66 5.68
C ILE C 51 7.23 15.69 5.12
N ASN C 52 7.14 15.60 3.74
CA ASN C 52 6.21 14.74 2.99
C ASN C 52 6.78 13.32 2.78
N PRO C 53 5.89 12.32 2.70
CA PRO C 53 6.33 10.92 2.90
C PRO C 53 7.57 10.52 2.11
N VAL C 54 7.81 11.09 0.92
CA VAL C 54 8.94 10.67 0.10
C VAL C 54 10.19 11.54 0.33
N SER C 55 10.10 12.56 1.20
CA SER C 55 11.21 13.50 1.46
C SER C 55 11.54 14.37 0.25
N SER C 56 10.53 14.67 -0.56
CA SER C 56 10.72 15.51 -1.75
C SER C 56 10.24 16.93 -1.54
N THR C 57 9.59 17.21 -0.41
CA THR C 57 9.24 18.58 -0.08
C THR C 57 9.27 18.77 1.44
N ILE C 58 10.16 19.67 1.90
CA ILE C 58 10.41 19.90 3.33
C ILE C 58 10.22 21.37 3.63
N ASN C 59 9.21 21.69 4.43
CA ASN C 59 8.98 23.07 4.82
C ASN C 59 9.42 23.35 6.23
N TYR C 60 9.80 24.60 6.45
CA TYR C 60 10.17 25.08 7.76
C TYR C 60 9.48 26.42 7.97
N THR C 61 9.27 26.77 9.23
CA THR C 61 8.87 28.12 9.63
C THR C 61 9.82 29.15 9.03
N PRO C 62 9.41 30.44 8.88
CA PRO C 62 10.35 31.47 8.41
C PRO C 62 11.56 31.63 9.34
N SER C 63 12.66 30.89 9.10
CA SER C 63 13.82 30.88 9.99
C SER C 63 15.08 30.20 9.43
N LEU C 64 16.11 31.01 9.10
CA LEU C 64 17.54 30.70 8.97
C LEU C 64 17.91 29.44 8.19
N LYS C 65 18.88 29.60 7.29
CA LYS C 65 19.15 28.67 6.18
C LYS C 65 19.23 27.21 6.65
N ASP C 66 20.14 26.93 7.58
CA ASP C 66 20.39 25.56 8.03
C ASP C 66 20.04 25.36 9.51
N LYS C 67 19.16 26.22 10.06
CA LYS C 67 18.86 26.19 11.49
C LYS C 67 18.19 24.90 11.90
N PHE C 68 17.16 24.49 11.18
CA PHE C 68 16.54 23.19 11.37
C PHE C 68 16.83 22.28 10.18
N ILE C 69 17.01 20.99 10.47
CA ILE C 69 17.10 19.93 9.46
C ILE C 69 16.09 18.85 9.85
N ILE C 70 14.86 18.92 9.29
CA ILE C 70 13.92 17.81 9.36
C ILE C 70 14.28 16.78 8.30
N SER C 71 14.22 15.50 8.68
CA SER C 71 14.40 14.42 7.72
C SER C 71 13.67 13.20 8.27
N ARG C 72 13.47 12.22 7.40
CA ARG C 72 12.79 11.01 7.84
C ARG C 72 13.51 9.80 7.28
N ASP C 73 13.36 8.67 8.00
CA ASP C 73 13.91 7.36 7.64
C ASP C 73 12.75 6.36 7.68
N ASN C 74 12.05 6.24 6.55
CA ASN C 74 10.86 5.39 6.49
C ASN C 74 11.16 3.93 6.81
N ALA C 75 12.37 3.46 6.47
CA ALA C 75 12.78 2.09 6.84
C ALA C 75 12.83 1.92 8.35
N LYS C 76 13.38 2.92 9.05
CA LYS C 76 13.48 2.85 10.50
C LYS C 76 12.18 3.25 11.20
N ASP C 77 11.19 3.75 10.45
CA ASP C 77 9.94 4.29 11.02
C ASP C 77 10.25 5.37 12.05
N THR C 78 11.02 6.37 11.61
CA THR C 78 11.47 7.35 12.57
C THR C 78 11.72 8.66 11.83
N LEU C 79 11.35 9.75 12.50
CA LEU C 79 11.50 11.13 12.06
C LEU C 79 12.55 11.84 12.92
N TYR C 80 13.27 12.79 12.32
CA TYR C 80 14.41 13.43 12.98
C TYR C 80 14.35 14.94 12.79
N LEU C 81 14.76 15.67 13.83
CA LEU C 81 14.93 17.13 13.76
C LEU C 81 16.27 17.49 14.35
N GLN C 82 17.09 18.21 13.55
CA GLN C 82 18.40 18.71 13.97
C GLN C 82 18.30 20.21 14.23
N ILE C 83 18.80 20.65 15.40
CA ILE C 83 18.90 22.06 15.72
C ILE C 83 20.37 22.41 15.83
N SER C 84 20.79 23.46 15.12
CA SER C 84 22.18 23.91 15.10
C SER C 84 22.28 25.34 15.60
N LYS C 85 23.46 25.66 16.13
CA LYS C 85 23.74 26.95 16.76
C LYS C 85 22.60 27.28 17.72
N VAL C 86 22.58 26.49 18.77
CA VAL C 86 21.43 26.41 19.67
C VAL C 86 21.45 27.63 20.58
N ARG C 87 20.37 28.42 20.58
CA ARG C 87 20.24 29.55 21.50
C ARG C 87 19.36 29.17 22.69
N SER C 88 19.15 30.15 23.58
CA SER C 88 18.25 29.91 24.70
C SER C 88 16.80 29.95 24.22
N GLU C 89 16.53 30.76 23.19
CA GLU C 89 15.22 30.74 22.55
C GLU C 89 14.77 29.31 22.21
N ASP C 90 15.71 28.43 21.91
CA ASP C 90 15.44 27.05 21.55
C ASP C 90 15.19 26.14 22.73
N THR C 91 15.13 26.66 23.96
CA THR C 91 14.82 25.82 25.11
C THR C 91 13.31 25.66 25.16
N ALA C 92 12.84 24.43 24.95
CA ALA C 92 11.42 24.25 24.70
C ALA C 92 11.09 22.77 24.76
N LEU C 93 9.79 22.48 24.84
CA LEU C 93 9.27 21.12 24.68
C LEU C 93 9.03 20.87 23.20
N TYR C 94 9.61 19.80 22.67
CA TYR C 94 9.55 19.52 21.25
C TYR C 94 8.56 18.39 21.00
N TYR C 95 7.52 18.70 20.23
CA TYR C 95 6.39 17.82 19.94
C TYR C 95 6.47 17.32 18.50
N CYS C 96 6.26 16.02 18.33
CA CYS C 96 6.28 15.36 17.02
C CYS C 96 4.85 15.00 16.62
N ALA C 97 4.46 15.36 15.40
CA ALA C 97 3.06 15.23 15.00
C ALA C 97 2.93 14.55 13.64
N ARG C 98 1.80 13.86 13.46
CA ARG C 98 1.41 13.26 12.18
C ARG C 98 0.29 14.13 11.58
N LEU C 99 0.41 14.46 10.29
CA LEU C 99 -0.51 15.38 9.62
C LEU C 99 -1.61 14.67 8.79
N TYR C 100 -2.83 15.18 8.91
CA TYR C 100 -3.98 14.82 8.05
C TYR C 100 -4.83 16.06 7.77
N TYR C 101 -6.09 15.84 7.38
CA TYR C 101 -7.01 16.87 6.90
C TYR C 101 -8.45 16.38 7.07
N GLY C 102 -9.40 17.26 6.73
CA GLY C 102 -10.81 16.88 6.67
C GLY C 102 -11.41 17.32 5.35
N TYR C 103 -12.08 18.46 5.34
CA TYR C 103 -12.44 19.05 4.07
C TYR C 103 -11.21 19.49 3.27
N GLY C 104 -10.00 19.09 3.70
CA GLY C 104 -8.77 19.46 3.06
C GLY C 104 -7.99 20.58 3.69
N TYR C 105 -8.42 21.10 4.85
CA TYR C 105 -7.68 22.11 5.63
C TYR C 105 -6.96 21.40 6.77
N TRP C 106 -5.61 21.43 6.71
CA TRP C 106 -4.77 20.42 7.35
C TRP C 106 -4.52 20.66 8.84
N TYR C 107 -4.58 19.57 9.60
CA TYR C 107 -4.54 19.67 11.05
C TYR C 107 -3.48 18.72 11.57
N PHE C 108 -3.29 18.76 12.89
CA PHE C 108 -2.22 18.06 13.61
C PHE C 108 -2.83 16.86 14.31
N ASP C 109 -2.86 15.75 13.58
CA ASP C 109 -3.73 14.59 13.87
C ASP C 109 -3.37 13.90 15.20
N VAL C 110 -2.17 13.34 15.27
CA VAL C 110 -1.71 12.63 16.46
C VAL C 110 -0.37 13.22 16.88
N TRP C 111 -0.27 13.64 18.16
CA TRP C 111 0.93 14.15 18.80
C TRP C 111 1.60 13.12 19.70
N GLY C 112 2.88 13.38 20.00
CA GLY C 112 3.61 12.61 20.98
C GLY C 112 3.70 13.35 22.32
N ALA C 113 4.22 12.64 23.32
CA ALA C 113 4.28 13.19 24.66
C ALA C 113 5.18 14.45 24.74
N GLY C 114 6.22 14.50 23.93
CA GLY C 114 7.20 15.57 23.94
C GLY C 114 8.56 15.09 24.41
N THR C 115 9.59 15.84 24.02
CA THR C 115 10.86 15.85 24.75
C THR C 115 11.31 17.27 24.99
N THR C 116 11.95 17.46 26.13
CA THR C 116 12.36 18.77 26.55
C THR C 116 13.83 19.00 26.18
N VAL C 117 14.14 20.22 25.76
CA VAL C 117 15.50 20.60 25.40
C VAL C 117 15.86 21.84 26.20
N THR C 118 16.87 21.74 27.07
CA THR C 118 17.34 22.84 27.88
C THR C 118 18.71 23.29 27.38
N VAL C 119 18.84 24.58 27.17
CA VAL C 119 20.05 25.17 26.59
C VAL C 119 20.71 26.06 27.64
N SER C 120 21.65 25.49 28.40
CA SER C 120 22.29 26.24 29.47
C SER C 120 23.74 25.77 29.60
N SER C 121 24.64 26.73 29.77
CA SER C 121 26.04 26.44 30.09
C SER C 121 26.23 25.98 31.53
N ALA C 122 25.17 25.98 32.33
CA ALA C 122 25.19 25.38 33.65
C ALA C 122 25.54 23.89 33.61
N LYS C 123 26.18 23.42 34.70
CA LYS C 123 26.62 22.03 34.80
C LYS C 123 25.65 21.17 35.61
N THR C 124 25.52 19.94 35.16
CA THR C 124 24.77 18.92 35.89
C THR C 124 25.24 18.82 37.32
N THR C 125 24.31 18.92 38.26
CA THR C 125 24.52 18.82 39.68
C THR C 125 23.48 17.90 40.32
N PRO C 126 23.89 16.94 41.15
CA PRO C 126 22.89 16.08 41.82
C PRO C 126 22.21 16.82 42.94
N PRO C 127 21.07 16.33 43.48
CA PRO C 127 20.40 17.07 44.56
C PRO C 127 20.70 16.59 45.98
N SER C 128 20.68 17.56 46.91
CA SER C 128 20.75 17.31 48.35
C SER C 128 19.34 17.31 48.92
N VAL C 129 18.99 16.23 49.62
CA VAL C 129 17.60 15.89 49.99
C VAL C 129 17.47 15.91 51.51
N TYR C 130 16.68 16.85 52.02
CA TYR C 130 16.59 17.13 53.44
C TYR C 130 15.19 16.86 53.99
N PRO C 131 15.04 16.11 55.10
CA PRO C 131 13.70 15.82 55.63
C PRO C 131 13.07 17.05 56.25
N LEU C 132 11.78 17.22 56.04
CA LEU C 132 10.99 18.27 56.68
C LEU C 132 10.02 17.58 57.64
N ALA C 133 10.40 17.55 59.01
CA ALA C 133 9.62 17.13 60.17
C ALA C 133 8.95 18.35 60.80
N PRO C 134 7.85 18.19 61.54
CA PRO C 134 7.20 19.37 62.13
C PRO C 134 8.03 19.94 63.27
N GLY C 135 7.97 21.27 63.41
CA GLY C 135 8.77 22.02 64.38
C GLY C 135 8.86 21.40 65.76
N SER C 136 9.94 21.69 66.49
CA SER C 136 10.30 20.96 67.71
C SER C 136 9.09 20.81 68.65
N ALA C 137 8.42 21.92 68.96
CA ALA C 137 7.15 21.92 69.69
C ALA C 137 6.02 22.07 68.69
N ALA C 138 5.66 20.94 68.07
CA ALA C 138 4.75 20.92 66.93
C ALA C 138 3.28 20.86 67.38
N ALA C 139 2.43 21.58 66.63
CA ALA C 139 0.99 21.63 66.89
C ALA C 139 0.35 20.38 66.29
N ALA C 140 0.34 19.30 67.08
CA ALA C 140 -0.21 18.02 66.65
C ALA C 140 -1.72 18.11 66.38
N ALA C 141 -2.11 18.25 65.09
CA ALA C 141 -3.49 18.33 64.65
C ALA C 141 -3.96 16.95 64.15
N SER C 142 -5.18 16.90 63.58
CA SER C 142 -5.76 15.64 63.11
C SER C 142 -5.00 15.09 61.91
N MET C 143 -4.89 15.90 60.85
CA MET C 143 -3.94 15.66 59.76
C MET C 143 -2.60 16.32 60.11
N VAL C 144 -1.50 15.64 59.73
CA VAL C 144 -0.15 16.18 59.94
C VAL C 144 0.56 16.29 58.59
N THR C 145 1.08 17.47 58.28
CA THR C 145 1.91 17.71 57.10
C THR C 145 3.38 17.34 57.39
N LEU C 146 3.93 16.43 56.59
CA LEU C 146 5.37 16.16 56.51
C LEU C 146 5.92 16.73 55.19
N GLY C 147 7.16 16.35 54.87
CA GLY C 147 7.83 17.00 53.75
C GLY C 147 9.25 16.49 53.56
N CYS C 148 9.85 16.94 52.46
CA CYS C 148 11.29 16.83 52.24
C CYS C 148 11.67 17.78 51.11
N LEU C 149 12.92 18.22 51.15
CA LEU C 149 13.40 19.32 50.33
C LEU C 149 14.48 18.80 49.40
N VAL C 150 14.36 19.15 48.12
CA VAL C 150 15.28 18.71 47.08
C VAL C 150 16.01 19.97 46.63
N LYS C 151 17.22 20.16 47.16
CA LYS C 151 17.87 21.45 46.99
C LYS C 151 19.10 21.24 46.15
N GLY C 152 19.38 22.24 45.30
CA GLY C 152 20.58 22.36 44.50
C GLY C 152 20.91 21.24 43.51
N TYR C 153 20.13 21.11 42.44
CA TYR C 153 20.40 20.17 41.37
C TYR C 153 20.16 20.87 40.03
N PHE C 154 20.72 20.29 38.96
CA PHE C 154 20.55 20.78 37.60
C PHE C 154 20.79 19.63 36.63
N PRO C 155 20.08 19.58 35.50
CA PRO C 155 18.93 20.40 35.12
C PRO C 155 17.61 19.79 35.64
N GLU C 156 16.47 20.30 35.20
CA GLU C 156 15.25 19.58 35.50
C GLU C 156 15.28 18.22 34.80
N PRO C 157 14.55 17.21 35.32
CA PRO C 157 13.55 17.15 36.38
C PRO C 157 13.90 16.21 37.54
N VAL C 158 13.19 16.30 38.66
CA VAL C 158 13.25 15.25 39.69
C VAL C 158 11.88 14.61 39.84
N THR C 159 11.87 13.31 40.19
CA THR C 159 10.66 12.58 40.52
C THR C 159 10.66 12.27 42.01
N VAL C 160 9.57 12.61 42.69
CA VAL C 160 9.45 12.43 44.13
C VAL C 160 8.20 11.61 44.42
N THR C 161 8.39 10.44 45.02
CA THR C 161 7.28 9.61 45.47
C THR C 161 7.50 9.28 46.94
N TRP C 162 6.41 8.86 47.59
CA TRP C 162 6.37 8.64 49.03
C TRP C 162 6.04 7.18 49.34
N ASN C 163 6.83 6.56 50.21
CA ASN C 163 6.72 5.13 50.54
C ASN C 163 6.68 4.28 49.27
N SER C 164 7.54 4.63 48.32
CA SER C 164 7.66 3.96 47.03
C SER C 164 6.36 4.00 46.23
N GLY C 165 5.47 4.93 46.54
CA GLY C 165 4.31 5.16 45.70
C GLY C 165 2.99 4.83 46.34
N SER C 166 2.99 4.11 47.47
CA SER C 166 1.74 3.81 48.14
C SER C 166 1.00 5.09 48.53
N LEU C 167 1.63 5.92 49.37
CA LEU C 167 1.03 7.20 49.76
C LEU C 167 0.81 8.09 48.55
N ALA C 168 -0.39 8.06 47.98
CA ALA C 168 -0.68 8.83 46.79
C ALA C 168 -1.63 9.99 47.08
N ALA C 169 -2.37 9.94 48.17
CA ALA C 169 -3.30 11.01 48.51
C ALA C 169 -2.59 12.07 49.36
N GLY C 170 -3.01 13.32 49.18
CA GLY C 170 -2.52 14.42 49.99
C GLY C 170 -1.06 14.77 49.77
N VAL C 171 -0.48 14.35 48.65
CA VAL C 171 0.87 14.71 48.28
C VAL C 171 0.80 15.94 47.39
N HIS C 172 1.74 16.86 47.56
CA HIS C 172 1.74 18.11 46.74
C HIS C 172 3.16 18.52 46.34
N THR C 173 3.62 18.06 45.17
CA THR C 173 4.95 18.44 44.64
C THR C 173 4.83 19.87 44.07
N PHE C 174 5.80 20.73 44.36
CA PHE C 174 5.72 22.14 43.88
C PHE C 174 6.75 22.42 42.78
N PRO C 175 6.40 23.22 41.76
CA PRO C 175 7.31 23.60 40.68
C PRO C 175 8.68 23.95 41.25
N ALA C 176 9.74 23.41 40.63
CA ALA C 176 11.09 23.80 41.03
C ALA C 176 11.36 25.26 40.67
N VAL C 177 12.20 25.93 41.47
CA VAL C 177 12.64 27.28 41.13
C VAL C 177 14.14 27.29 40.86
N LEU C 178 14.51 28.06 39.85
CA LEU C 178 15.89 28.14 39.42
C LEU C 178 16.53 29.30 40.14
N GLN C 179 17.68 29.05 40.75
CA GLN C 179 18.45 30.18 41.28
C GLN C 179 19.93 29.89 41.14
N ALA C 180 20.67 30.89 40.66
CA ALA C 180 22.13 30.81 40.61
C ALA C 180 22.55 29.51 39.92
N ALA C 181 21.81 29.16 38.84
CA ALA C 181 22.08 28.01 37.97
C ALA C 181 21.89 26.67 38.69
N LEU C 182 20.89 26.61 39.57
CA LEU C 182 20.52 25.40 40.30
C LEU C 182 19.03 25.41 40.61
N TYR C 183 18.48 24.23 40.88
CA TYR C 183 17.05 24.05 41.06
C TYR C 183 16.78 23.53 42.45
N THR C 184 15.76 24.09 43.09
CA THR C 184 15.26 23.54 44.35
C THR C 184 13.75 23.41 44.28
N LEU C 185 13.25 22.28 44.78
CA LEU C 185 11.82 22.15 45.05
C LEU C 185 11.64 21.30 46.30
N SER C 186 10.40 21.29 46.79
CA SER C 186 10.01 20.55 47.99
C SER C 186 8.66 19.89 47.77
N SER C 187 8.39 18.84 48.56
CA SER C 187 7.18 18.03 48.44
C SER C 187 6.51 17.87 49.80
N SER C 188 5.22 18.22 49.88
CA SER C 188 4.37 18.01 51.06
C SER C 188 3.58 16.70 50.99
N VAL C 189 3.63 15.89 52.05
CA VAL C 189 2.70 14.77 52.21
C VAL C 189 1.93 14.98 53.52
N THR C 190 0.61 14.86 53.46
CA THR C 190 -0.26 14.98 54.63
C THR C 190 -0.89 13.62 54.93
N VAL C 191 -0.51 13.02 56.05
CA VAL C 191 -1.04 11.71 56.41
C VAL C 191 -1.75 11.82 57.77
N PRO C 192 -2.53 10.81 58.18
CA PRO C 192 -3.19 10.88 59.48
C PRO C 192 -2.23 10.66 60.64
N SER C 193 -2.62 11.17 61.80
CA SER C 193 -1.76 11.04 62.97
C SER C 193 -1.45 9.60 63.33
N SER C 194 -2.30 8.64 62.93
CA SER C 194 -2.07 7.23 63.27
C SER C 194 -1.10 6.55 62.30
N SER C 195 -0.77 7.19 61.17
CA SER C 195 0.20 6.62 60.24
C SER C 195 1.65 6.97 60.61
N TRP C 196 1.86 8.13 61.25
CA TRP C 196 3.19 8.68 61.55
C TRP C 196 3.17 9.36 62.92
N PRO C 197 4.13 9.06 63.80
CA PRO C 197 5.28 8.19 63.50
C PRO C 197 5.09 6.72 63.82
N SER C 198 3.83 6.29 63.86
CA SER C 198 3.54 4.89 64.19
C SER C 198 4.11 3.97 63.12
N GLU C 199 3.87 4.29 61.85
CA GLU C 199 4.55 3.67 60.73
C GLU C 199 5.63 4.62 60.22
N THR C 200 6.48 4.08 59.35
CA THR C 200 7.57 4.83 58.71
C THR C 200 7.11 5.41 57.38
N VAL C 201 7.25 6.72 57.24
CA VAL C 201 6.97 7.41 55.99
C VAL C 201 8.31 7.88 55.43
N THR C 202 8.60 7.49 54.19
CA THR C 202 9.85 7.81 53.50
C THR C 202 9.55 8.62 52.25
N CYS C 203 10.50 9.46 51.82
CA CYS C 203 10.42 10.09 50.50
C CYS C 203 11.58 9.63 49.64
N ASN C 204 11.26 9.27 48.41
CA ASN C 204 12.22 8.76 47.45
C ASN C 204 12.39 9.82 46.36
N VAL C 205 13.61 10.34 46.22
CA VAL C 205 13.91 11.33 45.20
C VAL C 205 14.75 10.63 44.17
N ALA C 206 14.42 10.84 42.90
CA ALA C 206 15.30 10.39 41.83
C ALA C 206 15.60 11.56 40.91
N HIS C 207 16.88 11.71 40.60
CA HIS C 207 17.40 12.74 39.70
C HIS C 207 18.26 11.96 38.73
N PRO C 208 17.64 11.39 37.70
CA PRO C 208 18.38 10.43 36.86
C PRO C 208 19.41 11.14 36.01
N ALA C 209 19.25 12.46 35.82
CA ALA C 209 20.23 13.22 35.07
C ALA C 209 21.61 13.08 35.70
N SER C 210 21.69 12.72 36.98
CA SER C 210 22.96 12.58 37.69
C SER C 210 23.06 11.27 38.44
N SER C 211 22.24 10.28 38.08
CA SER C 211 22.24 8.97 38.72
C SER C 211 22.01 9.04 40.24
N THR C 212 21.11 9.92 40.67
CA THR C 212 20.79 10.08 42.08
C THR C 212 19.48 9.37 42.37
N LYS C 213 19.57 8.25 43.11
CA LYS C 213 18.42 7.64 43.79
C LYS C 213 18.65 7.78 45.29
N VAL C 214 17.79 8.53 45.99
CA VAL C 214 17.93 8.56 47.43
C VAL C 214 16.56 8.42 48.13
N ASP C 215 16.57 7.72 49.26
CA ASP C 215 15.43 7.65 50.16
C ASP C 215 15.77 8.47 51.39
N LYS C 216 14.88 9.37 51.79
CA LYS C 216 15.03 10.13 53.02
C LYS C 216 13.89 9.76 53.97
N LYS C 217 14.23 9.08 55.06
CA LYS C 217 13.24 8.70 56.07
C LYS C 217 12.88 9.93 56.89
N ILE C 218 11.58 10.22 57.02
CA ILE C 218 11.14 11.29 57.91
C ILE C 218 10.97 10.72 59.30
N VAL C 219 11.60 11.37 60.28
CA VAL C 219 11.59 10.99 61.70
C VAL C 219 11.51 12.26 62.55
N PRO C 220 10.92 12.13 63.75
CA PRO C 220 10.61 13.34 64.53
C PRO C 220 11.84 14.00 65.15
N ARG C 221 11.71 15.31 65.38
CA ARG C 221 12.80 16.21 65.71
C ARG C 221 13.18 16.12 67.19
N ALA C 222 14.35 16.70 67.51
CA ALA C 222 15.02 16.67 68.82
C ALA C 222 15.55 15.27 69.12
N ASP D 1 2.75 36.41 8.70
CA ASP D 1 1.75 35.34 8.73
C ASP D 1 0.53 35.58 9.63
N ILE D 2 -0.42 34.66 9.60
CA ILE D 2 -1.70 34.89 10.24
C ILE D 2 -1.51 34.71 11.73
N VAL D 3 -1.85 35.74 12.51
CA VAL D 3 -1.78 35.67 13.97
C VAL D 3 -3.17 35.35 14.52
N LEU D 4 -3.27 34.26 15.30
CA LEU D 4 -4.52 33.92 15.98
C LEU D 4 -4.40 34.30 17.44
N THR D 5 -5.44 34.95 17.97
CA THR D 5 -5.42 35.45 19.34
C THR D 5 -6.64 34.94 20.11
N GLN D 6 -6.44 33.87 20.88
CA GLN D 6 -7.46 33.33 21.77
C GLN D 6 -7.78 34.31 22.88
N SER D 7 -9.04 34.35 23.31
CA SER D 7 -9.42 35.58 24.01
C SER D 7 -9.37 35.46 25.53
N PRO D 8 -10.26 34.69 26.24
CA PRO D 8 -10.10 34.65 27.71
C PRO D 8 -8.85 33.85 28.05
N ALA D 9 -7.70 34.52 28.26
CA ALA D 9 -6.44 33.80 28.52
C ALA D 9 -6.61 32.76 29.61
N ILE D 10 -7.24 33.13 30.72
CA ILE D 10 -7.62 32.20 31.77
C ILE D 10 -9.10 32.42 32.06
N MET D 11 -9.74 31.40 32.65
CA MET D 11 -11.15 31.46 33.04
C MET D 11 -11.49 30.25 33.90
N SER D 12 -12.56 30.39 34.69
CA SER D 12 -13.14 29.29 35.47
C SER D 12 -14.64 29.20 35.24
N ALA D 13 -15.20 28.03 35.58
CA ALA D 13 -16.63 27.75 35.46
C ALA D 13 -16.96 26.51 36.32
N ALA D 14 -18.10 26.54 36.99
CA ALA D 14 -18.51 25.42 37.82
C ALA D 14 -18.91 24.24 36.94
N PRO D 15 -18.75 23.00 37.40
CA PRO D 15 -19.22 21.86 36.58
C PRO D 15 -20.70 22.00 36.26
N GLY D 16 -21.09 21.47 35.10
CA GLY D 16 -22.41 21.70 34.55
C GLY D 16 -22.68 23.19 34.35
N ASP D 17 -21.98 23.80 33.41
CA ASP D 17 -22.05 25.25 33.25
C ASP D 17 -21.40 25.60 31.91
N LYS D 18 -21.86 26.68 31.30
CA LYS D 18 -21.62 26.91 29.88
C LYS D 18 -20.31 27.67 29.68
N VAL D 19 -19.41 27.08 28.92
CA VAL D 19 -18.07 27.61 28.65
C VAL D 19 -17.98 28.05 27.20
N THR D 20 -17.34 29.20 26.96
CA THR D 20 -17.23 29.73 25.60
C THR D 20 -15.99 30.58 25.46
N MET D 21 -14.94 30.03 24.84
CA MET D 21 -13.72 30.79 24.57
C MET D 21 -13.71 31.26 23.11
N THR D 22 -12.61 31.85 22.67
CA THR D 22 -12.68 32.62 21.43
C THR D 22 -11.31 32.68 20.76
N CYS D 23 -11.37 32.68 19.42
CA CYS D 23 -10.20 32.79 18.52
C CYS D 23 -10.44 34.00 17.61
N SER D 24 -9.37 34.64 17.14
CA SER D 24 -9.51 35.83 16.32
C SER D 24 -8.30 36.00 15.42
N ALA D 25 -8.54 36.38 14.18
CA ALA D 25 -7.57 36.21 13.11
C ALA D 25 -7.14 37.55 12.53
N SER D 26 -5.83 37.75 12.38
CA SER D 26 -5.33 39.03 11.89
C SER D 26 -5.75 39.28 10.45
N SER D 27 -5.94 38.21 9.68
CA SER D 27 -6.52 38.23 8.34
C SER D 27 -7.67 37.22 8.34
N SER D 28 -8.10 36.76 7.18
CA SER D 28 -9.29 35.92 7.13
C SER D 28 -8.92 34.44 7.05
N VAL D 29 -9.73 33.60 7.70
CA VAL D 29 -9.34 32.23 8.04
C VAL D 29 -10.53 31.29 7.87
N SER D 30 -10.23 30.05 7.44
CA SER D 30 -11.22 29.02 7.15
C SER D 30 -10.94 27.76 7.95
N TYR D 31 -12.01 27.14 8.50
CA TYR D 31 -11.97 25.83 9.13
C TYR D 31 -10.85 25.65 10.14
N ILE D 32 -11.03 26.23 11.35
CA ILE D 32 -10.02 26.26 12.42
C ILE D 32 -10.09 24.97 13.23
N HIS D 33 -8.97 24.59 13.86
CA HIS D 33 -8.92 23.37 14.65
C HIS D 33 -8.57 23.71 16.10
N TRP D 34 -8.84 22.75 16.98
CA TRP D 34 -8.82 22.97 18.43
C TRP D 34 -8.15 21.80 19.12
N TYR D 35 -7.17 22.09 19.97
CA TYR D 35 -6.48 21.04 20.69
C TYR D 35 -6.57 21.19 22.20
N GLN D 36 -6.81 20.07 22.88
CA GLN D 36 -6.99 20.03 24.34
C GLN D 36 -5.72 19.48 24.96
N GLN D 37 -5.00 20.34 25.69
CA GLN D 37 -3.77 19.99 26.38
C GLN D 37 -3.94 20.05 27.89
N LYS D 38 -3.82 18.90 28.53
CA LYS D 38 -3.47 18.79 29.94
C LYS D 38 -1.95 18.78 30.11
N SER D 39 -1.49 19.33 31.24
CA SER D 39 -0.07 19.40 31.56
C SER D 39 0.47 17.99 31.73
N GLY D 40 1.54 17.67 31.00
CA GLY D 40 2.10 16.33 31.02
C GLY D 40 1.50 15.38 30.00
N THR D 41 0.49 15.81 29.25
CA THR D 41 -0.21 14.99 28.28
C THR D 41 0.04 15.55 26.89
N SER D 42 0.18 14.65 25.91
CA SER D 42 0.25 15.05 24.52
C SER D 42 -0.96 15.91 24.14
N PRO D 43 -0.76 17.03 23.42
CA PRO D 43 -1.91 17.82 22.97
C PRO D 43 -2.83 16.93 22.14
N LYS D 44 -4.13 17.02 22.41
CA LYS D 44 -5.13 16.20 21.73
C LYS D 44 -5.90 17.09 20.76
N ARG D 45 -6.10 16.59 19.53
CA ARG D 45 -7.06 17.22 18.64
C ARG D 45 -8.47 17.05 19.19
N TRP D 46 -9.16 18.19 19.33
CA TRP D 46 -10.47 18.24 19.96
C TRP D 46 -11.58 18.46 18.95
N ILE D 47 -11.42 19.46 18.09
CA ILE D 47 -12.44 19.91 17.16
C ILE D 47 -11.73 20.42 15.92
N TYR D 48 -12.18 19.94 14.75
CA TYR D 48 -11.57 20.30 13.49
C TYR D 48 -12.61 20.82 12.52
N ASP D 49 -12.12 21.57 11.53
CA ASP D 49 -12.95 22.07 10.43
C ASP D 49 -14.08 22.94 10.99
N THR D 50 -13.70 23.85 11.89
CA THR D 50 -14.61 24.75 12.58
C THR D 50 -15.72 24.06 13.37
N SER D 51 -16.10 22.81 13.07
CA SER D 51 -17.25 22.27 13.78
C SER D 51 -17.27 20.77 14.06
N LYS D 52 -16.44 19.98 13.40
CA LYS D 52 -16.52 18.54 13.56
C LYS D 52 -15.76 18.08 14.81
N LEU D 53 -16.45 17.35 15.70
CA LEU D 53 -15.81 16.69 16.84
C LEU D 53 -14.93 15.54 16.37
N THR D 54 -14.22 14.95 17.32
CA THR D 54 -13.34 13.82 17.04
C THR D 54 -13.84 12.61 17.83
N SER D 55 -13.55 11.43 17.29
CA SER D 55 -13.86 10.18 17.97
C SER D 55 -13.53 10.21 19.45
N GLY D 56 -14.54 10.40 20.28
CA GLY D 56 -14.33 10.36 21.72
C GLY D 56 -14.74 11.65 22.38
N VAL D 57 -14.45 12.77 21.72
CA VAL D 57 -14.84 14.09 22.17
C VAL D 57 -16.34 14.08 22.51
N PRO D 58 -16.72 14.15 23.79
CA PRO D 58 -18.15 14.13 24.12
C PRO D 58 -18.91 15.29 23.49
N VAL D 59 -20.22 15.06 23.31
CA VAL D 59 -21.06 15.94 22.52
C VAL D 59 -21.27 17.31 23.16
N ARG D 60 -21.02 17.45 24.46
CA ARG D 60 -21.11 18.77 25.08
C ARG D 60 -20.21 19.78 24.36
N PHE D 61 -19.23 19.28 23.62
CA PHE D 61 -18.29 20.12 22.91
C PHE D 61 -18.85 20.51 21.54
N SER D 62 -18.61 21.76 21.15
CA SER D 62 -19.13 22.25 19.90
C SER D 62 -18.32 23.49 19.48
N GLY D 63 -18.01 23.60 18.19
CA GLY D 63 -17.29 24.78 17.78
C GLY D 63 -18.05 25.53 16.70
N SER D 64 -17.77 26.83 16.51
CA SER D 64 -18.56 27.65 15.61
C SER D 64 -17.66 28.67 14.92
N GLY D 65 -18.24 29.41 13.98
CA GLY D 65 -17.57 30.61 13.51
C GLY D 65 -17.47 30.81 12.01
N SER D 66 -16.94 31.97 11.59
CA SER D 66 -16.85 32.28 10.17
C SER D 66 -15.81 33.37 9.95
N GLY D 67 -15.16 33.32 8.79
CA GLY D 67 -14.40 34.45 8.31
C GLY D 67 -13.26 34.91 9.21
N THR D 68 -13.59 35.67 10.25
CA THR D 68 -12.54 36.23 11.09
C THR D 68 -12.72 36.00 12.59
N SER D 69 -13.75 35.29 13.02
CA SER D 69 -13.96 34.99 14.43
C SER D 69 -14.55 33.60 14.57
N TYR D 70 -13.96 32.78 15.46
CA TYR D 70 -14.38 31.39 15.72
C TYR D 70 -14.58 31.21 17.23
N SER D 71 -14.98 30.00 17.67
CA SER D 71 -15.28 29.82 19.10
C SER D 71 -15.51 28.36 19.44
N LEU D 72 -15.03 27.95 20.62
CA LEU D 72 -15.33 26.65 21.20
C LEU D 72 -16.41 26.83 22.25
N THR D 73 -17.12 25.73 22.59
CA THR D 73 -18.19 25.80 23.59
C THR D 73 -18.48 24.43 24.22
N ILE D 74 -18.66 24.43 25.55
CA ILE D 74 -18.99 23.22 26.31
C ILE D 74 -20.34 23.45 26.98
N ASN D 75 -21.42 23.03 26.31
CA ASN D 75 -22.74 23.05 26.95
C ASN D 75 -22.71 22.00 28.06
N THR D 76 -22.61 22.48 29.32
CA THR D 76 -22.27 21.71 30.51
C THR D 76 -20.79 21.38 30.52
N MET D 77 -20.04 22.07 31.37
CA MET D 77 -18.64 21.78 31.57
C MET D 77 -18.48 20.72 32.66
N GLU D 78 -17.48 19.86 32.48
CA GLU D 78 -17.22 18.84 33.47
C GLU D 78 -15.94 19.18 34.22
N ALA D 79 -15.56 18.28 35.14
CA ALA D 79 -14.29 18.38 35.82
C ALA D 79 -13.14 18.01 34.88
N GLU D 80 -13.29 16.90 34.15
CA GLU D 80 -12.29 16.44 33.21
C GLU D 80 -12.11 17.42 32.05
N ASP D 81 -12.99 18.42 31.97
CA ASP D 81 -12.85 19.43 30.95
C ASP D 81 -11.79 20.46 31.28
N ALA D 82 -11.13 20.32 32.42
CA ALA D 82 -10.08 21.27 32.81
C ALA D 82 -8.81 21.02 32.00
N ALA D 83 -8.41 22.04 31.21
CA ALA D 83 -7.24 21.94 30.34
C ALA D 83 -7.01 23.23 29.58
N THR D 84 -6.07 23.22 28.65
CA THR D 84 -5.83 24.36 27.78
C THR D 84 -6.22 24.03 26.35
N TYR D 85 -6.91 24.96 25.71
CA TYR D 85 -7.46 24.73 24.40
C TYR D 85 -6.76 25.70 23.48
N TYR D 86 -5.98 25.19 22.53
CA TYR D 86 -5.33 25.98 21.50
C TYR D 86 -6.09 25.86 20.19
N CYS D 87 -6.34 26.99 19.54
CA CYS D 87 -6.85 27.00 18.18
C CYS D 87 -5.66 27.08 17.22
N GLN D 88 -5.93 26.76 15.96
CA GLN D 88 -4.88 26.66 14.95
C GLN D 88 -5.48 26.79 13.56
N GLN D 89 -4.85 27.60 12.71
CA GLN D 89 -5.30 27.77 11.34
C GLN D 89 -4.26 27.21 10.39
N TRP D 90 -4.69 26.42 9.40
CA TRP D 90 -3.90 26.22 8.19
C TRP D 90 -4.69 26.64 6.95
N SER D 91 -5.71 27.49 7.12
CA SER D 91 -6.37 28.05 5.96
C SER D 91 -5.39 28.86 5.11
N SER D 92 -4.46 29.58 5.73
CA SER D 92 -3.32 30.09 5.00
C SER D 92 -2.06 29.35 5.41
N HIS D 93 -0.94 29.76 4.80
CA HIS D 93 0.32 29.09 5.03
C HIS D 93 1.39 30.14 5.29
N PRO D 94 2.17 30.01 6.39
CA PRO D 94 2.18 28.77 7.17
C PRO D 94 1.20 28.82 8.29
N GLN D 95 1.06 27.69 8.95
CA GLN D 95 -0.02 27.54 9.89
C GLN D 95 0.40 28.05 11.25
N THR D 96 -0.57 28.63 11.96
CA THR D 96 -0.29 29.30 13.21
C THR D 96 -1.30 28.85 14.26
N PHE D 97 -0.83 28.83 15.49
CA PHE D 97 -1.67 28.57 16.63
C PHE D 97 -1.98 29.90 17.34
N GLY D 98 -2.96 29.84 18.24
CA GLY D 98 -3.22 30.92 19.17
C GLY D 98 -2.51 30.71 20.50
N GLY D 99 -2.59 31.75 21.34
CA GLY D 99 -1.91 31.75 22.62
C GLY D 99 -2.43 30.71 23.61
N GLY D 100 -3.72 30.48 23.62
CA GLY D 100 -4.29 29.47 24.49
C GLY D 100 -5.43 30.03 25.31
N THR D 101 -6.17 29.11 25.92
CA THR D 101 -7.15 29.43 26.94
C THR D 101 -7.11 28.33 27.99
N LYS D 102 -6.76 28.71 29.22
CA LYS D 102 -6.66 27.80 30.34
C LYS D 102 -8.03 27.72 31.00
N LEU D 103 -8.67 26.56 30.97
CA LEU D 103 -9.99 26.41 31.56
C LEU D 103 -9.84 25.64 32.88
N GLU D 104 -10.02 26.35 33.99
CA GLU D 104 -9.92 25.77 35.32
C GLU D 104 -11.29 25.66 35.98
N ILE D 105 -11.50 24.53 36.66
CA ILE D 105 -12.62 24.25 37.56
C ILE D 105 -12.83 25.41 38.54
N LEU D 106 -14.06 25.63 38.99
CA LEU D 106 -14.34 26.57 40.07
C LEU D 106 -14.93 25.77 41.22
N ARG D 107 -14.60 26.16 42.46
CA ARG D 107 -15.11 25.49 43.63
C ARG D 107 -15.34 26.50 44.75
N ALA D 108 -15.74 25.95 45.89
CA ALA D 108 -15.92 26.74 47.10
C ALA D 108 -14.59 27.31 47.57
N ASP D 109 -14.64 28.50 48.17
CA ASP D 109 -13.47 29.01 48.85
C ASP D 109 -13.09 28.08 50.01
N ALA D 110 -11.80 28.06 50.33
CA ALA D 110 -11.24 27.15 51.32
C ALA D 110 -10.00 27.78 51.96
N ALA D 111 -9.79 27.49 53.26
CA ALA D 111 -8.66 28.15 53.89
C ALA D 111 -7.43 27.24 53.86
N PRO D 112 -6.26 27.87 53.74
CA PRO D 112 -5.01 27.10 53.69
C PRO D 112 -4.77 26.33 54.97
N THR D 113 -4.31 25.09 54.82
CA THR D 113 -3.76 24.31 55.93
C THR D 113 -2.27 24.61 56.04
N VAL D 114 -1.90 25.56 56.95
CA VAL D 114 -0.54 26.07 57.03
C VAL D 114 0.35 25.15 57.86
N SER D 115 1.59 24.96 57.40
CA SER D 115 2.60 24.11 58.04
C SER D 115 3.97 24.77 57.90
N ILE D 116 4.74 24.81 58.99
CA ILE D 116 6.05 25.45 59.00
C ILE D 116 7.06 24.44 59.55
N PHE D 117 8.29 24.48 59.00
CA PHE D 117 9.33 23.47 59.21
C PHE D 117 10.72 24.06 59.43
N PRO D 118 11.48 23.51 60.39
CA PRO D 118 12.79 24.06 60.68
C PRO D 118 13.84 23.40 59.81
N PRO D 119 14.87 24.14 59.42
CA PRO D 119 15.98 23.55 58.65
C PRO D 119 16.40 22.23 59.27
N SER D 120 16.56 21.22 58.43
CA SER D 120 16.94 19.92 58.98
C SER D 120 18.33 19.97 59.59
N SER D 121 18.54 19.13 60.61
CA SER D 121 19.89 19.01 61.16
C SER D 121 20.88 18.62 60.08
N GLU D 122 20.41 17.92 59.03
CA GLU D 122 21.27 17.52 57.91
C GLU D 122 21.69 18.73 57.09
N GLN D 123 20.76 19.66 56.82
CA GLN D 123 21.12 20.85 56.08
C GLN D 123 22.01 21.77 56.88
N LEU D 124 21.89 21.72 58.21
CA LEU D 124 22.62 22.65 59.07
C LEU D 124 24.11 22.29 59.12
N THR D 125 24.41 20.99 59.15
CA THR D 125 25.79 20.53 59.14
C THR D 125 26.53 21.04 57.90
N SER D 126 25.84 21.10 56.76
CA SER D 126 26.44 21.65 55.55
C SER D 126 26.42 23.18 55.50
N GLY D 127 25.88 23.85 56.48
CA GLY D 127 26.01 25.28 56.52
C GLY D 127 24.93 26.10 55.84
N GLY D 128 23.86 25.50 55.38
CA GLY D 128 22.74 26.32 54.97
C GLY D 128 21.53 26.11 55.86
N ALA D 129 20.66 27.12 55.90
CA ALA D 129 19.43 27.06 56.68
C ALA D 129 18.28 27.53 55.81
N SER D 130 17.43 26.60 55.39
CA SER D 130 16.27 26.85 54.54
C SER D 130 15.01 26.54 55.35
N VAL D 131 14.17 27.56 55.55
CA VAL D 131 12.94 27.44 56.34
C VAL D 131 11.75 27.28 55.38
N VAL D 132 10.99 26.21 55.54
CA VAL D 132 9.97 25.83 54.58
C VAL D 132 8.59 26.00 55.22
N CYS D 133 7.69 26.65 54.49
CA CYS D 133 6.33 26.92 54.94
C CYS D 133 5.36 26.53 53.82
N PHE D 134 4.47 25.61 54.12
CA PHE D 134 3.51 25.07 53.18
C PHE D 134 2.13 25.69 53.41
N LEU D 135 1.54 26.27 52.37
CA LEU D 135 0.12 26.62 52.38
C LEU D 135 -0.58 25.61 51.47
N ASN D 136 -1.26 24.62 52.08
CA ASN D 136 -1.73 23.41 51.41
C ASN D 136 -3.26 23.35 51.35
N ASN D 137 -3.83 23.38 50.12
CA ASN D 137 -5.21 23.03 49.78
C ASN D 137 -6.20 24.18 49.93
N PHE D 138 -6.08 25.21 49.09
CA PHE D 138 -6.91 26.42 49.19
C PHE D 138 -7.48 26.85 47.84
N TYR D 139 -8.32 27.90 47.87
CA TYR D 139 -8.99 28.49 46.70
C TYR D 139 -9.56 29.85 47.10
N PRO D 140 -9.45 30.90 46.25
CA PRO D 140 -8.73 31.04 44.97
C PRO D 140 -7.22 31.16 45.17
N LYS D 141 -6.48 31.33 44.07
CA LYS D 141 -5.04 31.16 44.09
C LYS D 141 -4.30 32.38 44.60
N ASP D 142 -4.82 33.58 44.36
CA ASP D 142 -4.26 34.76 44.99
C ASP D 142 -4.03 34.50 46.48
N ILE D 143 -2.84 34.84 46.96
CA ILE D 143 -2.47 34.72 48.37
C ILE D 143 -1.19 35.51 48.56
N ASN D 144 -0.91 35.89 49.80
CA ASN D 144 0.32 36.62 50.14
C ASN D 144 0.97 35.99 51.35
N VAL D 145 2.29 35.79 51.29
CA VAL D 145 3.03 35.21 52.40
C VAL D 145 4.01 36.26 52.90
N LYS D 146 4.08 36.40 54.22
CA LYS D 146 5.04 37.27 54.89
C LYS D 146 5.85 36.42 55.87
N TRP D 147 7.15 36.74 55.93
CA TRP D 147 8.08 36.17 56.90
C TRP D 147 8.42 37.21 57.97
N LYS D 148 8.49 36.77 59.22
CA LYS D 148 9.02 37.60 60.30
C LYS D 148 10.06 36.81 61.09
N ILE D 149 11.26 37.38 61.16
CA ILE D 149 12.41 36.85 61.88
C ILE D 149 12.54 37.64 63.18
N ASP D 150 12.20 37.00 64.31
CA ASP D 150 12.12 37.69 65.60
C ASP D 150 11.11 38.82 65.53
N GLY D 151 9.92 38.51 65.00
CA GLY D 151 8.85 39.47 64.85
C GLY D 151 9.11 40.63 63.91
N SER D 152 10.21 40.64 63.15
CA SER D 152 10.51 41.71 62.19
C SER D 152 10.47 41.18 60.75
N GLU D 153 9.92 41.99 59.84
CA GLU D 153 9.72 41.57 58.46
C GLU D 153 11.04 41.23 57.76
N ARG D 154 11.03 40.14 56.98
CA ARG D 154 12.16 39.77 56.13
C ARG D 154 11.65 39.69 54.70
N GLN D 155 12.27 40.44 53.80
CA GLN D 155 11.90 40.42 52.37
C GLN D 155 12.88 39.68 51.46
N ASN D 156 14.19 39.73 51.74
CA ASN D 156 15.15 39.13 50.81
C ASN D 156 15.29 37.63 51.05
N GLY D 157 15.53 36.91 49.96
CA GLY D 157 15.85 35.48 50.03
C GLY D 157 14.69 34.56 50.30
N VAL D 158 13.50 34.87 49.79
CA VAL D 158 12.32 34.01 49.90
C VAL D 158 11.85 33.61 48.49
N LEU D 159 11.54 32.33 48.29
CA LEU D 159 11.10 31.79 47.00
C LEU D 159 9.81 30.98 47.17
N ASN D 160 8.75 31.38 46.46
CA ASN D 160 7.47 30.70 46.51
C ASN D 160 7.13 30.05 45.18
N SER D 161 6.20 29.11 45.24
CA SER D 161 5.89 28.27 44.09
C SER D 161 4.52 27.64 44.28
N TRP D 162 3.56 28.04 43.46
CA TRP D 162 2.22 27.48 43.45
C TRP D 162 2.15 26.18 42.65
N THR D 163 1.32 25.24 43.11
CA THR D 163 1.00 24.12 42.26
C THR D 163 -0.11 24.50 41.28
N ASP D 164 -0.21 23.72 40.21
CA ASP D 164 -1.36 23.78 39.31
C ASP D 164 -2.55 23.17 40.01
N GLN D 165 -3.75 23.67 39.65
CA GLN D 165 -4.95 23.31 40.39
C GLN D 165 -5.08 21.81 40.58
N ASP D 166 -5.53 21.40 41.77
CA ASP D 166 -5.33 20.02 42.15
C ASP D 166 -6.34 19.15 41.43
N SER D 167 -5.98 17.89 41.21
CA SER D 167 -6.88 16.97 40.52
C SER D 167 -8.13 16.70 41.35
N LYS D 168 -7.98 16.06 42.51
CA LYS D 168 -9.13 15.58 43.25
C LYS D 168 -10.02 16.73 43.71
N ASP D 169 -9.45 17.67 44.46
CA ASP D 169 -10.27 18.67 45.11
C ASP D 169 -10.20 20.03 44.45
N SER D 170 -9.56 20.15 43.30
CA SER D 170 -9.55 21.42 42.56
C SER D 170 -9.16 22.62 43.43
N THR D 171 -8.37 22.37 44.48
CA THR D 171 -7.75 23.39 45.33
C THR D 171 -6.35 23.71 44.82
N TYR D 172 -5.70 24.68 45.46
CA TYR D 172 -4.32 25.01 45.15
C TYR D 172 -3.41 24.56 46.29
N SER D 173 -2.14 24.93 46.18
CA SER D 173 -1.09 24.77 47.17
C SER D 173 -0.01 25.73 46.72
N MET D 174 0.95 25.94 47.60
CA MET D 174 1.93 27.00 47.41
C MET D 174 2.89 26.99 48.59
N SER D 175 4.19 26.84 48.31
CA SER D 175 5.20 26.77 49.35
C SER D 175 6.06 28.02 49.35
N SER D 176 6.62 28.32 50.51
CA SER D 176 7.50 29.45 50.69
C SER D 176 8.76 29.00 51.41
N THR D 177 9.93 29.34 50.89
CA THR D 177 11.19 28.94 51.51
C THR D 177 12.11 30.14 51.68
N LEU D 178 12.37 30.47 52.96
CA LEU D 178 13.37 31.45 53.37
C LEU D 178 14.69 30.73 53.62
N THR D 179 15.73 31.15 52.89
CA THR D 179 17.05 30.52 52.88
C THR D 179 18.09 31.52 53.37
N LEU D 180 18.73 31.20 54.49
CA LEU D 180 19.82 31.98 55.00
C LEU D 180 21.05 31.09 55.12
N THR D 181 22.18 31.71 55.46
CA THR D 181 23.35 30.94 55.88
C THR D 181 23.12 30.42 57.29
N LYS D 182 23.86 29.36 57.64
CA LYS D 182 23.71 28.84 58.99
C LYS D 182 24.04 29.91 60.02
N ASP D 183 24.97 30.82 59.71
CA ASP D 183 25.32 31.90 60.64
C ASP D 183 24.14 32.86 60.81
N GLU D 184 23.51 33.32 59.72
CA GLU D 184 22.38 34.24 59.87
C GLU D 184 21.23 33.60 60.63
N TYR D 185 21.05 32.29 60.43
CA TYR D 185 19.94 31.62 61.07
C TYR D 185 20.04 31.75 62.58
N GLU D 186 21.24 31.60 63.15
CA GLU D 186 21.37 31.43 64.59
C GLU D 186 21.27 32.76 65.37
N ARG D 187 21.54 33.91 64.74
CA ARG D 187 21.37 35.19 65.43
C ARG D 187 19.95 35.37 65.99
N HIS D 188 18.96 34.73 65.39
CA HIS D 188 17.55 34.98 65.66
C HIS D 188 16.90 33.73 66.22
N ASN D 189 15.61 33.87 66.61
CA ASN D 189 15.02 32.86 67.49
C ASN D 189 13.61 32.46 67.12
N SER D 190 12.76 33.42 66.75
CA SER D 190 11.39 33.18 66.32
C SER D 190 11.29 33.41 64.82
N TYR D 191 10.86 32.36 64.08
CA TYR D 191 10.54 32.47 62.65
C TYR D 191 9.05 32.26 62.46
N THR D 192 8.39 33.26 61.87
CA THR D 192 6.96 33.28 61.65
C THR D 192 6.65 33.42 60.16
N CYS D 193 5.49 32.88 59.79
CA CYS D 193 5.05 32.75 58.40
C CYS D 193 3.59 33.15 58.37
N GLU D 194 3.23 34.13 57.54
CA GLU D 194 1.90 34.75 57.62
C GLU D 194 1.11 34.67 56.31
N ALA D 195 0.00 33.94 56.37
CA ALA D 195 -0.85 33.71 55.20
C ALA D 195 -1.94 34.78 55.10
N THR D 196 -1.86 35.63 54.08
CA THR D 196 -2.86 36.67 53.79
C THR D 196 -3.70 36.26 52.57
N HIS D 197 -4.88 35.67 52.82
CA HIS D 197 -5.75 35.11 51.79
C HIS D 197 -6.89 36.07 51.44
N LYS D 198 -8.01 35.50 50.99
CA LYS D 198 -9.29 36.17 50.87
C LYS D 198 -10.29 35.66 51.90
N THR D 199 -10.07 34.46 52.44
CA THR D 199 -10.99 33.75 53.33
C THR D 199 -10.95 34.23 54.79
N SER D 200 -10.15 35.26 55.11
CA SER D 200 -10.10 35.86 56.44
C SER D 200 -9.36 37.19 56.33
N THR D 201 -9.62 38.07 57.31
CA THR D 201 -8.75 39.22 57.49
C THR D 201 -7.58 38.89 58.39
N SER D 202 -7.76 37.90 59.28
CA SER D 202 -6.83 37.45 60.30
C SER D 202 -5.95 36.31 59.77
N PRO D 203 -4.67 36.57 59.44
CA PRO D 203 -3.82 35.53 58.83
C PRO D 203 -3.65 34.28 59.69
N ILE D 204 -3.37 33.16 59.01
CA ILE D 204 -3.05 31.91 59.70
C ILE D 204 -1.54 31.91 59.87
N VAL D 205 -1.07 32.50 60.97
CA VAL D 205 0.35 32.42 61.29
C VAL D 205 0.66 31.03 61.82
N LYS D 206 1.79 30.49 61.37
CA LYS D 206 2.45 29.38 62.03
C LYS D 206 3.90 29.78 62.20
N SER D 207 4.51 29.36 63.32
CA SER D 207 5.86 29.79 63.65
C SER D 207 6.47 28.81 64.65
N PHE D 208 7.79 28.90 64.79
CA PHE D 208 8.52 28.09 65.77
C PHE D 208 9.63 28.94 66.38
N ASN D 209 9.95 28.63 67.64
CA ASN D 209 11.12 29.19 68.29
C ASN D 209 12.18 28.11 68.39
N ARG D 210 13.43 28.50 68.17
CA ARG D 210 14.51 27.54 68.36
C ARG D 210 14.69 27.23 69.84
N ALA D 211 14.36 28.20 70.70
CA ALA D 211 14.67 28.23 72.12
C ALA D 211 16.19 28.10 72.30
N VAL E 2 17.95 -6.51 -1.90
CA VAL E 2 16.97 -7.59 -1.72
C VAL E 2 17.56 -8.93 -1.19
N ARG E 3 17.47 -9.15 0.12
CA ARG E 3 18.33 -10.12 0.79
C ARG E 3 17.55 -11.05 1.72
N LEU E 4 18.19 -12.17 2.08
CA LEU E 4 17.67 -13.09 3.08
C LEU E 4 18.83 -13.59 3.92
N LEU E 5 18.71 -13.43 5.23
CA LEU E 5 19.81 -13.72 6.15
C LEU E 5 19.25 -14.55 7.30
N GLU E 6 19.50 -15.86 7.27
CA GLU E 6 19.03 -16.76 8.30
C GLU E 6 20.09 -16.91 9.39
N SER E 7 19.63 -17.28 10.57
CA SER E 7 20.52 -17.41 11.71
C SER E 7 19.83 -18.28 12.76
N GLY E 8 20.56 -18.52 13.86
CA GLY E 8 20.06 -19.33 14.96
C GLY E 8 20.39 -20.79 14.85
N GLY E 9 21.05 -21.20 13.79
CA GLY E 9 21.55 -22.56 13.72
C GLY E 9 22.66 -22.79 14.72
N GLY E 10 23.30 -23.94 14.57
CA GLY E 10 24.35 -24.36 15.45
C GLY E 10 24.03 -25.69 16.13
N LEU E 11 24.47 -25.80 17.38
CA LEU E 11 24.46 -27.05 18.12
C LEU E 11 23.18 -27.18 18.93
N VAL E 12 22.55 -28.35 18.86
CA VAL E 12 21.58 -28.80 19.83
C VAL E 12 21.87 -30.26 20.10
N GLN E 13 21.37 -30.73 21.24
CA GLN E 13 21.36 -32.07 21.77
C GLN E 13 20.10 -32.80 21.32
N PRO E 14 20.25 -34.09 21.02
CA PRO E 14 19.08 -34.91 20.66
C PRO E 14 17.90 -34.69 21.61
N GLY E 15 16.70 -34.77 21.06
CA GLY E 15 15.49 -34.51 21.83
C GLY E 15 15.20 -33.05 22.08
N GLY E 16 16.22 -32.20 22.05
CA GLY E 16 16.05 -30.78 22.30
C GLY E 16 15.38 -30.04 21.16
N SER E 17 15.29 -28.71 21.31
CA SER E 17 14.56 -27.87 20.37
C SER E 17 15.28 -26.53 20.19
N LEU E 18 15.22 -25.98 18.96
CA LEU E 18 15.82 -24.69 18.67
C LEU E 18 15.06 -23.93 17.58
N LYS E 19 15.09 -22.59 17.67
CA LYS E 19 14.31 -21.65 16.85
C LYS E 19 15.25 -20.90 15.90
N LEU E 20 15.25 -21.29 14.61
CA LEU E 20 16.00 -20.52 13.61
C LEU E 20 15.25 -19.25 13.27
N SER E 21 16.00 -18.21 12.93
CA SER E 21 15.40 -16.99 12.41
C SER E 21 15.84 -16.75 10.97
N CYS E 22 15.05 -15.97 10.21
CA CYS E 22 15.41 -15.48 8.88
C CYS E 22 14.98 -14.02 8.75
N ALA E 23 15.92 -13.14 8.48
CA ALA E 23 15.64 -11.70 8.39
C ALA E 23 15.64 -11.25 6.93
N ALA E 24 14.46 -10.82 6.44
CA ALA E 24 14.31 -10.32 5.08
C ALA E 24 14.47 -8.80 5.02
N SER E 25 14.92 -8.32 3.87
CA SER E 25 15.32 -6.93 3.66
C SER E 25 15.55 -6.72 2.17
N GLY E 26 15.15 -5.56 1.68
CA GLY E 26 15.18 -5.31 0.26
C GLY E 26 13.84 -5.45 -0.42
N PHE E 27 12.81 -5.88 0.30
CA PHE E 27 11.52 -6.04 -0.37
C PHE E 27 10.39 -5.96 0.65
N ASP E 28 9.15 -5.95 0.14
CA ASP E 28 7.98 -5.85 0.99
C ASP E 28 7.67 -7.25 1.52
N TYR E 29 8.22 -7.54 2.69
CA TYR E 29 8.10 -8.85 3.30
C TYR E 29 6.66 -9.35 3.38
N SER E 30 5.70 -8.45 3.63
CA SER E 30 4.31 -8.86 3.68
C SER E 30 3.80 -9.05 2.26
N ARG E 31 2.65 -9.72 2.15
CA ARG E 31 2.18 -10.19 0.84
C ARG E 31 3.33 -10.84 0.07
N TYR E 32 4.13 -11.63 0.79
CA TYR E 32 5.03 -12.61 0.20
C TYR E 32 4.92 -13.89 1.01
N TRP E 33 4.54 -14.98 0.36
CA TRP E 33 4.76 -16.29 0.95
C TRP E 33 6.24 -16.52 1.28
N MET E 34 6.52 -17.03 2.47
CA MET E 34 7.85 -17.47 2.84
C MET E 34 7.89 -18.99 2.95
N SER E 35 9.09 -19.55 2.90
CA SER E 35 9.22 -20.99 2.98
C SER E 35 10.56 -21.36 3.60
N TRP E 36 10.66 -22.60 4.06
CA TRP E 36 11.91 -23.15 4.58
C TRP E 36 12.21 -24.42 3.80
N VAL E 37 13.46 -24.54 3.32
CA VAL E 37 13.99 -25.75 2.68
C VAL E 37 15.30 -26.10 3.38
N ARG E 38 15.52 -27.38 3.68
CA ARG E 38 16.78 -27.78 4.30
C ARG E 38 17.55 -28.71 3.38
N GLN E 39 18.86 -28.80 3.63
CA GLN E 39 19.76 -29.64 2.83
C GLN E 39 20.60 -30.42 3.82
N ALA E 40 20.30 -31.70 3.99
CA ALA E 40 21.15 -32.56 4.81
C ALA E 40 22.51 -32.68 4.12
N PRO E 41 23.58 -32.91 4.85
CA PRO E 41 24.93 -32.66 4.29
C PRO E 41 25.15 -33.43 3.00
N GLY E 42 25.60 -32.71 1.97
CA GLY E 42 25.90 -33.26 0.66
C GLY E 42 24.76 -33.90 -0.12
N LYS E 43 23.55 -33.85 0.42
CA LYS E 43 22.40 -34.52 -0.14
C LYS E 43 21.53 -33.52 -0.91
N GLY E 44 20.25 -33.86 -1.03
CA GLY E 44 19.33 -33.04 -1.79
C GLY E 44 18.51 -32.12 -0.92
N LEU E 45 17.73 -31.29 -1.61
CA LEU E 45 16.89 -30.30 -0.98
C LEU E 45 15.54 -30.93 -0.63
N LYS E 46 15.08 -30.66 0.58
CA LYS E 46 13.83 -31.24 1.04
C LYS E 46 13.04 -30.13 1.71
N TRP E 47 11.79 -29.95 1.28
CA TRP E 47 10.98 -28.81 1.71
C TRP E 47 10.47 -29.02 3.13
N ILE E 48 10.31 -27.93 3.88
CA ILE E 48 9.87 -28.00 5.27
C ILE E 48 8.45 -27.44 5.45
N GLY E 49 8.24 -26.18 5.07
CA GLY E 49 6.88 -25.69 5.10
C GLY E 49 6.83 -24.30 4.50
N GLU E 50 5.61 -23.73 4.55
CA GLU E 50 5.36 -22.40 4.03
C GLU E 50 4.35 -21.70 4.93
N ILE E 51 4.43 -20.38 4.99
CA ILE E 51 3.48 -19.59 5.77
C ILE E 51 3.02 -18.45 4.88
N ASN E 52 1.69 -18.32 4.74
CA ASN E 52 1.11 -17.27 3.90
C ASN E 52 1.35 -15.91 4.56
N PRO E 53 1.09 -14.81 3.84
CA PRO E 53 1.54 -13.50 4.35
C PRO E 53 0.95 -13.11 5.70
N VAL E 54 -0.26 -13.54 6.01
CA VAL E 54 -0.94 -13.08 7.22
C VAL E 54 -0.83 -14.08 8.36
N SER E 55 -0.32 -15.28 8.09
CA SER E 55 -0.17 -16.40 9.01
C SER E 55 -1.46 -17.19 9.02
N SER E 56 -2.41 -16.84 8.14
CA SER E 56 -3.67 -17.55 8.05
C SER E 56 -3.48 -19.02 7.71
N THR E 57 -2.67 -19.31 6.69
CA THR E 57 -2.40 -20.66 6.22
C THR E 57 -0.97 -21.04 6.58
N ILE E 58 -0.78 -22.29 7.03
CA ILE E 58 0.53 -22.78 7.44
C ILE E 58 0.62 -24.27 7.15
N ASN E 59 1.45 -24.63 6.18
CA ASN E 59 1.57 -26.02 5.80
C ASN E 59 2.94 -26.57 6.16
N TYR E 60 3.01 -27.89 6.30
CA TYR E 60 4.26 -28.57 6.53
C TYR E 60 4.33 -29.80 5.62
N THR E 61 5.53 -30.35 5.50
CA THR E 61 5.73 -31.67 4.97
C THR E 61 5.17 -32.71 5.96
N PRO E 62 4.94 -33.96 5.51
CA PRO E 62 4.56 -35.01 6.46
C PRO E 62 5.49 -35.20 7.65
N SER E 63 5.48 -34.28 8.61
CA SER E 63 6.16 -34.49 9.88
C SER E 63 5.17 -35.03 10.90
N LEU E 64 5.65 -35.30 12.12
CA LEU E 64 4.77 -35.79 13.18
C LEU E 64 4.00 -34.62 13.79
N LYS E 65 3.92 -34.55 15.12
CA LYS E 65 3.09 -33.57 15.83
C LYS E 65 3.48 -32.13 15.53
N ASP E 66 3.91 -31.43 16.58
CA ASP E 66 4.58 -30.13 16.42
C ASP E 66 6.08 -30.28 16.13
N LYS E 67 6.48 -31.24 15.29
CA LYS E 67 7.90 -31.38 14.97
C LYS E 67 8.49 -30.05 14.51
N PHE E 68 7.82 -29.38 13.58
CA PHE E 68 8.19 -28.06 13.09
C PHE E 68 7.11 -27.03 13.38
N ILE E 69 7.52 -25.79 13.67
CA ILE E 69 6.57 -24.70 13.87
C ILE E 69 7.01 -23.38 13.21
N ILE E 70 6.43 -23.08 12.05
CA ILE E 70 6.81 -21.92 11.26
C ILE E 70 6.02 -20.71 11.71
N SER E 71 6.66 -19.56 11.68
CA SER E 71 5.98 -18.36 12.15
C SER E 71 6.62 -17.16 11.48
N ARG E 72 5.88 -16.06 11.42
CA ARG E 72 6.41 -14.82 10.90
C ARG E 72 5.95 -13.67 11.78
N ASP E 73 6.69 -12.58 11.73
CA ASP E 73 6.39 -11.38 12.49
C ASP E 73 6.60 -10.27 11.48
N ASN E 74 5.56 -10.04 10.67
CA ASN E 74 5.69 -9.14 9.53
C ASN E 74 6.17 -7.75 9.93
N ALA E 75 5.91 -7.32 11.17
CA ALA E 75 6.32 -5.98 11.58
C ALA E 75 7.84 -5.86 11.69
N LYS E 76 8.52 -6.96 11.98
CA LYS E 76 9.99 -6.98 11.96
C LYS E 76 10.56 -7.52 10.65
N ASP E 77 9.72 -8.00 9.73
CA ASP E 77 10.19 -8.73 8.54
C ASP E 77 11.15 -9.85 8.95
N THR E 78 10.58 -10.84 9.61
CA THR E 78 11.39 -11.94 10.11
C THR E 78 10.60 -13.24 10.06
N LEU E 79 11.26 -14.30 9.63
CA LEU E 79 10.69 -15.63 9.56
C LEU E 79 11.29 -16.48 10.67
N TYR E 80 10.50 -17.41 11.19
CA TYR E 80 10.94 -18.23 12.30
C TYR E 80 10.70 -19.69 11.97
N LEU E 81 11.53 -20.54 12.58
CA LEU E 81 11.28 -21.96 12.48
C LEU E 81 11.84 -22.61 13.75
N GLN E 82 10.99 -23.39 14.42
CA GLN E 82 11.32 -24.07 15.65
C GLN E 82 11.26 -25.56 15.39
N ILE E 83 12.37 -26.25 15.61
CA ILE E 83 12.40 -27.70 15.58
C ILE E 83 12.49 -28.18 17.02
N SER E 84 11.71 -29.22 17.35
CA SER E 84 11.77 -29.91 18.62
C SER E 84 12.09 -31.38 18.38
N LYS E 85 12.28 -32.12 19.47
CA LYS E 85 12.53 -33.58 19.43
C LYS E 85 13.58 -33.91 18.39
N VAL E 86 14.69 -33.18 18.44
CA VAL E 86 15.61 -33.17 17.33
C VAL E 86 16.37 -34.49 17.27
N ARG E 87 16.35 -35.13 16.11
CA ARG E 87 17.12 -36.34 15.85
C ARG E 87 18.18 -36.06 14.78
N SER E 88 19.09 -37.02 14.57
CA SER E 88 20.26 -36.75 13.73
C SER E 88 19.89 -36.48 12.27
N GLU E 89 18.74 -36.96 11.79
CA GLU E 89 18.28 -36.64 10.46
C GLU E 89 17.92 -35.18 10.30
N ASP E 90 17.84 -34.44 11.42
CA ASP E 90 17.60 -33.01 11.44
C ASP E 90 18.87 -32.17 11.38
N THR E 91 20.04 -32.79 11.35
CA THR E 91 21.25 -32.02 11.03
C THR E 91 21.27 -31.73 9.54
N ALA E 92 21.28 -30.44 9.20
CA ALA E 92 21.27 -30.00 7.81
C ALA E 92 21.57 -28.50 7.76
N LEU E 93 21.64 -27.99 6.53
CA LEU E 93 21.72 -26.56 6.27
C LEU E 93 20.29 -26.07 6.01
N TYR E 94 19.89 -25.04 6.74
CA TYR E 94 18.52 -24.56 6.69
C TYR E 94 18.47 -23.30 5.85
N TYR E 95 17.78 -23.42 4.70
CA TYR E 95 17.58 -22.34 3.73
C TYR E 95 16.20 -21.75 3.91
N CYS E 96 16.14 -20.43 3.93
CA CYS E 96 14.93 -19.63 3.93
C CYS E 96 14.63 -19.20 2.51
N ALA E 97 13.36 -19.16 2.12
CA ALA E 97 13.15 -18.70 0.75
C ALA E 97 11.85 -17.95 0.60
N ARG E 98 11.91 -16.87 -0.16
CA ARG E 98 10.73 -16.14 -0.56
C ARG E 98 10.11 -16.90 -1.73
N LEU E 99 8.78 -17.00 -1.77
CA LEU E 99 8.10 -17.75 -2.82
C LEU E 99 7.58 -16.86 -3.94
N TYR E 100 7.22 -17.49 -5.07
CA TYR E 100 6.51 -16.82 -6.18
C TYR E 100 6.24 -17.80 -7.32
N TYR E 101 5.73 -17.29 -8.46
CA TYR E 101 5.13 -18.12 -9.51
C TYR E 101 5.18 -17.34 -10.82
N GLY E 102 5.11 -18.07 -11.92
CA GLY E 102 5.05 -17.39 -13.19
C GLY E 102 3.64 -17.53 -13.68
N TYR E 103 3.37 -18.68 -14.30
CA TYR E 103 2.00 -19.01 -14.69
C TYR E 103 1.16 -19.39 -13.50
N GLY E 104 1.75 -19.59 -12.32
CA GLY E 104 1.04 -20.07 -11.15
C GLY E 104 1.51 -21.41 -10.61
N TYR E 105 2.40 -22.16 -11.26
CA TYR E 105 3.06 -23.27 -10.58
C TYR E 105 4.26 -22.71 -9.85
N TRP E 106 4.28 -22.89 -8.53
CA TRP E 106 5.02 -21.99 -7.64
C TRP E 106 6.47 -22.43 -7.46
N TYR E 107 7.36 -21.43 -7.36
CA TYR E 107 8.79 -21.69 -7.29
C TYR E 107 9.39 -20.95 -6.12
N PHE E 108 10.68 -21.17 -5.92
CA PHE E 108 11.42 -20.62 -4.79
C PHE E 108 12.22 -19.44 -5.33
N ASP E 109 11.62 -18.25 -5.20
CA ASP E 109 12.07 -17.08 -5.97
C ASP E 109 13.47 -16.62 -5.58
N VAL E 110 13.71 -16.44 -4.28
CA VAL E 110 15.00 -15.98 -3.78
C VAL E 110 15.33 -16.73 -2.49
N TRP E 111 16.59 -17.18 -2.36
CA TRP E 111 17.00 -18.03 -1.26
C TRP E 111 18.03 -17.31 -0.39
N GLY E 112 18.05 -17.64 0.89
CA GLY E 112 19.04 -17.10 1.79
C GLY E 112 20.32 -17.91 1.77
N ALA E 113 21.28 -17.48 2.59
CA ALA E 113 22.61 -18.10 2.58
C ALA E 113 22.67 -19.44 3.31
N GLY E 114 21.62 -19.81 4.03
CA GLY E 114 21.64 -21.01 4.86
C GLY E 114 22.11 -20.73 6.28
N THR E 115 21.50 -21.42 7.26
CA THR E 115 22.11 -21.62 8.57
C THR E 115 22.18 -23.13 8.83
N THR E 116 23.14 -23.53 9.67
CA THR E 116 23.57 -24.92 9.76
C THR E 116 23.24 -25.46 11.15
N VAL E 117 22.44 -26.51 11.22
CA VAL E 117 22.08 -27.14 12.48
C VAL E 117 22.84 -28.44 12.62
N THR E 118 23.49 -28.62 13.78
CA THR E 118 24.27 -29.82 14.08
C THR E 118 23.67 -30.49 15.31
N VAL E 119 23.05 -31.65 15.11
CA VAL E 119 22.55 -32.47 16.21
C VAL E 119 23.73 -33.30 16.72
N SER E 120 24.18 -33.01 17.94
CA SER E 120 25.27 -33.75 18.57
C SER E 120 25.30 -33.40 20.05
N SER E 121 26.00 -34.24 20.81
CA SER E 121 26.09 -34.13 22.26
C SER E 121 27.34 -33.40 22.74
N ALA E 122 28.18 -32.92 21.83
CA ALA E 122 29.50 -32.37 22.11
C ALA E 122 29.46 -31.06 22.90
N LYS E 123 30.55 -30.29 22.88
CA LYS E 123 30.60 -28.95 23.43
C LYS E 123 30.99 -27.96 22.33
N THR E 124 30.37 -26.79 22.35
CA THR E 124 30.72 -25.77 21.38
C THR E 124 32.12 -25.23 21.66
N THR E 125 33.02 -25.29 20.68
CA THR E 125 34.43 -25.01 20.85
C THR E 125 34.84 -23.97 19.81
N PRO E 126 35.41 -22.84 20.20
CA PRO E 126 35.88 -21.88 19.20
C PRO E 126 37.19 -22.34 18.57
N PRO E 127 37.48 -21.86 17.36
CA PRO E 127 38.67 -22.33 16.66
C PRO E 127 39.92 -21.70 17.22
N SER E 128 41.00 -22.48 17.23
CA SER E 128 42.34 -21.91 17.34
C SER E 128 42.82 -21.61 15.92
N VAL E 129 43.40 -20.44 15.75
CA VAL E 129 43.79 -19.97 14.43
C VAL E 129 45.28 -19.73 14.44
N TYR E 130 46.01 -20.53 13.74
CA TYR E 130 47.44 -20.38 13.64
C TYR E 130 47.85 -19.79 12.30
N PRO E 131 48.87 -18.93 12.25
CA PRO E 131 49.32 -18.38 10.96
C PRO E 131 50.38 -19.22 10.28
N LEU E 132 50.23 -19.36 8.96
CA LEU E 132 51.14 -20.16 8.13
C LEU E 132 51.93 -19.22 7.25
N ALA E 133 53.25 -19.20 7.44
CA ALA E 133 54.14 -18.28 6.74
C ALA E 133 55.36 -19.05 6.26
N PRO E 134 55.97 -18.62 5.16
CA PRO E 134 57.02 -19.43 4.53
C PRO E 134 58.22 -19.63 5.42
N GLY E 135 58.75 -20.85 5.38
CA GLY E 135 59.89 -21.22 6.20
C GLY E 135 61.14 -20.38 5.93
N SER E 136 62.10 -20.52 6.86
CA SER E 136 63.39 -19.85 6.84
C SER E 136 64.13 -20.10 5.54
N ALA E 137 63.58 -19.60 4.43
CA ALA E 137 64.16 -19.80 3.10
C ALA E 137 63.35 -18.99 2.10
N ALA E 138 63.22 -17.68 2.34
CA ALA E 138 62.35 -16.79 1.58
C ALA E 138 62.61 -16.89 0.08
N ALA E 139 62.38 -18.09 -0.49
CA ALA E 139 62.65 -18.41 -1.89
C ALA E 139 61.63 -17.77 -2.83
N ALA E 140 61.71 -16.45 -3.00
CA ALA E 140 60.64 -15.69 -3.65
C ALA E 140 60.59 -15.98 -5.16
N ALA E 141 59.43 -16.45 -5.63
CA ALA E 141 59.10 -16.52 -7.05
C ALA E 141 58.39 -15.22 -7.43
N SER E 142 57.63 -15.21 -8.54
CA SER E 142 56.88 -14.00 -8.88
C SER E 142 55.78 -13.71 -7.85
N MET E 143 55.31 -14.75 -7.16
CA MET E 143 54.27 -14.66 -6.14
C MET E 143 54.71 -15.39 -4.86
N VAL E 144 54.06 -15.06 -3.74
CA VAL E 144 54.20 -15.85 -2.52
C VAL E 144 52.85 -16.35 -2.06
N THR E 145 52.88 -17.54 -1.49
CA THR E 145 51.69 -18.21 -1.02
C THR E 145 51.76 -18.23 0.50
N LEU E 146 50.69 -17.75 1.13
CA LEU E 146 50.55 -17.78 2.58
C LEU E 146 49.32 -18.57 3.00
N GLY E 147 49.26 -18.85 4.30
CA GLY E 147 48.14 -19.59 4.84
C GLY E 147 47.86 -19.14 6.25
N CYS E 148 46.72 -19.59 6.76
CA CYS E 148 46.54 -19.66 8.20
C CYS E 148 45.70 -20.91 8.48
N LEU E 149 45.99 -21.55 9.61
CA LEU E 149 45.44 -22.85 9.97
C LEU E 149 44.31 -22.64 10.99
N VAL E 150 43.22 -23.39 10.85
CA VAL E 150 42.03 -23.17 11.68
C VAL E 150 41.66 -24.52 12.28
N LYS E 151 42.09 -24.74 13.52
CA LYS E 151 42.10 -26.07 14.10
C LYS E 151 41.32 -26.08 15.40
N GLY E 152 40.58 -27.17 15.64
CA GLY E 152 40.07 -27.50 16.95
C GLY E 152 38.73 -26.90 17.29
N TYR E 153 37.88 -26.60 16.30
CA TYR E 153 36.58 -25.99 16.55
C TYR E 153 35.46 -26.97 16.28
N PHE E 154 34.30 -26.70 16.88
CA PHE E 154 33.05 -27.46 16.68
C PHE E 154 31.86 -26.64 17.17
N PRO E 155 30.73 -26.61 16.43
CA PRO E 155 30.42 -27.35 15.20
C PRO E 155 30.78 -26.58 13.95
N GLU E 156 30.56 -27.18 12.77
CA GLU E 156 30.72 -26.45 11.53
C GLU E 156 29.63 -25.39 11.41
N PRO E 157 29.85 -24.34 10.62
CA PRO E 157 31.04 -24.00 9.84
C PRO E 157 31.82 -22.79 10.34
N VAL E 158 33.00 -22.58 9.79
CA VAL E 158 33.71 -21.32 9.93
C VAL E 158 33.80 -20.69 8.54
N THR E 159 34.20 -19.42 8.53
CA THR E 159 34.39 -18.64 7.32
C THR E 159 35.72 -17.92 7.37
N VAL E 160 36.46 -18.00 6.27
CA VAL E 160 37.78 -17.41 6.15
C VAL E 160 37.72 -16.35 5.06
N THR E 161 38.32 -15.20 5.32
CA THR E 161 38.53 -14.18 4.31
C THR E 161 39.93 -13.62 4.49
N TRP E 162 40.37 -12.85 3.50
CA TRP E 162 41.70 -12.26 3.55
C TRP E 162 41.60 -10.76 3.31
N ASN E 163 42.27 -9.98 4.17
CA ASN E 163 42.13 -8.52 4.22
C ASN E 163 40.67 -8.11 4.12
N SER E 164 39.78 -8.92 4.70
CA SER E 164 38.39 -8.56 4.85
C SER E 164 37.70 -8.46 3.50
N GLY E 165 38.14 -9.30 2.55
CA GLY E 165 37.56 -9.36 1.24
C GLY E 165 38.32 -8.56 0.19
N SER E 166 39.28 -7.73 0.61
CA SER E 166 40.20 -7.11 -0.33
C SER E 166 40.82 -8.16 -1.23
N LEU E 167 41.50 -9.14 -0.62
CA LEU E 167 41.90 -10.34 -1.33
C LEU E 167 40.72 -11.24 -1.65
N ALA E 168 40.18 -11.06 -2.86
CA ALA E 168 39.10 -11.88 -3.38
C ALA E 168 39.69 -13.01 -4.21
N ALA E 169 40.21 -12.66 -5.37
CA ALA E 169 40.94 -13.63 -6.17
C ALA E 169 42.21 -14.07 -5.45
N GLY E 170 42.53 -15.36 -5.59
CA GLY E 170 43.78 -15.91 -5.14
C GLY E 170 43.70 -16.78 -3.90
N VAL E 171 42.49 -17.08 -3.42
CA VAL E 171 42.32 -17.77 -2.15
C VAL E 171 41.75 -19.14 -2.44
N HIS E 172 42.16 -20.14 -1.66
CA HIS E 172 41.44 -21.40 -1.55
C HIS E 172 41.27 -21.77 -0.09
N THR E 173 40.03 -22.04 0.29
CA THR E 173 39.73 -22.50 1.64
C THR E 173 39.25 -23.94 1.52
N PHE E 174 39.82 -24.82 2.29
CA PHE E 174 39.58 -26.23 2.07
C PHE E 174 38.51 -26.75 3.02
N PRO E 175 37.77 -27.75 2.57
CA PRO E 175 36.78 -28.39 3.44
C PRO E 175 37.37 -28.77 4.78
N ALA E 176 36.55 -28.71 5.81
CA ALA E 176 37.03 -29.13 7.12
C ALA E 176 37.12 -30.66 7.21
N VAL E 177 37.90 -31.12 8.18
CA VAL E 177 38.03 -32.55 8.46
C VAL E 177 37.81 -32.75 9.95
N LEU E 178 37.05 -33.79 10.30
CA LEU E 178 36.57 -34.01 11.66
C LEU E 178 37.37 -35.12 12.30
N GLN E 179 37.86 -34.87 13.52
CA GLN E 179 38.71 -35.84 14.23
C GLN E 179 38.54 -35.66 15.72
N ALA E 180 38.06 -36.71 16.39
CA ALA E 180 37.79 -36.66 17.83
C ALA E 180 36.71 -35.64 18.13
N ALA E 181 35.67 -35.64 17.28
CA ALA E 181 34.61 -34.62 17.30
C ALA E 181 35.19 -33.20 17.45
N LEU E 182 36.18 -32.88 16.60
CA LEU E 182 36.67 -31.52 16.38
C LEU E 182 37.06 -31.34 14.92
N TYR E 183 36.78 -30.14 14.39
CA TYR E 183 36.97 -29.84 12.98
C TYR E 183 38.26 -29.06 12.78
N THR E 184 38.88 -29.26 11.62
CA THR E 184 40.07 -28.48 11.25
C THR E 184 40.04 -28.14 9.77
N LEU E 185 40.38 -26.90 9.43
CA LEU E 185 40.53 -26.55 8.03
C LEU E 185 41.70 -25.59 7.87
N SER E 186 42.12 -25.43 6.63
CA SER E 186 43.25 -24.56 6.30
C SER E 186 42.81 -23.68 5.14
N SER E 187 43.34 -22.46 5.08
CA SER E 187 43.12 -21.60 3.93
C SER E 187 44.43 -21.03 3.42
N SER E 188 44.52 -20.92 2.10
CA SER E 188 45.68 -20.51 1.34
C SER E 188 45.38 -19.24 0.60
N VAL E 189 46.35 -18.32 0.54
CA VAL E 189 46.25 -17.12 -0.27
C VAL E 189 47.58 -16.91 -0.97
N THR E 190 47.53 -16.47 -2.22
CA THR E 190 48.70 -16.17 -3.03
C THR E 190 48.66 -14.72 -3.50
N VAL E 191 49.64 -13.94 -3.06
CA VAL E 191 49.74 -12.53 -3.40
C VAL E 191 51.12 -12.29 -4.00
N PRO E 192 51.32 -11.17 -4.71
CA PRO E 192 52.62 -10.92 -5.36
C PRO E 192 53.79 -10.88 -4.37
N SER E 193 54.98 -11.24 -4.87
CA SER E 193 56.16 -11.23 -4.01
C SER E 193 56.52 -9.83 -3.55
N SER E 194 56.13 -8.81 -4.33
CA SER E 194 56.36 -7.43 -3.91
C SER E 194 55.42 -6.99 -2.80
N SER E 195 54.17 -7.47 -2.79
CA SER E 195 53.14 -7.12 -1.79
C SER E 195 53.44 -7.66 -0.39
N TRP E 196 54.57 -8.32 -0.16
CA TRP E 196 54.73 -8.99 1.13
C TRP E 196 56.17 -9.42 1.31
N PRO E 197 56.74 -9.26 2.52
CA PRO E 197 56.10 -8.72 3.74
C PRO E 197 55.77 -7.22 3.70
N SER E 198 56.03 -6.56 2.57
CA SER E 198 55.90 -5.11 2.42
C SER E 198 54.55 -4.54 2.89
N GLU E 199 53.46 -5.28 2.70
CA GLU E 199 52.12 -4.86 3.11
C GLU E 199 51.47 -5.96 3.94
N THR E 200 50.40 -5.60 4.63
CA THR E 200 49.89 -6.47 5.69
C THR E 200 48.89 -7.46 5.09
N VAL E 201 49.04 -8.72 5.47
CA VAL E 201 48.13 -9.79 5.08
C VAL E 201 47.60 -10.44 6.35
N THR E 202 46.31 -10.26 6.63
CA THR E 202 45.65 -10.96 7.74
C THR E 202 44.51 -11.82 7.21
N CYS E 203 44.39 -13.01 7.75
CA CYS E 203 43.19 -13.81 7.56
C CYS E 203 42.20 -13.52 8.68
N ASN E 204 40.91 -13.52 8.31
CA ASN E 204 39.82 -13.27 9.24
C ASN E 204 39.00 -14.54 9.32
N VAL E 205 39.12 -15.26 10.42
CA VAL E 205 38.32 -16.46 10.70
C VAL E 205 37.11 -16.03 11.51
N ALA E 206 35.97 -16.67 11.27
CA ALA E 206 34.74 -16.37 11.98
C ALA E 206 33.99 -17.66 12.25
N HIS E 207 33.49 -17.82 13.47
CA HIS E 207 32.81 -19.06 13.86
C HIS E 207 31.48 -18.76 14.55
N PRO E 208 30.43 -18.36 13.78
CA PRO E 208 29.13 -18.06 14.41
C PRO E 208 28.73 -18.86 15.64
N ALA E 209 28.80 -20.19 15.59
CA ALA E 209 28.33 -21.01 16.71
C ALA E 209 28.93 -20.56 18.05
N SER E 210 30.16 -20.03 18.05
CA SER E 210 30.78 -19.52 19.28
C SER E 210 30.78 -17.98 19.34
N SER E 211 30.13 -17.32 18.38
CA SER E 211 30.04 -15.87 18.33
C SER E 211 31.43 -15.24 18.39
N THR E 212 32.41 -15.94 17.80
CA THR E 212 33.82 -15.60 17.92
C THR E 212 34.41 -15.31 16.56
N LYS E 213 35.21 -14.23 16.47
CA LYS E 213 36.02 -13.87 15.29
C LYS E 213 37.49 -13.79 15.69
N VAL E 214 38.37 -14.23 14.80
CA VAL E 214 39.81 -14.03 14.94
C VAL E 214 40.33 -13.42 13.66
N ASP E 215 41.12 -12.36 13.79
CA ASP E 215 41.91 -11.80 12.67
C ASP E 215 43.37 -12.04 13.04
N LYS E 216 43.93 -13.15 12.57
CA LYS E 216 45.35 -13.41 12.75
C LYS E 216 46.12 -12.76 11.62
N LYS E 217 47.28 -12.21 11.95
CA LYS E 217 48.14 -11.54 10.99
C LYS E 217 49.30 -12.46 10.64
N ILE E 218 49.70 -12.45 9.37
CA ILE E 218 50.75 -13.34 8.90
C ILE E 218 52.07 -12.62 9.08
N VAL E 219 52.92 -13.12 9.98
CA VAL E 219 54.21 -12.47 10.23
C VAL E 219 55.31 -13.35 9.63
N PRO E 220 56.37 -12.78 9.04
CA PRO E 220 57.50 -13.61 8.60
C PRO E 220 58.22 -14.25 9.79
N ARG E 221 59.07 -15.22 9.48
CA ARG E 221 59.80 -16.00 10.49
C ARG E 221 61.24 -15.48 10.58
N ALA E 222 61.51 -14.59 11.51
CA ALA E 222 62.86 -14.04 11.64
C ALA E 222 63.53 -14.51 12.92
N ASP F 1 3.95 -38.36 -2.73
CA ASP F 1 4.75 -37.21 -3.15
C ASP F 1 5.35 -37.54 -4.50
N ILE F 2 5.41 -36.57 -5.43
CA ILE F 2 6.04 -36.84 -6.73
C ILE F 2 7.52 -37.12 -6.54
N VAL F 3 8.03 -38.15 -7.21
CA VAL F 3 9.45 -38.44 -7.18
C VAL F 3 10.08 -37.97 -8.48
N LEU F 4 10.87 -36.92 -8.37
CA LEU F 4 11.72 -36.45 -9.45
C LEU F 4 13.10 -37.09 -9.32
N THR F 5 13.57 -37.67 -10.42
CA THR F 5 14.87 -38.34 -10.47
C THR F 5 15.63 -37.74 -11.62
N GLN F 6 16.80 -37.17 -11.34
CA GLN F 6 17.56 -36.49 -12.38
C GLN F 6 18.71 -37.38 -12.84
N SER F 7 18.94 -37.36 -14.18
CA SER F 7 19.70 -38.33 -14.97
C SER F 7 21.16 -38.31 -14.48
N PRO F 8 22.21 -37.90 -15.21
CA PRO F 8 23.54 -38.23 -14.65
C PRO F 8 23.65 -37.58 -13.28
N ALA F 9 23.89 -38.39 -12.25
CA ALA F 9 24.19 -37.76 -10.96
C ALA F 9 25.39 -36.84 -11.09
N ILE F 10 26.23 -37.07 -12.12
CA ILE F 10 27.48 -36.39 -12.42
C ILE F 10 27.70 -36.50 -13.93
N MET F 11 28.15 -35.42 -14.56
CA MET F 11 28.62 -35.56 -15.94
C MET F 11 29.72 -34.53 -16.23
N SER F 12 30.85 -34.98 -16.76
CA SER F 12 31.91 -34.10 -17.22
C SER F 12 31.58 -33.62 -18.64
N ALA F 13 32.20 -32.52 -19.06
CA ALA F 13 31.93 -32.01 -20.40
C ALA F 13 32.94 -30.94 -20.77
N ALA F 14 33.23 -30.86 -22.08
CA ALA F 14 34.22 -29.84 -22.31
C ALA F 14 33.57 -28.66 -23.04
N PRO F 15 33.93 -27.43 -22.65
CA PRO F 15 33.18 -26.25 -23.08
C PRO F 15 33.13 -26.09 -24.58
N GLY F 16 31.91 -25.95 -25.10
CA GLY F 16 31.61 -26.06 -26.49
C GLY F 16 30.61 -27.15 -26.79
N ASP F 17 30.55 -28.20 -25.96
CA ASP F 17 29.55 -29.27 -26.09
C ASP F 17 28.14 -28.73 -25.87
N LYS F 18 27.17 -29.29 -26.58
CA LYS F 18 25.79 -29.20 -26.14
C LYS F 18 25.62 -30.20 -25.01
N VAL F 19 24.86 -29.84 -23.99
CA VAL F 19 24.78 -30.67 -22.80
C VAL F 19 23.31 -30.75 -22.42
N THR F 20 22.83 -31.95 -22.10
CA THR F 20 21.43 -32.11 -21.73
C THR F 20 21.34 -32.97 -20.49
N MET F 21 20.62 -32.48 -19.49
CA MET F 21 20.30 -33.28 -18.32
C MET F 21 18.79 -33.51 -18.31
N THR F 22 18.37 -34.52 -17.54
CA THR F 22 16.99 -35.01 -17.59
C THR F 22 16.39 -35.08 -16.19
N CYS F 23 15.13 -34.65 -16.10
CA CYS F 23 14.34 -34.76 -14.88
C CYS F 23 13.15 -35.64 -15.25
N SER F 24 13.02 -36.80 -14.58
CA SER F 24 11.90 -37.71 -14.79
C SER F 24 11.06 -37.82 -13.53
N ALA F 25 9.74 -37.84 -13.70
CA ALA F 25 8.79 -37.87 -12.60
C ALA F 25 8.07 -39.22 -12.51
N SER F 26 7.71 -39.60 -11.28
CA SER F 26 7.00 -40.86 -11.02
C SER F 26 5.61 -40.84 -11.66
N SER F 27 5.00 -39.66 -11.69
CA SER F 27 3.72 -39.43 -12.33
C SER F 27 3.78 -38.03 -12.94
N SER F 28 2.74 -37.69 -13.68
CA SER F 28 2.80 -36.53 -14.56
C SER F 28 2.98 -35.22 -13.76
N VAL F 29 3.92 -34.37 -14.22
CA VAL F 29 4.12 -33.02 -13.69
C VAL F 29 4.15 -32.04 -14.86
N SER F 30 3.94 -30.77 -14.55
CA SER F 30 3.95 -29.72 -15.58
C SER F 30 4.53 -28.43 -15.01
N TYR F 31 5.19 -27.66 -15.89
CA TYR F 31 5.80 -26.36 -15.55
C TYR F 31 6.81 -26.46 -14.40
N ILE F 32 7.88 -27.26 -14.61
CA ILE F 32 8.84 -27.50 -13.54
C ILE F 32 9.89 -26.41 -13.55
N HIS F 33 10.62 -26.30 -12.44
CA HIS F 33 11.65 -25.28 -12.32
C HIS F 33 13.03 -25.92 -12.19
N TRP F 34 14.07 -25.11 -12.35
CA TRP F 34 15.44 -25.58 -12.26
C TRP F 34 16.24 -24.57 -11.48
N TYR F 35 17.01 -25.04 -10.51
CA TYR F 35 17.85 -24.18 -9.70
C TYR F 35 19.31 -24.51 -9.94
N GLN F 36 20.16 -23.49 -10.14
CA GLN F 36 21.60 -23.69 -10.24
C GLN F 36 22.21 -23.47 -8.85
N GLN F 37 23.01 -24.43 -8.36
CA GLN F 37 23.78 -24.26 -7.14
C GLN F 37 25.28 -24.38 -7.42
N LYS F 38 26.01 -23.27 -7.36
CA LYS F 38 27.46 -23.33 -7.46
C LYS F 38 28.06 -23.52 -6.07
N SER F 39 29.33 -23.93 -6.04
CA SER F 39 29.87 -24.51 -4.83
C SER F 39 29.95 -23.47 -3.70
N GLY F 40 29.45 -23.85 -2.53
CA GLY F 40 29.41 -22.91 -1.41
C GLY F 40 28.52 -21.72 -1.66
N THR F 41 27.45 -21.93 -2.42
CA THR F 41 26.44 -20.95 -2.76
C THR F 41 25.05 -21.50 -2.41
N SER F 42 24.06 -20.62 -2.40
CA SER F 42 22.68 -21.05 -2.27
C SER F 42 22.07 -21.22 -3.65
N PRO F 43 21.02 -22.04 -3.76
CA PRO F 43 20.42 -22.25 -5.07
C PRO F 43 19.93 -20.92 -5.63
N LYS F 44 19.91 -20.86 -6.95
CA LYS F 44 19.60 -19.66 -7.71
C LYS F 44 18.57 -20.04 -8.75
N ARG F 45 17.39 -19.47 -8.66
CA ARG F 45 16.36 -19.82 -9.63
C ARG F 45 16.92 -19.61 -11.02
N TRP F 46 16.94 -20.67 -11.83
CA TRP F 46 17.59 -20.64 -13.13
C TRP F 46 16.55 -20.66 -14.25
N ILE F 47 15.89 -21.78 -14.44
CA ILE F 47 14.79 -21.86 -15.39
C ILE F 47 13.52 -22.05 -14.58
N TYR F 48 12.40 -21.55 -15.09
CA TYR F 48 11.13 -21.65 -14.38
C TYR F 48 10.03 -21.78 -15.41
N ASP F 49 8.91 -22.37 -15.00
CA ASP F 49 7.83 -22.78 -15.89
C ASP F 49 8.41 -23.53 -17.11
N THR F 50 9.17 -24.57 -16.79
CA THR F 50 9.65 -25.57 -17.74
C THR F 50 10.68 -25.07 -18.75
N SER F 51 10.46 -23.87 -19.30
CA SER F 51 11.40 -23.33 -20.28
C SER F 51 11.64 -21.81 -20.20
N LYS F 52 11.09 -21.10 -19.23
CA LYS F 52 11.38 -19.67 -19.13
C LYS F 52 12.66 -19.44 -18.33
N LEU F 53 13.45 -18.43 -18.72
CA LEU F 53 14.69 -18.10 -18.02
C LEU F 53 14.51 -16.99 -16.97
N THR F 54 15.06 -17.22 -15.77
CA THR F 54 15.17 -16.13 -14.81
C THR F 54 16.00 -15.03 -15.43
N SER F 55 15.64 -13.78 -15.13
CA SER F 55 16.36 -12.67 -15.75
C SER F 55 17.85 -12.80 -15.45
N GLY F 56 18.67 -12.55 -16.46
CA GLY F 56 20.09 -12.60 -16.29
C GLY F 56 20.74 -13.95 -16.54
N VAL F 57 19.95 -14.99 -16.84
CA VAL F 57 20.51 -16.29 -17.19
C VAL F 57 20.82 -16.29 -18.68
N PRO F 58 22.07 -16.57 -19.07
CA PRO F 58 22.44 -16.44 -20.49
C PRO F 58 21.61 -17.34 -21.37
N VAL F 59 21.50 -16.95 -22.64
CA VAL F 59 20.54 -17.60 -23.51
C VAL F 59 21.06 -18.96 -23.97
N ARG F 60 22.29 -19.32 -23.58
CA ARG F 60 22.77 -20.65 -23.93
C ARG F 60 21.97 -21.71 -23.18
N PHE F 61 21.38 -21.36 -22.03
CA PHE F 61 20.53 -22.28 -21.30
C PHE F 61 19.12 -22.37 -21.92
N SER F 62 18.54 -23.57 -21.87
CA SER F 62 17.15 -23.72 -22.29
C SER F 62 16.52 -24.84 -21.50
N GLY F 63 15.21 -24.70 -21.28
CA GLY F 63 14.39 -25.68 -20.59
C GLY F 63 13.38 -26.28 -21.55
N SER F 64 12.89 -27.47 -21.25
CA SER F 64 11.96 -28.17 -22.14
C SER F 64 11.47 -29.43 -21.44
N GLY F 65 10.55 -30.12 -22.10
CA GLY F 65 9.97 -31.34 -21.59
C GLY F 65 8.47 -31.22 -21.42
N SER F 66 7.86 -32.32 -20.98
CA SER F 66 6.42 -32.44 -20.72
C SER F 66 6.14 -33.83 -20.16
N GLY F 67 4.91 -34.00 -19.70
CA GLY F 67 4.47 -35.27 -19.18
C GLY F 67 5.27 -35.70 -17.98
N THR F 68 6.12 -36.71 -18.15
CA THR F 68 7.00 -37.12 -17.07
C THR F 68 8.48 -36.95 -17.41
N SER F 69 8.84 -36.35 -18.56
CA SER F 69 10.24 -36.17 -18.91
C SER F 69 10.56 -34.71 -19.21
N TYR F 70 11.53 -34.14 -18.48
CA TYR F 70 11.98 -32.77 -18.69
C TYR F 70 13.49 -32.72 -18.85
N SER F 71 13.95 -31.73 -19.61
CA SER F 71 15.37 -31.57 -19.83
C SER F 71 15.76 -30.12 -19.60
N LEU F 72 17.05 -29.96 -19.31
CA LEU F 72 17.72 -28.68 -19.21
C LEU F 72 18.91 -28.79 -20.15
N THR F 73 19.15 -27.76 -20.95
CA THR F 73 20.06 -27.91 -22.07
C THR F 73 20.90 -26.65 -22.24
N ILE F 74 22.19 -26.82 -22.11
CA ILE F 74 23.18 -25.80 -22.35
C ILE F 74 23.67 -25.98 -23.77
N ASN F 75 23.22 -25.15 -24.71
CA ASN F 75 23.76 -25.25 -26.07
C ASN F 75 25.07 -24.48 -26.11
N THR F 76 26.15 -25.26 -26.24
CA THR F 76 27.54 -24.96 -25.91
C THR F 76 27.64 -24.48 -24.47
N MET F 77 28.03 -25.42 -23.60
CA MET F 77 28.40 -25.17 -22.22
C MET F 77 29.61 -24.25 -22.14
N GLU F 78 29.71 -23.51 -21.03
CA GLU F 78 30.86 -22.67 -20.73
C GLU F 78 31.42 -23.11 -19.40
N ALA F 79 32.72 -22.85 -19.19
CA ALA F 79 33.38 -23.35 -17.99
C ALA F 79 32.73 -22.85 -16.69
N GLU F 80 32.14 -21.65 -16.73
CA GLU F 80 31.43 -21.09 -15.57
C GLU F 80 30.09 -21.78 -15.30
N ASP F 81 29.69 -22.76 -16.12
CA ASP F 81 28.45 -23.48 -15.87
C ASP F 81 28.60 -24.63 -14.90
N ALA F 82 29.82 -24.91 -14.47
CA ALA F 82 30.03 -25.94 -13.47
C ALA F 82 29.18 -25.63 -12.24
N ALA F 83 28.15 -26.41 -12.01
CA ALA F 83 27.40 -26.37 -10.76
C ALA F 83 26.68 -27.70 -10.62
N THR F 84 26.04 -27.90 -9.47
CA THR F 84 24.98 -28.91 -9.31
C THR F 84 23.63 -28.25 -9.62
N TYR F 85 22.87 -28.84 -10.51
CA TYR F 85 21.58 -28.32 -10.93
C TYR F 85 20.46 -29.18 -10.37
N TYR F 86 19.51 -28.58 -9.69
CA TYR F 86 18.33 -29.29 -9.19
C TYR F 86 17.08 -28.94 -9.99
N CYS F 87 16.14 -29.87 -10.05
CA CYS F 87 14.82 -29.57 -10.58
C CYS F 87 13.78 -29.55 -9.46
N GLN F 88 12.62 -28.99 -9.79
CA GLN F 88 11.58 -28.82 -8.80
C GLN F 88 10.25 -28.67 -9.53
N GLN F 89 9.26 -29.40 -9.04
CA GLN F 89 7.89 -29.28 -9.51
C GLN F 89 7.03 -28.81 -8.34
N TRP F 90 6.00 -28.02 -8.68
CA TRP F 90 4.92 -27.72 -7.73
C TRP F 90 3.56 -27.78 -8.41
N SER F 91 3.45 -28.57 -9.49
CA SER F 91 2.16 -28.85 -10.11
C SER F 91 1.35 -29.86 -9.32
N SER F 92 1.97 -30.51 -8.31
CA SER F 92 1.25 -31.33 -7.34
C SER F 92 1.76 -30.92 -5.97
N HIS F 93 0.97 -31.22 -4.93
CA HIS F 93 1.43 -30.78 -3.62
C HIS F 93 1.69 -31.98 -2.69
N PRO F 94 2.73 -31.97 -1.82
CA PRO F 94 3.76 -30.93 -1.78
C PRO F 94 4.65 -31.12 -2.96
N GLN F 95 5.42 -30.09 -3.16
CA GLN F 95 6.46 -30.01 -4.17
C GLN F 95 7.70 -30.74 -3.74
N THR F 96 8.50 -31.08 -4.74
CA THR F 96 9.62 -31.97 -4.52
C THR F 96 10.73 -31.60 -5.49
N PHE F 97 11.94 -32.03 -5.17
CA PHE F 97 13.10 -31.70 -5.96
C PHE F 97 13.70 -32.96 -6.58
N GLY F 98 14.43 -32.77 -7.67
CA GLY F 98 15.41 -33.75 -8.05
C GLY F 98 16.50 -33.90 -6.99
N GLY F 99 17.37 -34.88 -7.24
CA GLY F 99 18.58 -35.05 -6.45
C GLY F 99 19.78 -34.40 -7.09
N GLY F 100 19.59 -33.75 -8.24
CA GLY F 100 20.68 -32.96 -8.76
C GLY F 100 21.48 -33.68 -9.83
N THR F 101 21.85 -32.93 -10.85
CA THR F 101 22.90 -33.30 -11.78
C THR F 101 24.10 -32.43 -11.47
N LYS F 102 25.23 -33.06 -11.16
CA LYS F 102 26.47 -32.35 -10.92
C LYS F 102 27.17 -32.22 -12.26
N LEU F 103 27.55 -31.00 -12.64
CA LEU F 103 28.21 -30.78 -13.94
C LEU F 103 29.66 -30.44 -13.66
N GLU F 104 30.57 -31.10 -14.37
CA GLU F 104 32.00 -30.90 -14.20
C GLU F 104 32.63 -30.52 -15.52
N ILE F 105 33.68 -29.76 -15.47
CA ILE F 105 34.29 -29.27 -16.70
C ILE F 105 35.50 -30.11 -17.05
N LEU F 106 35.75 -30.23 -18.34
CA LEU F 106 36.98 -30.81 -18.83
C LEU F 106 37.81 -29.69 -19.47
N ARG F 107 39.06 -29.53 -19.01
CA ARG F 107 39.92 -28.48 -19.54
C ARG F 107 41.32 -29.02 -19.77
N ALA F 108 42.16 -28.22 -20.44
CA ALA F 108 43.56 -28.57 -20.62
C ALA F 108 44.25 -28.95 -19.31
N ASP F 109 45.40 -29.61 -19.36
CA ASP F 109 46.08 -30.02 -18.13
C ASP F 109 46.60 -28.79 -17.41
N ALA F 110 46.91 -28.94 -16.13
CA ALA F 110 47.40 -27.82 -15.36
C ALA F 110 48.06 -28.36 -14.09
N ALA F 111 49.27 -27.85 -13.74
CA ALA F 111 50.20 -28.48 -12.80
C ALA F 111 50.18 -27.86 -11.40
N PRO F 112 50.38 -28.68 -10.37
CA PRO F 112 50.24 -28.18 -9.00
C PRO F 112 51.35 -27.21 -8.65
N THR F 113 50.96 -26.07 -8.07
CA THR F 113 51.88 -25.16 -7.43
C THR F 113 51.92 -25.49 -5.95
N VAL F 114 53.01 -26.13 -5.50
CA VAL F 114 53.07 -26.72 -4.15
C VAL F 114 53.75 -25.78 -3.19
N SER F 115 53.15 -25.62 -2.00
CA SER F 115 53.71 -24.86 -0.90
C SER F 115 53.74 -25.75 0.35
N ILE F 116 54.76 -25.53 1.19
CA ILE F 116 54.89 -26.23 2.47
C ILE F 116 55.23 -25.22 3.56
N PHE F 117 54.60 -25.41 4.73
CA PHE F 117 54.65 -24.47 5.83
C PHE F 117 54.98 -25.22 7.11
N PRO F 118 55.93 -24.75 7.89
CA PRO F 118 56.27 -25.41 9.16
C PRO F 118 55.36 -24.92 10.25
N PRO F 119 54.99 -25.81 11.22
CA PRO F 119 54.14 -25.39 12.35
C PRO F 119 54.46 -24.00 12.87
N SER F 120 53.44 -23.19 13.09
CA SER F 120 53.72 -21.85 13.60
C SER F 120 54.18 -21.93 15.05
N SER F 121 54.84 -20.87 15.49
CA SER F 121 55.30 -20.80 16.88
C SER F 121 54.14 -20.78 17.85
N GLU F 122 53.05 -20.06 17.51
CA GLU F 122 51.88 -20.02 18.38
C GLU F 122 51.38 -21.42 18.70
N GLN F 123 51.47 -22.34 17.73
CA GLN F 123 50.92 -23.69 17.87
C GLN F 123 51.85 -24.61 18.65
N LEU F 124 53.16 -24.39 18.56
CA LEU F 124 54.09 -25.19 19.33
C LEU F 124 53.87 -24.99 20.82
N THR F 125 53.47 -23.77 21.22
CA THR F 125 53.23 -23.49 22.63
C THR F 125 52.06 -24.29 23.18
N SER F 126 51.18 -24.81 22.32
CA SER F 126 50.04 -25.60 22.73
C SER F 126 50.31 -27.10 22.76
N GLY F 127 51.47 -27.56 22.32
CA GLY F 127 51.81 -28.97 22.43
C GLY F 127 51.49 -29.81 21.22
N GLY F 128 51.45 -29.19 20.04
CA GLY F 128 51.23 -29.93 18.81
C GLY F 128 52.04 -29.33 17.69
N ALA F 129 52.07 -30.04 16.57
CA ALA F 129 52.71 -29.55 15.36
C ALA F 129 51.98 -30.12 14.16
N SER F 130 51.44 -29.22 13.35
CA SER F 130 50.73 -29.56 12.13
C SER F 130 51.55 -28.98 10.99
N VAL F 131 52.04 -29.87 10.11
CA VAL F 131 52.79 -29.48 8.92
C VAL F 131 51.86 -29.48 7.72
N VAL F 132 51.80 -28.34 7.04
CA VAL F 132 50.77 -28.04 6.04
C VAL F 132 51.43 -27.89 4.66
N CYS F 133 50.92 -28.65 3.70
CA CYS F 133 51.42 -28.64 2.34
C CYS F 133 50.23 -28.41 1.42
N PHE F 134 50.23 -27.27 0.72
CA PHE F 134 49.19 -26.84 -0.22
C PHE F 134 49.52 -27.28 -1.65
N LEU F 135 48.52 -27.77 -2.38
CA LEU F 135 48.71 -28.16 -3.79
C LEU F 135 47.66 -27.51 -4.68
N ASN F 136 48.04 -26.41 -5.34
CA ASN F 136 47.10 -25.40 -5.81
C ASN F 136 47.04 -25.31 -7.34
N ASN F 137 45.83 -25.44 -7.87
CA ASN F 137 45.48 -25.08 -9.24
C ASN F 137 45.92 -26.11 -10.26
N PHE F 138 45.70 -27.38 -9.95
CA PHE F 138 46.00 -28.47 -10.87
C PHE F 138 44.74 -28.98 -11.56
N TYR F 139 44.97 -29.84 -12.55
CA TYR F 139 44.01 -30.56 -13.38
C TYR F 139 44.71 -31.68 -14.16
N PRO F 140 44.20 -32.91 -14.13
CA PRO F 140 42.98 -33.45 -13.50
C PRO F 140 43.05 -33.53 -12.01
N LYS F 141 41.93 -34.02 -11.45
CA LYS F 141 41.75 -34.00 -10.00
C LYS F 141 42.70 -34.98 -9.33
N ASP F 142 43.10 -36.04 -10.03
CA ASP F 142 43.86 -37.11 -9.42
C ASP F 142 45.25 -36.62 -9.00
N ILE F 143 45.65 -36.96 -7.77
CA ILE F 143 46.96 -36.54 -7.29
C ILE F 143 47.30 -37.40 -6.07
N ASN F 144 48.58 -37.69 -5.87
CA ASN F 144 49.06 -38.37 -4.68
C ASN F 144 50.10 -37.50 -4.00
N VAL F 145 50.00 -37.42 -2.68
CA VAL F 145 50.93 -36.67 -1.87
C VAL F 145 51.61 -37.65 -0.91
N LYS F 146 52.93 -37.47 -0.76
CA LYS F 146 53.79 -38.46 -0.12
C LYS F 146 54.63 -37.73 0.90
N TRP F 147 54.42 -38.01 2.19
CA TRP F 147 55.07 -37.30 3.30
C TRP F 147 56.31 -38.03 3.75
N LYS F 148 57.47 -37.36 3.70
CA LYS F 148 58.75 -37.92 4.11
C LYS F 148 59.34 -37.15 5.29
N ILE F 149 59.40 -37.82 6.44
CA ILE F 149 59.99 -37.27 7.66
C ILE F 149 61.45 -37.73 7.70
N ASP F 150 62.38 -36.78 7.71
CA ASP F 150 63.81 -37.11 7.75
C ASP F 150 64.19 -38.10 6.65
N GLY F 151 63.47 -38.09 5.54
CA GLY F 151 63.68 -39.04 4.46
C GLY F 151 62.89 -40.34 4.57
N SER F 152 62.39 -40.69 5.76
CA SER F 152 61.51 -41.84 5.93
C SER F 152 60.16 -41.57 5.26
N GLU F 153 59.16 -42.43 5.48
CA GLU F 153 57.81 -42.16 5.00
C GLU F 153 56.79 -42.28 6.12
N ARG F 154 56.01 -41.23 6.29
CA ARG F 154 54.95 -41.20 7.28
C ARG F 154 53.64 -41.54 6.59
N GLN F 155 52.83 -42.38 7.24
CA GLN F 155 51.47 -42.67 6.82
C GLN F 155 50.44 -42.48 7.91
N ASN F 156 50.86 -42.24 9.16
CA ASN F 156 49.95 -41.97 10.28
C ASN F 156 49.86 -40.46 10.53
N GLY F 157 48.65 -39.95 10.71
CA GLY F 157 48.45 -38.56 11.03
C GLY F 157 48.47 -37.61 9.86
N VAL F 158 48.17 -38.09 8.65
CA VAL F 158 48.12 -37.28 7.44
C VAL F 158 46.67 -37.17 7.02
N LEU F 159 46.23 -35.94 6.74
CA LEU F 159 44.85 -35.64 6.38
C LEU F 159 44.82 -34.79 5.12
N ASN F 160 44.16 -35.28 4.08
CA ASN F 160 43.97 -34.54 2.85
C ASN F 160 42.59 -33.89 2.81
N SER F 161 42.47 -32.89 1.92
CA SER F 161 41.21 -32.22 1.61
C SER F 161 41.30 -31.58 0.23
N TRP F 162 40.31 -31.87 -0.62
CA TRP F 162 40.22 -31.31 -1.96
C TRP F 162 39.14 -30.23 -2.02
N THR F 163 39.35 -29.24 -2.89
CA THR F 163 38.30 -28.28 -3.21
C THR F 163 37.53 -28.71 -4.45
N ASP F 164 36.34 -28.14 -4.61
CA ASP F 164 35.54 -28.31 -5.81
C ASP F 164 36.23 -27.71 -7.02
N GLN F 165 35.72 -28.08 -8.18
CA GLN F 165 36.15 -27.41 -9.40
C GLN F 165 35.90 -25.90 -9.30
N ASP F 166 36.95 -25.12 -9.53
CA ASP F 166 36.82 -23.66 -9.52
C ASP F 166 35.92 -23.17 -10.65
N SER F 167 35.08 -22.16 -10.36
CA SER F 167 34.00 -21.77 -11.29
C SER F 167 34.49 -20.99 -12.50
N LYS F 168 35.76 -20.57 -12.52
CA LYS F 168 36.28 -19.74 -13.61
C LYS F 168 37.46 -20.37 -14.34
N ASP F 169 38.39 -21.02 -13.63
CA ASP F 169 39.52 -21.70 -14.28
C ASP F 169 39.41 -23.22 -14.30
N SER F 170 38.39 -23.79 -13.64
CA SER F 170 38.13 -25.23 -13.67
C SER F 170 39.29 -26.07 -13.12
N THR F 171 40.13 -25.51 -12.24
CA THR F 171 41.22 -26.26 -11.63
C THR F 171 40.77 -26.86 -10.30
N TYR F 172 41.67 -27.60 -9.68
CA TYR F 172 41.48 -28.16 -8.36
C TYR F 172 42.55 -27.66 -7.43
N SER F 173 42.37 -27.93 -6.14
CA SER F 173 43.40 -27.64 -5.15
C SER F 173 43.22 -28.62 -4.00
N MET F 174 44.27 -28.77 -3.22
CA MET F 174 44.29 -29.84 -2.24
C MET F 174 45.22 -29.43 -1.12
N SER F 175 44.83 -29.72 0.11
CA SER F 175 45.71 -29.52 1.27
C SER F 175 45.96 -30.87 1.90
N SER F 176 47.22 -31.08 2.34
CA SER F 176 47.61 -32.28 3.07
C SER F 176 48.31 -31.83 4.34
N THR F 177 47.91 -32.40 5.47
CA THR F 177 48.27 -31.86 6.77
C THR F 177 48.71 -32.98 7.72
N LEU F 178 50.02 -33.03 7.97
CA LEU F 178 50.63 -33.96 8.92
C LEU F 178 50.64 -33.37 10.33
N THR F 179 50.10 -34.12 11.30
CA THR F 179 49.89 -33.63 12.66
C THR F 179 50.65 -34.51 13.65
N LEU F 180 51.43 -33.86 14.53
CA LEU F 180 52.23 -34.55 15.54
C LEU F 180 52.23 -33.73 16.80
N THR F 181 52.60 -34.38 17.91
CA THR F 181 52.87 -33.66 19.14
C THR F 181 54.16 -32.85 19.03
N LYS F 182 54.28 -31.83 19.89
CA LYS F 182 55.47 -30.96 19.81
C LYS F 182 56.74 -31.76 20.07
N ASP F 183 56.62 -32.88 20.78
CA ASP F 183 57.76 -33.76 20.98
C ASP F 183 58.08 -34.54 19.71
N GLU F 184 57.09 -35.26 19.16
CA GLU F 184 57.33 -36.04 17.95
C GLU F 184 57.78 -35.17 16.78
N TYR F 185 57.50 -33.87 16.83
CA TYR F 185 57.98 -32.99 15.75
C TYR F 185 59.46 -32.70 15.88
N GLU F 186 59.94 -32.54 17.11
CA GLU F 186 61.30 -32.06 17.33
C GLU F 186 62.32 -33.19 17.38
N ARG F 187 61.88 -34.43 17.62
CA ARG F 187 62.75 -35.59 17.46
C ARG F 187 62.95 -35.94 15.99
N HIS F 188 62.88 -34.95 15.10
CA HIS F 188 63.14 -35.10 13.67
C HIS F 188 63.54 -33.71 13.17
N ASN F 189 64.07 -33.65 11.96
CA ASN F 189 64.54 -32.32 11.53
C ASN F 189 64.08 -31.90 10.14
N SER F 190 64.16 -32.79 9.15
CA SER F 190 63.82 -32.48 7.78
C SER F 190 62.48 -33.10 7.42
N TYR F 191 61.50 -32.24 7.09
CA TYR F 191 60.19 -32.66 6.63
C TYR F 191 60.06 -32.36 5.15
N THR F 192 59.37 -33.24 4.43
CA THR F 192 59.14 -33.01 3.01
C THR F 192 57.87 -33.73 2.58
N CYS F 193 57.05 -33.04 1.76
CA CYS F 193 55.91 -33.63 1.07
C CYS F 193 56.22 -33.71 -0.43
N GLU F 194 55.85 -34.83 -1.05
CA GLU F 194 56.06 -35.03 -2.48
C GLU F 194 54.71 -35.13 -3.18
N ALA F 195 54.58 -34.36 -4.25
CA ALA F 195 53.34 -34.28 -5.02
C ALA F 195 53.54 -34.96 -6.37
N THR F 196 52.66 -35.88 -6.74
CA THR F 196 52.78 -36.55 -8.02
C THR F 196 51.50 -36.38 -8.83
N HIS F 197 51.64 -35.80 -10.02
CA HIS F 197 50.50 -35.46 -10.88
C HIS F 197 50.88 -35.69 -12.35
N LYS F 198 49.93 -36.20 -13.13
CA LYS F 198 50.14 -36.50 -14.56
C LYS F 198 50.78 -35.40 -15.39
N THR F 199 50.96 -34.20 -14.83
CA THR F 199 51.55 -33.09 -15.55
C THR F 199 53.08 -33.14 -15.53
N SER F 200 53.62 -34.16 -14.88
CA SER F 200 55.05 -34.41 -14.73
C SER F 200 55.24 -35.88 -14.41
N THR F 201 56.38 -36.43 -14.85
CA THR F 201 56.70 -37.80 -14.47
C THR F 201 57.45 -37.84 -13.13
N SER F 202 58.33 -36.86 -12.89
CA SER F 202 59.09 -36.75 -11.64
C SER F 202 58.29 -35.98 -10.60
N PRO F 203 58.18 -36.48 -9.36
CA PRO F 203 57.40 -35.77 -8.34
C PRO F 203 57.90 -34.35 -8.09
N ILE F 204 56.94 -33.46 -7.81
CA ILE F 204 57.24 -32.14 -7.27
C ILE F 204 57.39 -32.30 -5.77
N VAL F 205 58.47 -31.77 -5.23
CA VAL F 205 58.84 -32.03 -3.85
C VAL F 205 59.30 -30.72 -3.22
N LYS F 206 58.69 -30.38 -2.10
CA LYS F 206 59.07 -29.20 -1.35
C LYS F 206 59.34 -29.63 0.09
N SER F 207 60.23 -28.92 0.78
CA SER F 207 60.75 -29.38 2.05
C SER F 207 61.42 -28.24 2.83
N PHE F 208 61.55 -28.43 4.14
CA PHE F 208 62.20 -27.47 5.03
C PHE F 208 62.95 -28.21 6.13
N ASN F 209 63.94 -27.53 6.73
CA ASN F 209 64.70 -28.08 7.85
C ASN F 209 64.46 -27.27 9.10
N ARG F 210 64.33 -27.97 10.23
CA ARG F 210 63.80 -27.35 11.43
C ARG F 210 64.72 -26.25 11.97
N ALA F 211 66.03 -26.37 11.76
CA ALA F 211 67.01 -25.37 12.19
C ALA F 211 67.12 -24.20 11.18
#